data_8E5M
#
_entry.id   8E5M
#
_cell.length_a   53.470
_cell.length_b   286.100
_cell.length_c   67.350
_cell.angle_alpha   90.000
_cell.angle_beta   90.320
_cell.angle_gamma   90.000
#
_symmetry.space_group_name_H-M   'P 1 21 1'
#
loop_
_entity.id
_entity.type
_entity.pdbx_description
1 polymer Arginase-1
2 non-polymer 'MANGANESE (II) ION'
3 non-polymer '1-{[(3S,4S)-3-({4-[2-(4-fluorobenzene-1-sulfonyl)ethyl]piperidin-1-yl}methyl)-4-(3-fluorophenyl)pyrrolidin-1-yl]methyl}cyclopentane-1-carboxylic acid'
4 water water
#
_entity_poly.entity_id   1
_entity_poly.type   'polypeptide(L)'
_entity_poly.pdbx_seq_one_letter_code
;MSAKSRTIGIIGAPFSKGQPRGGVEEGPTVLRKAGLLEKLKEQECDVKDYGDLPFADIPNDSPFQIVKNPRSVGKASEQL
AGKVAEVKKNGRISLVLGGDHSLAIGSISGHARVHPDLGVIWVDAHTDINTPLTTTSGNLHGQPVSFLLKELKGKIPDVP
GFSWVTPCISAKDIVYIGLRDVDPGEHYILKTLGIKYFSMTEVDRLGIGKVMEETLSYLLGRKKRPIHLSFDVDGLDPSF
TPATGTPVVGGLTYREGLYITEEIYKTGLLSGLDIMEVNPSLGKTPEEVTRTVNTAVAITLACFGLAREGNHKPIDYLNP
PK
;
_entity_poly.pdbx_strand_id   A,B,C,D,E,F
#
# COMPACT_ATOMS: atom_id res chain seq x y z
N ALA A 3 -40.78 10.35 26.40
CA ALA A 3 -39.98 9.44 25.55
C ALA A 3 -38.50 9.62 25.87
N LYS A 4 -37.70 8.51 25.83
CA LYS A 4 -36.22 8.53 26.11
C LYS A 4 -35.49 9.71 25.43
N SER A 5 -35.72 9.92 24.11
CA SER A 5 -35.02 10.97 23.34
C SER A 5 -35.43 12.40 23.71
N ARG A 6 -36.49 12.54 24.51
CA ARG A 6 -36.99 13.81 24.99
C ARG A 6 -37.01 13.92 26.53
N THR A 7 -36.22 13.08 27.23
CA THR A 7 -36.13 13.02 28.71
C THR A 7 -34.75 13.51 29.06
N ILE A 8 -34.69 14.71 29.67
CA ILE A 8 -33.45 15.47 29.89
C ILE A 8 -33.14 15.80 31.36
N GLY A 9 -31.84 15.90 31.64
CA GLY A 9 -31.30 16.38 32.91
C GLY A 9 -30.35 17.53 32.63
N ILE A 10 -30.77 18.77 32.96
CA ILE A 10 -30.04 20.03 32.77
C ILE A 10 -28.96 20.15 33.82
N ILE A 11 -27.73 20.45 33.37
CA ILE A 11 -26.60 20.72 34.25
C ILE A 11 -25.95 22.03 33.80
N GLY A 12 -26.01 23.01 34.67
CA GLY A 12 -25.30 24.26 34.42
C GLY A 12 -23.83 24.06 34.77
N ALA A 13 -22.92 24.45 33.88
CA ALA A 13 -21.48 24.33 34.19
C ALA A 13 -20.78 25.72 33.99
N PRO A 14 -21.00 26.68 34.93
CA PRO A 14 -20.45 28.04 34.77
C PRO A 14 -18.95 28.14 35.05
N PHE A 15 -18.14 27.59 34.14
CA PHE A 15 -16.68 27.53 34.27
C PHE A 15 -15.96 28.15 33.09
N SER A 16 -14.90 28.93 33.34
CA SER A 16 -14.14 29.64 32.30
C SER A 16 -12.63 29.42 32.27
N LYS A 17 -12.05 28.91 33.34
CA LYS A 17 -10.61 28.74 33.53
C LYS A 17 -9.90 27.72 32.62
N GLY A 18 -10.62 27.12 31.68
CA GLY A 18 -10.03 26.28 30.63
C GLY A 18 -9.59 27.17 29.47
N GLN A 19 -9.84 28.49 29.57
CA GLN A 19 -9.46 29.46 28.54
C GLN A 19 -9.22 30.89 29.14
N PRO A 20 -8.53 31.82 28.43
CA PRO A 20 -8.21 33.11 29.07
C PRO A 20 -9.24 34.23 28.99
N ARG A 21 -10.32 34.07 28.20
CA ARG A 21 -11.33 35.14 28.04
C ARG A 21 -12.54 34.99 28.99
N GLY A 22 -12.66 35.92 29.93
CA GLY A 22 -13.76 35.91 30.90
C GLY A 22 -15.12 36.14 30.28
N GLY A 23 -16.16 35.54 30.87
CA GLY A 23 -17.54 35.71 30.43
C GLY A 23 -18.22 34.44 29.94
N VAL A 24 -17.42 33.43 29.55
CA VAL A 24 -17.96 32.14 29.12
C VAL A 24 -18.63 31.41 30.33
N GLU A 25 -18.25 31.76 31.57
CA GLU A 25 -18.93 31.21 32.76
C GLU A 25 -20.39 31.75 32.81
N GLU A 26 -20.71 32.83 32.03
CA GLU A 26 -22.09 33.37 32.01
C GLU A 26 -23.01 32.69 30.96
N GLY A 27 -22.47 31.73 30.22
CA GLY A 27 -23.18 30.91 29.24
C GLY A 27 -24.41 30.21 29.83
N PRO A 28 -24.33 29.46 30.97
CA PRO A 28 -25.55 28.85 31.54
C PRO A 28 -26.61 29.88 31.92
N THR A 29 -26.18 31.06 32.42
CA THR A 29 -27.08 32.16 32.77
C THR A 29 -27.88 32.69 31.56
N VAL A 30 -27.20 33.01 30.45
CA VAL A 30 -27.91 33.61 29.31
C VAL A 30 -28.76 32.56 28.56
N LEU A 31 -28.29 31.30 28.46
CA LEU A 31 -29.08 30.24 27.84
C LEU A 31 -30.38 30.01 28.62
N ARG A 32 -30.33 30.05 29.99
CA ARG A 32 -31.50 29.94 30.87
C ARG A 32 -32.45 31.14 30.70
N LYS A 33 -31.88 32.38 30.66
CA LYS A 33 -32.61 33.65 30.48
C LYS A 33 -33.40 33.63 29.17
N ALA A 34 -32.82 33.04 28.09
CA ALA A 34 -33.44 32.92 26.77
C ALA A 34 -34.65 31.95 26.76
N GLY A 35 -34.88 31.32 27.91
CA GLY A 35 -35.99 30.41 28.14
C GLY A 35 -35.80 29.02 27.59
N LEU A 36 -34.55 28.51 27.61
CA LEU A 36 -34.22 27.16 27.08
C LEU A 36 -35.07 26.04 27.71
N LEU A 37 -35.21 26.09 29.04
CA LEU A 37 -35.95 25.10 29.81
C LEU A 37 -37.44 25.08 29.51
N GLU A 38 -38.05 26.27 29.40
CA GLU A 38 -39.49 26.42 29.11
C GLU A 38 -39.80 25.98 27.69
N LYS A 39 -38.90 26.31 26.76
CA LYS A 39 -39.02 25.94 25.34
C LYS A 39 -38.96 24.43 25.13
N LEU A 40 -38.05 23.75 25.85
CA LEU A 40 -37.93 22.29 25.83
C LEU A 40 -39.21 21.66 26.36
N LYS A 41 -39.74 22.17 27.49
CA LYS A 41 -41.01 21.70 28.09
C LYS A 41 -42.22 21.89 27.13
N GLU A 42 -42.17 22.96 26.30
CA GLU A 42 -43.19 23.29 25.28
C GLU A 42 -43.06 22.38 24.04
N GLN A 43 -42.01 21.57 23.99
CA GLN A 43 -41.63 20.64 22.92
C GLN A 43 -41.86 19.16 23.37
N GLU A 44 -42.66 18.97 24.44
CA GLU A 44 -43.02 17.69 25.05
C GLU A 44 -41.83 16.97 25.70
N CYS A 45 -40.86 17.75 26.19
CA CYS A 45 -39.71 17.15 26.87
C CYS A 45 -40.02 17.05 28.37
N ASP A 46 -39.50 16.01 29.03
CA ASP A 46 -39.56 15.80 30.47
C ASP A 46 -38.22 16.38 30.94
N VAL A 47 -38.27 17.55 31.55
CA VAL A 47 -37.06 18.26 31.96
C VAL A 47 -36.90 18.28 33.49
N LYS A 48 -35.75 17.81 33.98
CA LYS A 48 -35.30 17.85 35.36
C LYS A 48 -34.03 18.70 35.38
N ASP A 49 -34.00 19.73 36.23
CA ASP A 49 -32.91 20.69 36.34
C ASP A 49 -32.03 20.37 37.55
N TYR A 50 -30.80 19.91 37.28
CA TYR A 50 -29.84 19.55 38.31
C TYR A 50 -29.06 20.78 38.81
N GLY A 51 -29.44 21.93 38.32
CA GLY A 51 -28.91 23.23 38.73
C GLY A 51 -27.54 23.53 38.16
N ASP A 52 -26.96 24.63 38.62
CA ASP A 52 -25.63 25.04 38.16
C ASP A 52 -24.60 24.61 39.20
N LEU A 53 -23.54 23.91 38.74
CA LEU A 53 -22.47 23.40 39.59
C LEU A 53 -21.66 24.53 40.23
N PRO A 54 -21.38 24.42 41.53
CA PRO A 54 -20.56 25.45 42.17
C PRO A 54 -19.09 25.12 41.95
N PHE A 55 -18.33 26.05 41.40
CA PHE A 55 -16.92 25.78 41.20
C PHE A 55 -16.09 26.64 42.14
N ALA A 56 -15.50 26.02 43.15
CA ALA A 56 -14.71 26.70 44.16
C ALA A 56 -13.42 27.25 43.59
N ASP A 57 -13.11 28.53 43.93
CA ASP A 57 -11.91 29.23 43.50
C ASP A 57 -10.71 28.58 44.19
N ILE A 58 -9.84 27.95 43.39
CA ILE A 58 -8.65 27.26 43.87
C ILE A 58 -7.48 28.26 43.94
N PRO A 59 -7.04 28.64 45.16
CA PRO A 59 -5.90 29.58 45.27
C PRO A 59 -4.59 28.90 44.91
N ASN A 60 -3.59 29.71 44.49
CA ASN A 60 -2.26 29.28 44.06
C ASN A 60 -2.32 28.17 43.01
N ASP A 61 -3.29 28.28 42.07
CA ASP A 61 -3.43 27.31 41.00
C ASP A 61 -2.37 27.59 39.91
N SER A 62 -1.14 27.16 40.22
CA SER A 62 0.08 27.33 39.44
C SER A 62 0.06 26.53 38.15
N PRO A 63 0.54 27.10 37.03
CA PRO A 63 0.52 26.35 35.77
C PRO A 63 1.42 25.12 35.77
N PHE A 64 1.06 24.13 34.95
CA PHE A 64 1.86 22.91 34.76
C PHE A 64 2.56 23.22 33.47
N GLN A 65 3.88 23.54 33.53
CA GLN A 65 4.65 23.97 32.35
C GLN A 65 3.90 25.21 31.78
N ILE A 66 3.44 25.22 30.51
CA ILE A 66 2.69 26.39 30.00
C ILE A 66 1.14 26.22 30.19
N VAL A 67 0.69 25.07 30.74
CA VAL A 67 -0.73 24.73 30.93
C VAL A 67 -1.32 25.52 32.12
N LYS A 68 -2.23 26.46 31.81
CA LYS A 68 -2.88 27.35 32.78
C LYS A 68 -4.04 26.70 33.52
N ASN A 69 -4.22 27.10 34.78
CA ASN A 69 -5.28 26.66 35.71
C ASN A 69 -5.49 25.10 35.75
N PRO A 70 -4.45 24.24 35.93
CA PRO A 70 -4.70 22.78 35.89
C PRO A 70 -5.61 22.21 36.95
N ARG A 71 -5.42 22.63 38.22
CA ARG A 71 -6.20 22.10 39.32
C ARG A 71 -7.66 22.54 39.20
N SER A 72 -7.90 23.83 38.83
CA SER A 72 -9.25 24.38 38.62
C SER A 72 -10.00 23.59 37.49
N VAL A 73 -9.33 23.40 36.34
CA VAL A 73 -9.92 22.69 35.17
C VAL A 73 -10.14 21.20 35.48
N GLY A 74 -9.19 20.60 36.20
CA GLY A 74 -9.27 19.21 36.62
C GLY A 74 -10.37 18.97 37.63
N LYS A 75 -10.52 19.87 38.62
CA LYS A 75 -11.57 19.78 39.64
C LYS A 75 -12.98 20.04 39.07
N ALA A 76 -13.11 21.03 38.15
CA ALA A 76 -14.41 21.33 37.55
C ALA A 76 -14.88 20.13 36.75
N SER A 77 -13.96 19.49 36.01
CA SER A 77 -14.30 18.30 35.23
C SER A 77 -14.62 17.11 36.14
N GLU A 78 -13.89 16.98 37.27
CA GLU A 78 -14.14 15.90 38.22
C GLU A 78 -15.57 15.99 38.74
N GLN A 79 -15.99 17.18 39.17
CA GLN A 79 -17.34 17.42 39.71
C GLN A 79 -18.39 17.22 38.60
N LEU A 80 -18.08 17.65 37.37
CA LEU A 80 -19.01 17.51 36.25
C LEU A 80 -19.19 16.04 35.83
N ALA A 81 -18.12 15.24 35.88
CA ALA A 81 -18.18 13.79 35.59
C ALA A 81 -19.13 13.10 36.58
N GLY A 82 -19.03 13.44 37.87
CA GLY A 82 -19.91 12.87 38.89
C GLY A 82 -21.38 13.21 38.66
N LYS A 83 -21.67 14.47 38.31
CA LYS A 83 -23.02 14.95 38.06
C LYS A 83 -23.63 14.32 36.80
N VAL A 84 -22.84 14.19 35.70
CA VAL A 84 -23.32 13.59 34.46
C VAL A 84 -23.69 12.13 34.71
N ALA A 85 -22.84 11.43 35.48
CA ALA A 85 -23.06 10.03 35.84
C ALA A 85 -24.37 9.86 36.63
N GLU A 86 -24.69 10.81 37.53
CA GLU A 86 -25.92 10.83 38.31
C GLU A 86 -27.17 10.98 37.40
N VAL A 87 -27.11 11.93 36.44
CA VAL A 87 -28.19 12.21 35.47
C VAL A 87 -28.40 10.99 34.59
N LYS A 88 -27.27 10.41 34.15
CA LYS A 88 -27.29 9.21 33.32
C LYS A 88 -27.88 8.04 34.07
N LYS A 89 -27.58 7.92 35.38
CA LYS A 89 -28.16 6.86 36.21
C LYS A 89 -29.69 7.00 36.37
N ASN A 90 -30.21 8.23 36.31
CA ASN A 90 -31.65 8.52 36.39
C ASN A 90 -32.40 8.37 35.03
N GLY A 91 -31.72 7.74 34.06
CA GLY A 91 -32.26 7.47 32.73
C GLY A 91 -32.60 8.70 31.90
N ARG A 92 -31.81 9.77 32.06
CA ARG A 92 -32.04 11.01 31.32
C ARG A 92 -30.87 11.34 30.44
N ILE A 93 -31.11 12.19 29.43
CA ILE A 93 -30.06 12.69 28.56
C ILE A 93 -29.44 13.86 29.34
N SER A 94 -28.13 13.79 29.61
CA SER A 94 -27.45 14.89 30.29
C SER A 94 -27.27 16.04 29.28
N LEU A 95 -27.58 17.25 29.71
CA LEU A 95 -27.49 18.45 28.88
C LEU A 95 -26.65 19.43 29.65
N VAL A 96 -25.37 19.51 29.25
CA VAL A 96 -24.41 20.40 29.91
C VAL A 96 -24.38 21.75 29.20
N LEU A 97 -24.68 22.80 29.96
CA LEU A 97 -24.64 24.17 29.49
C LEU A 97 -23.33 24.79 29.96
N GLY A 98 -22.40 24.95 29.03
CA GLY A 98 -21.11 25.54 29.35
C GLY A 98 -21.12 27.06 29.29
N GLY A 99 -20.01 27.71 29.69
CA GLY A 99 -18.80 27.06 30.17
C GLY A 99 -17.89 26.69 29.01
N ASP A 100 -16.57 26.66 29.24
CA ASP A 100 -15.62 26.35 28.17
C ASP A 100 -15.56 24.84 27.89
N HIS A 101 -15.06 24.45 26.70
CA HIS A 101 -14.97 23.07 26.25
C HIS A 101 -14.02 22.14 27.05
N SER A 102 -13.16 22.65 27.98
CA SER A 102 -12.32 21.73 28.78
C SER A 102 -13.22 20.79 29.59
N LEU A 103 -14.47 21.26 29.86
CA LEU A 103 -15.51 20.55 30.62
C LEU A 103 -15.91 19.24 29.97
N ALA A 104 -15.68 19.08 28.65
CA ALA A 104 -16.02 17.82 27.98
C ALA A 104 -15.23 16.62 28.56
N ILE A 105 -14.12 16.87 29.29
CA ILE A 105 -13.34 15.81 29.98
C ILE A 105 -14.33 15.18 30.97
N GLY A 106 -14.88 16.01 31.85
CA GLY A 106 -15.89 15.58 32.82
C GLY A 106 -17.18 15.08 32.20
N SER A 107 -17.72 15.83 31.23
CA SER A 107 -18.98 15.44 30.60
C SER A 107 -18.97 14.01 29.96
N ILE A 108 -17.99 13.73 29.08
CA ILE A 108 -17.80 12.43 28.40
C ILE A 108 -17.39 11.31 29.39
N SER A 109 -16.45 11.59 30.34
CA SER A 109 -15.99 10.58 31.33
C SER A 109 -17.15 10.09 32.18
N GLY A 110 -17.97 11.03 32.64
CA GLY A 110 -19.16 10.77 33.43
C GLY A 110 -20.19 9.97 32.66
N HIS A 111 -20.37 10.31 31.38
CA HIS A 111 -21.30 9.66 30.48
C HIS A 111 -20.88 8.20 30.23
N ALA A 112 -19.58 8.00 29.96
CA ALA A 112 -18.96 6.68 29.74
C ALA A 112 -18.99 5.79 30.97
N ARG A 113 -19.08 6.37 32.19
CA ARG A 113 -19.21 5.55 33.42
C ARG A 113 -20.52 4.72 33.40
N VAL A 114 -21.58 5.27 32.80
CA VAL A 114 -22.89 4.60 32.71
C VAL A 114 -23.02 3.93 31.34
N HIS A 115 -22.46 4.57 30.29
CA HIS A 115 -22.54 4.06 28.92
C HIS A 115 -21.12 3.93 28.28
N PRO A 116 -20.36 2.86 28.59
CA PRO A 116 -19.00 2.73 28.06
C PRO A 116 -18.87 2.53 26.55
N ASP A 117 -19.94 2.08 25.88
CA ASP A 117 -20.01 1.84 24.46
C ASP A 117 -20.42 3.13 23.68
N LEU A 118 -20.41 4.32 24.34
CA LEU A 118 -20.83 5.57 23.68
C LEU A 118 -19.92 5.98 22.47
N GLY A 119 -20.52 6.64 21.49
CA GLY A 119 -19.83 7.18 20.31
C GLY A 119 -19.89 8.69 20.37
N VAL A 120 -18.77 9.38 20.09
CA VAL A 120 -18.75 10.86 20.20
C VAL A 120 -18.81 11.59 18.83
N ILE A 121 -19.69 12.63 18.71
CA ILE A 121 -19.74 13.57 17.59
C ILE A 121 -19.23 14.94 18.16
N TRP A 122 -18.13 15.45 17.62
CA TRP A 122 -17.50 16.69 18.08
C TRP A 122 -17.66 17.76 17.00
N VAL A 123 -18.60 18.73 17.21
CA VAL A 123 -18.88 19.83 16.28
C VAL A 123 -18.05 21.02 16.75
N ASP A 124 -17.08 21.49 15.91
CA ASP A 124 -16.16 22.52 16.35
C ASP A 124 -15.31 22.94 15.19
N ALA A 125 -14.78 24.17 15.25
CA ALA A 125 -13.79 24.66 14.30
C ALA A 125 -12.45 23.98 14.67
N HIS A 126 -12.36 23.49 15.91
CA HIS A 126 -11.13 22.92 16.49
C HIS A 126 -11.19 21.47 16.85
N THR A 127 -10.02 20.77 16.84
CA THR A 127 -9.90 19.36 17.22
C THR A 127 -9.84 19.21 18.72
N ASP A 128 -9.26 20.20 19.42
CA ASP A 128 -9.15 20.22 20.90
C ASP A 128 -8.41 18.96 21.43
N ILE A 129 -7.48 18.47 20.64
CA ILE A 129 -6.77 17.23 20.89
C ILE A 129 -5.31 17.46 21.25
N ASN A 130 -4.95 18.71 21.61
CA ASN A 130 -3.59 18.99 22.05
C ASN A 130 -3.31 18.23 23.33
N THR A 131 -2.04 17.91 23.57
CA THR A 131 -1.68 17.28 24.84
C THR A 131 -1.05 18.41 25.65
N PRO A 132 -0.93 18.28 26.99
CA PRO A 132 -0.18 19.30 27.75
C PRO A 132 1.20 19.63 27.17
N LEU A 133 1.78 18.71 26.38
CA LEU A 133 3.08 18.86 25.77
C LEU A 133 3.04 19.39 24.35
N THR A 134 1.97 19.10 23.58
CA THR A 134 1.84 19.64 22.22
C THR A 134 1.16 21.04 22.20
N THR A 135 0.42 21.42 23.25
CA THR A 135 -0.24 22.74 23.28
C THR A 135 0.71 23.92 23.08
N THR A 136 0.28 24.98 22.38
CA THR A 136 1.09 26.17 22.18
C THR A 136 0.43 27.34 22.88
N SER A 137 -0.93 27.32 22.93
CA SER A 137 -1.71 28.34 23.64
C SER A 137 -1.65 28.09 25.15
N GLY A 138 -1.55 26.80 25.54
CA GLY A 138 -1.54 26.36 26.94
C GLY A 138 -2.90 26.36 27.60
N ASN A 139 -3.97 26.55 26.81
CA ASN A 139 -5.35 26.63 27.32
C ASN A 139 -5.99 25.26 27.27
N LEU A 140 -6.49 24.78 28.41
CA LEU A 140 -7.02 23.43 28.55
C LEU A 140 -8.31 23.16 27.76
N HIS A 141 -9.07 24.22 27.31
CA HIS A 141 -10.24 24.00 26.47
C HIS A 141 -9.82 23.49 25.06
N GLY A 142 -8.52 23.47 24.79
CA GLY A 142 -7.94 22.96 23.54
C GLY A 142 -7.24 21.61 23.66
N GLN A 143 -7.44 20.92 24.78
CA GLN A 143 -6.86 19.62 25.08
C GLN A 143 -7.85 18.53 25.58
N PRO A 144 -9.19 18.76 25.72
CA PRO A 144 -10.02 17.69 26.31
C PRO A 144 -10.01 16.34 25.59
N VAL A 145 -9.86 16.34 24.28
CA VAL A 145 -9.89 15.07 23.55
C VAL A 145 -8.66 14.17 23.90
N SER A 146 -7.49 14.78 24.16
CA SER A 146 -6.28 14.01 24.48
C SER A 146 -6.39 13.25 25.82
N PHE A 147 -7.05 13.85 26.83
CA PHE A 147 -7.26 13.27 28.16
C PHE A 147 -8.21 12.08 28.11
N LEU A 148 -9.13 12.08 27.13
CA LEU A 148 -10.17 11.08 26.92
C LEU A 148 -9.77 9.84 26.07
N LEU A 149 -8.84 10.01 25.12
CA LEU A 149 -8.39 8.95 24.22
C LEU A 149 -7.49 7.87 24.83
N LYS A 150 -7.90 6.59 24.67
CA LYS A 150 -7.19 5.40 25.11
C LYS A 150 -5.87 5.24 24.36
N GLU A 151 -5.81 5.67 23.09
CA GLU A 151 -4.57 5.59 22.29
C GLU A 151 -3.49 6.57 22.76
N LEU A 152 -3.85 7.59 23.56
CA LEU A 152 -2.89 8.57 24.05
C LEU A 152 -2.49 8.33 25.51
N LYS A 153 -2.91 7.17 26.08
CA LYS A 153 -2.51 6.75 27.42
C LYS A 153 -0.99 6.48 27.33
N GLY A 154 -0.23 7.02 28.28
CA GLY A 154 1.23 6.94 28.24
C GLY A 154 1.86 8.12 27.51
N LYS A 155 1.03 8.93 26.81
CA LYS A 155 1.46 10.12 26.07
C LYS A 155 1.00 11.43 26.74
N ILE A 156 0.24 11.32 27.84
CA ILE A 156 -0.26 12.48 28.59
C ILE A 156 0.52 12.51 29.92
N PRO A 157 1.21 13.62 30.28
CA PRO A 157 1.92 13.65 31.56
C PRO A 157 0.98 13.72 32.75
N ASP A 158 1.50 13.45 33.94
CA ASP A 158 0.75 13.54 35.20
C ASP A 158 0.57 15.03 35.49
N VAL A 159 -0.61 15.56 35.13
CA VAL A 159 -0.97 16.98 35.31
C VAL A 159 -1.77 17.11 36.62
N PRO A 160 -1.43 18.07 37.54
CA PRO A 160 -2.22 18.21 38.77
C PRO A 160 -3.69 18.47 38.50
N GLY A 161 -4.54 17.75 39.25
CA GLY A 161 -5.98 17.80 39.15
C GLY A 161 -6.59 16.79 38.20
N PHE A 162 -5.77 16.02 37.46
CA PHE A 162 -6.30 15.09 36.45
C PHE A 162 -6.11 13.60 36.76
N SER A 163 -5.64 13.28 38.00
CA SER A 163 -5.36 11.92 38.48
C SER A 163 -6.57 10.98 38.40
N TRP A 164 -7.78 11.54 38.58
CA TRP A 164 -9.07 10.85 38.54
C TRP A 164 -9.42 10.38 37.11
N VAL A 165 -8.83 11.02 36.08
CA VAL A 165 -9.09 10.74 34.66
C VAL A 165 -8.62 9.36 34.26
N THR A 166 -9.52 8.61 33.62
CA THR A 166 -9.28 7.31 33.00
C THR A 166 -9.70 7.48 31.54
N PRO A 167 -8.78 7.32 30.53
CA PRO A 167 -9.20 7.44 29.12
C PRO A 167 -10.37 6.47 28.83
N CYS A 168 -11.46 7.00 28.29
CA CYS A 168 -12.69 6.22 28.11
C CYS A 168 -13.15 6.06 26.65
N ILE A 169 -12.47 6.69 25.68
CA ILE A 169 -12.87 6.57 24.27
C ILE A 169 -11.69 6.18 23.37
N SER A 170 -11.96 5.33 22.38
CA SER A 170 -10.94 4.91 21.43
C SER A 170 -10.96 5.92 20.29
N ALA A 171 -9.89 5.99 19.50
CA ALA A 171 -9.78 6.87 18.35
C ALA A 171 -10.86 6.59 17.32
N LYS A 172 -11.34 5.32 17.26
CA LYS A 172 -12.37 4.90 16.31
C LYS A 172 -13.76 5.29 16.73
N ASP A 173 -13.94 5.77 17.96
CA ASP A 173 -15.24 6.10 18.53
C ASP A 173 -15.65 7.57 18.48
N ILE A 174 -14.94 8.38 17.70
CA ILE A 174 -15.18 9.83 17.58
C ILE A 174 -15.21 10.28 16.12
N VAL A 175 -16.08 11.23 15.82
CA VAL A 175 -16.18 11.84 14.48
C VAL A 175 -16.15 13.37 14.69
N TYR A 176 -15.25 14.06 13.96
CA TYR A 176 -15.20 15.52 14.01
C TYR A 176 -15.99 16.11 12.82
N ILE A 177 -16.65 17.25 13.06
CA ILE A 177 -17.36 17.96 12.00
C ILE A 177 -17.08 19.47 12.16
N GLY A 178 -16.59 20.12 11.10
CA GLY A 178 -16.45 21.57 11.08
C GLY A 178 -15.06 22.13 11.22
N LEU A 179 -14.05 21.22 11.27
CA LEU A 179 -12.65 21.61 11.49
C LEU A 179 -12.13 22.60 10.48
N ARG A 180 -11.46 23.65 10.97
CA ARG A 180 -10.83 24.66 10.09
C ARG A 180 -9.67 25.42 10.76
N ASP A 181 -9.39 25.13 12.05
CA ASP A 181 -8.29 25.75 12.79
C ASP A 181 -7.57 24.70 13.69
N VAL A 182 -6.85 23.78 13.04
CA VAL A 182 -6.15 22.62 13.65
C VAL A 182 -4.63 22.86 13.77
N ASP A 183 -4.05 22.80 15.00
CA ASP A 183 -2.59 22.99 15.23
C ASP A 183 -1.80 21.87 14.59
N PRO A 184 -0.51 22.10 14.20
CA PRO A 184 0.27 21.00 13.58
C PRO A 184 0.35 19.72 14.42
N GLY A 185 0.53 19.85 15.73
CA GLY A 185 0.57 18.69 16.64
C GLY A 185 -0.77 17.97 16.67
N GLU A 186 -1.86 18.76 16.68
CA GLU A 186 -3.22 18.21 16.59
C GLU A 186 -3.43 17.47 15.26
N HIS A 187 -2.97 18.07 14.13
CA HIS A 187 -3.09 17.45 12.80
C HIS A 187 -2.29 16.15 12.77
N TYR A 188 -1.07 16.17 13.32
CA TYR A 188 -0.23 14.98 13.40
C TYR A 188 -1.01 13.84 14.15
N ILE A 189 -1.56 14.12 15.34
CA ILE A 189 -2.35 13.16 16.16
C ILE A 189 -3.56 12.63 15.34
N LEU A 190 -4.34 13.54 14.74
CA LEU A 190 -5.54 13.29 13.92
C LEU A 190 -5.23 12.29 12.76
N LYS A 191 -4.05 12.45 12.10
CA LYS A 191 -3.63 11.57 11.00
C LYS A 191 -3.05 10.23 11.51
N THR A 192 -2.12 10.28 12.49
CA THR A 192 -1.43 9.11 13.05
C THR A 192 -2.36 8.13 13.80
N LEU A 193 -3.46 8.64 14.37
CA LEU A 193 -4.42 7.79 15.07
C LEU A 193 -5.55 7.33 14.15
N GLY A 194 -5.62 7.91 12.96
CA GLY A 194 -6.63 7.59 11.96
C GLY A 194 -8.04 7.92 12.39
N ILE A 195 -8.22 9.07 13.07
CA ILE A 195 -9.54 9.56 13.52
C ILE A 195 -10.38 9.98 12.31
N LYS A 196 -11.70 9.69 12.33
CA LYS A 196 -12.62 10.13 11.29
C LYS A 196 -12.97 11.59 11.52
N TYR A 197 -12.84 12.42 10.47
CA TYR A 197 -13.16 13.85 10.55
C TYR A 197 -13.74 14.34 9.22
N PHE A 198 -14.61 15.33 9.33
CA PHE A 198 -15.18 16.04 8.22
C PHE A 198 -14.78 17.47 8.48
N SER A 199 -13.67 17.91 7.88
CA SER A 199 -13.22 19.30 8.05
C SER A 199 -14.12 20.15 7.15
N MET A 200 -14.03 21.51 7.20
CA MET A 200 -14.85 22.37 6.30
C MET A 200 -14.66 22.00 4.82
N THR A 201 -13.44 21.49 4.48
CA THR A 201 -13.06 21.02 3.15
C THR A 201 -13.98 19.82 2.76
N GLU A 202 -14.20 18.86 3.70
CA GLU A 202 -15.03 17.68 3.45
C GLU A 202 -16.51 18.07 3.35
N VAL A 203 -16.96 19.01 4.19
CA VAL A 203 -18.33 19.55 4.19
C VAL A 203 -18.58 20.21 2.81
N ASP A 204 -17.63 21.02 2.32
CA ASP A 204 -17.75 21.68 1.01
C ASP A 204 -17.80 20.63 -0.10
N ARG A 205 -16.97 19.60 -0.01
CA ARG A 205 -16.90 18.54 -1.01
C ARG A 205 -18.16 17.72 -1.09
N LEU A 206 -18.65 17.24 0.06
CA LEU A 206 -19.74 16.28 0.19
C LEU A 206 -21.14 16.83 0.35
N GLY A 207 -21.26 17.95 1.05
CA GLY A 207 -22.53 18.51 1.46
C GLY A 207 -22.87 17.90 2.81
N ILE A 208 -23.48 18.67 3.70
CA ILE A 208 -23.81 18.22 5.06
C ILE A 208 -24.69 16.92 5.10
N GLY A 209 -25.49 16.68 4.05
CA GLY A 209 -26.32 15.49 3.93
C GLY A 209 -25.48 14.23 3.94
N LYS A 210 -24.49 14.17 3.02
CA LYS A 210 -23.53 13.06 2.93
C LYS A 210 -22.64 13.00 4.19
N VAL A 211 -22.32 14.16 4.76
CA VAL A 211 -21.51 14.26 5.99
C VAL A 211 -22.23 13.50 7.11
N MET A 212 -23.48 13.83 7.35
CA MET A 212 -24.30 13.20 8.39
C MET A 212 -24.58 11.72 8.12
N GLU A 213 -24.74 11.35 6.84
CA GLU A 213 -25.00 9.96 6.44
C GLU A 213 -23.84 9.08 6.84
N GLU A 214 -22.64 9.51 6.44
CA GLU A 214 -21.37 8.84 6.70
C GLU A 214 -21.02 8.83 8.17
N THR A 215 -21.29 9.95 8.89
CA THR A 215 -21.01 10.09 10.32
C THR A 215 -21.84 9.08 11.10
N LEU A 216 -23.14 9.01 10.82
CA LEU A 216 -24.05 8.09 11.53
C LEU A 216 -23.77 6.63 11.17
N SER A 217 -23.46 6.34 9.90
CA SER A 217 -23.12 4.97 9.47
C SER A 217 -21.80 4.49 10.11
N TYR A 218 -20.79 5.40 10.23
CA TYR A 218 -19.49 5.10 10.82
C TYR A 218 -19.61 4.67 12.30
N LEU A 219 -20.43 5.39 13.08
CA LEU A 219 -20.61 5.11 14.49
C LEU A 219 -21.65 4.06 14.80
N LEU A 220 -22.74 3.99 14.01
CA LEU A 220 -23.88 3.10 14.29
C LEU A 220 -23.99 1.82 13.48
N GLY A 221 -23.29 1.77 12.33
CA GLY A 221 -23.32 0.69 11.35
C GLY A 221 -23.33 -0.73 11.87
N ARG A 222 -22.58 -0.98 12.94
CA ARG A 222 -22.43 -2.30 13.58
C ARG A 222 -23.71 -2.69 14.34
N LYS A 223 -24.29 -1.74 15.07
CA LYS A 223 -25.48 -1.90 15.94
C LYS A 223 -25.71 -0.57 16.62
N LYS A 224 -26.91 -0.35 17.10
CA LYS A 224 -27.23 0.87 17.83
C LYS A 224 -26.33 1.03 19.07
N ARG A 225 -25.88 2.25 19.34
CA ARG A 225 -25.02 2.60 20.51
C ARG A 225 -25.24 4.08 20.91
N PRO A 226 -25.03 4.46 22.22
CA PRO A 226 -25.28 5.85 22.63
C PRO A 226 -24.45 6.91 21.91
N ILE A 227 -25.06 8.07 21.62
CA ILE A 227 -24.34 9.16 20.95
C ILE A 227 -24.14 10.33 21.95
N HIS A 228 -22.88 10.83 22.03
CA HIS A 228 -22.54 12.00 22.80
C HIS A 228 -22.22 13.08 21.79
N LEU A 229 -23.02 14.13 21.75
CA LEU A 229 -22.75 15.24 20.86
C LEU A 229 -22.08 16.35 21.67
N SER A 230 -20.82 16.67 21.38
CA SER A 230 -20.12 17.79 22.08
C SER A 230 -20.07 18.94 21.09
N PHE A 231 -20.95 19.92 21.31
CA PHE A 231 -21.13 21.05 20.40
C PHE A 231 -20.45 22.30 20.93
N ASP A 232 -19.45 22.77 20.19
CA ASP A 232 -18.74 24.03 20.45
C ASP A 232 -19.36 25.03 19.50
N VAL A 233 -19.98 26.13 20.00
CA VAL A 233 -20.68 27.13 19.14
C VAL A 233 -19.76 27.75 18.05
N ASP A 234 -18.43 27.71 18.25
CA ASP A 234 -17.46 28.22 17.26
C ASP A 234 -17.33 27.23 16.05
N GLY A 235 -18.02 26.10 16.12
CA GLY A 235 -18.13 25.18 15.00
C GLY A 235 -18.88 25.87 13.89
N LEU A 236 -19.86 26.72 14.27
CA LEU A 236 -20.66 27.53 13.34
C LEU A 236 -19.89 28.80 12.98
N ASP A 237 -20.16 29.36 11.82
CA ASP A 237 -19.55 30.57 11.31
C ASP A 237 -19.77 31.76 12.26
N PRO A 238 -18.76 32.65 12.47
CA PRO A 238 -18.96 33.83 13.34
C PRO A 238 -20.14 34.75 12.96
N SER A 239 -20.72 34.63 11.73
CA SER A 239 -21.90 35.42 11.34
C SER A 239 -23.17 34.92 12.09
N PHE A 240 -23.11 33.67 12.64
CA PHE A 240 -24.20 33.06 13.41
C PHE A 240 -23.90 33.06 14.93
N THR A 241 -22.66 32.72 15.35
CA THR A 241 -22.33 32.66 16.78
C THR A 241 -21.09 33.56 17.08
N PRO A 242 -21.17 34.92 16.90
CA PRO A 242 -19.98 35.74 17.12
C PRO A 242 -19.52 35.87 18.58
N ALA A 243 -20.44 35.69 19.55
CA ALA A 243 -20.15 35.80 21.00
C ALA A 243 -19.50 34.53 21.54
N THR A 244 -18.26 34.29 21.10
CA THR A 244 -17.46 33.13 21.47
C THR A 244 -16.01 33.55 21.53
N GLY A 245 -15.22 32.82 22.30
CA GLY A 245 -13.80 33.09 22.54
C GLY A 245 -12.87 32.94 21.37
N THR A 246 -13.04 31.86 20.57
CA THR A 246 -12.14 31.61 19.44
C THR A 246 -12.89 31.46 18.12
N PRO A 247 -13.45 32.57 17.57
CA PRO A 247 -14.16 32.45 16.30
C PRO A 247 -13.23 32.29 15.11
N VAL A 248 -13.65 31.46 14.14
CA VAL A 248 -12.86 31.20 12.92
C VAL A 248 -13.80 31.39 11.72
N VAL A 249 -13.35 32.18 10.72
CA VAL A 249 -14.12 32.47 9.49
C VAL A 249 -14.38 31.17 8.71
N GLY A 250 -15.40 31.18 7.85
CA GLY A 250 -15.75 30.05 6.99
C GLY A 250 -16.33 28.84 7.68
N GLY A 251 -17.13 29.07 8.71
CA GLY A 251 -17.71 27.98 9.48
C GLY A 251 -18.95 27.37 8.89
N LEU A 252 -19.53 26.40 9.64
CA LEU A 252 -20.77 25.73 9.27
C LEU A 252 -21.88 26.78 9.33
N THR A 253 -22.83 26.74 8.39
CA THR A 253 -23.93 27.69 8.42
C THR A 253 -24.93 27.30 9.53
N TYR A 254 -25.83 28.22 9.82
CA TYR A 254 -26.92 28.06 10.78
C TYR A 254 -27.73 26.81 10.32
N ARG A 255 -28.03 26.74 9.02
CA ARG A 255 -28.74 25.61 8.37
C ARG A 255 -28.04 24.29 8.62
N GLU A 256 -26.72 24.24 8.40
CA GLU A 256 -25.91 23.03 8.62
C GLU A 256 -25.91 22.58 10.08
N GLY A 257 -25.80 23.52 11.02
CA GLY A 257 -25.85 23.23 12.46
C GLY A 257 -27.15 22.53 12.84
N LEU A 258 -28.28 23.08 12.34
CA LEU A 258 -29.62 22.53 12.51
C LEU A 258 -29.74 21.20 11.82
N TYR A 259 -29.11 21.05 10.63
CA TYR A 259 -29.17 19.77 9.91
C TYR A 259 -28.49 18.63 10.67
N ILE A 260 -27.28 18.88 11.23
CA ILE A 260 -26.54 17.91 12.06
C ILE A 260 -27.45 17.41 13.25
N THR A 261 -28.00 18.36 14.00
CA THR A 261 -28.76 18.08 15.22
C THR A 261 -30.12 17.41 14.91
N GLU A 262 -30.84 17.84 13.86
CA GLU A 262 -32.08 17.18 13.44
C GLU A 262 -31.83 15.72 13.06
N GLU A 263 -30.73 15.43 12.34
CA GLU A 263 -30.37 14.06 11.96
C GLU A 263 -30.01 13.20 13.16
N ILE A 264 -29.27 13.77 14.13
CA ILE A 264 -28.92 13.06 15.39
C ILE A 264 -30.19 12.71 16.19
N TYR A 265 -31.09 13.69 16.36
CA TYR A 265 -32.33 13.46 17.07
C TYR A 265 -33.06 12.24 16.50
N LYS A 266 -33.17 12.16 15.15
CA LYS A 266 -33.92 11.10 14.44
C LYS A 266 -33.48 9.67 14.75
N THR A 267 -32.18 9.46 15.05
CA THR A 267 -31.65 8.14 15.43
C THR A 267 -32.29 7.64 16.75
N GLY A 268 -32.70 8.59 17.61
CA GLY A 268 -33.29 8.34 18.92
C GLY A 268 -32.25 7.91 19.92
N LEU A 269 -30.96 8.06 19.53
CA LEU A 269 -29.82 7.60 20.28
C LEU A 269 -29.02 8.68 21.00
N LEU A 270 -29.46 9.97 20.95
CA LEU A 270 -28.79 11.04 21.72
C LEU A 270 -28.90 10.67 23.20
N SER A 271 -27.76 10.69 23.89
CA SER A 271 -27.64 10.24 25.27
C SER A 271 -26.92 11.29 26.12
N GLY A 272 -26.10 12.10 25.47
CA GLY A 272 -25.32 13.16 26.11
C GLY A 272 -25.07 14.31 25.17
N LEU A 273 -25.22 15.54 25.71
CA LEU A 273 -25.07 16.76 24.93
C LEU A 273 -24.33 17.82 25.70
N ASP A 274 -23.38 18.51 25.03
CA ASP A 274 -22.63 19.66 25.57
C ASP A 274 -22.86 20.86 24.66
N ILE A 275 -23.34 21.99 25.23
CA ILE A 275 -23.53 23.24 24.46
C ILE A 275 -22.48 24.20 25.02
N MET A 276 -21.34 24.28 24.34
CA MET A 276 -20.18 24.99 24.87
C MET A 276 -19.73 26.24 24.14
N GLU A 277 -18.98 27.06 24.88
CA GLU A 277 -18.22 28.23 24.43
C GLU A 277 -19.07 29.46 24.14
N VAL A 278 -20.30 29.54 24.67
CA VAL A 278 -21.10 30.77 24.51
C VAL A 278 -20.54 31.86 25.46
N ASN A 279 -19.96 32.94 24.90
CA ASN A 279 -19.44 34.04 25.72
C ASN A 279 -20.21 35.36 25.49
N PRO A 280 -21.23 35.61 26.33
CA PRO A 280 -22.03 36.84 26.20
C PRO A 280 -21.27 38.16 26.52
N SER A 281 -19.99 38.10 26.92
CA SER A 281 -19.21 39.33 27.14
C SER A 281 -18.37 39.63 25.87
N LEU A 282 -18.48 38.74 24.88
CA LEU A 282 -17.76 38.86 23.60
C LEU A 282 -18.62 39.24 22.39
N GLY A 283 -19.79 39.77 22.64
CA GLY A 283 -20.60 40.35 21.58
C GLY A 283 -20.12 41.77 21.36
N LYS A 284 -19.93 42.19 20.10
CA LYS A 284 -19.53 43.58 19.77
C LYS A 284 -20.71 44.51 20.03
N THR A 285 -21.95 43.97 19.88
CA THR A 285 -23.22 44.67 20.09
C THR A 285 -24.14 43.76 20.91
N PRO A 286 -25.16 44.27 21.65
CA PRO A 286 -26.08 43.36 22.34
C PRO A 286 -26.80 42.41 21.37
N GLU A 287 -27.02 42.82 20.09
CA GLU A 287 -27.63 41.94 19.08
C GLU A 287 -26.73 40.72 18.78
N GLU A 288 -25.38 40.90 18.77
CA GLU A 288 -24.46 39.76 18.51
C GLU A 288 -24.57 38.66 19.59
N VAL A 289 -24.83 39.07 20.85
CA VAL A 289 -25.01 38.15 21.99
C VAL A 289 -26.33 37.41 21.77
N THR A 290 -27.44 38.15 21.52
CA THR A 290 -28.76 37.53 21.27
C THR A 290 -28.72 36.62 20.07
N ARG A 291 -27.99 36.98 19.00
CA ARG A 291 -27.88 36.13 17.80
C ARG A 291 -27.25 34.79 18.17
N THR A 292 -26.14 34.86 18.98
CA THR A 292 -25.37 33.71 19.44
C THR A 292 -26.23 32.81 20.34
N VAL A 293 -26.83 33.41 21.39
CA VAL A 293 -27.72 32.72 22.32
C VAL A 293 -28.92 32.08 21.60
N ASN A 294 -29.60 32.80 20.71
CA ASN A 294 -30.74 32.24 19.96
C ASN A 294 -30.33 31.05 19.08
N THR A 295 -29.15 31.12 18.46
CA THR A 295 -28.64 30.04 17.61
C THR A 295 -28.36 28.82 18.48
N ALA A 296 -27.69 29.01 19.62
CA ALA A 296 -27.35 27.95 20.55
C ALA A 296 -28.63 27.27 21.11
N VAL A 297 -29.73 28.06 21.26
CA VAL A 297 -31.03 27.52 21.72
C VAL A 297 -31.67 26.68 20.59
N ALA A 298 -31.72 27.22 19.36
CA ALA A 298 -32.23 26.52 18.17
C ALA A 298 -31.52 25.17 18.01
N ILE A 299 -30.18 25.15 18.17
CA ILE A 299 -29.36 23.95 18.11
C ILE A 299 -29.85 22.91 19.11
N THR A 300 -29.97 23.32 20.39
CA THR A 300 -30.40 22.46 21.51
C THR A 300 -31.81 21.90 21.27
N LEU A 301 -32.75 22.75 20.80
CA LEU A 301 -34.13 22.35 20.52
C LEU A 301 -34.24 21.29 19.42
N ALA A 302 -33.38 21.37 18.40
CA ALA A 302 -33.36 20.40 17.33
C ALA A 302 -32.85 19.03 17.81
N CYS A 303 -31.97 19.01 18.84
CA CYS A 303 -31.43 17.78 19.44
C CYS A 303 -32.54 17.01 20.14
N PHE A 304 -33.62 17.73 20.56
CA PHE A 304 -34.72 17.13 21.31
C PHE A 304 -36.05 17.13 20.56
N GLY A 305 -36.00 17.18 19.22
CA GLY A 305 -37.20 17.01 18.41
C GLY A 305 -37.70 18.12 17.52
N LEU A 306 -37.32 19.40 17.79
CA LEU A 306 -37.78 20.53 16.99
C LEU A 306 -37.31 20.36 15.53
N ALA A 307 -38.29 20.32 14.59
CA ALA A 307 -38.03 20.04 13.17
C ALA A 307 -38.50 21.18 12.28
N ARG A 308 -37.65 21.61 11.33
CA ARG A 308 -38.00 22.69 10.43
C ARG A 308 -39.24 22.38 9.56
N GLU A 309 -39.48 21.07 9.23
CA GLU A 309 -40.69 20.66 8.51
C GLU A 309 -41.96 20.86 9.36
N GLY A 310 -41.77 20.98 10.68
CA GLY A 310 -42.86 21.18 11.62
C GLY A 310 -42.99 20.02 12.57
N ASN A 311 -43.76 20.24 13.64
CA ASN A 311 -44.04 19.27 14.69
C ASN A 311 -45.52 19.37 15.08
N HIS A 312 -46.15 18.24 15.41
CA HIS A 312 -47.53 18.23 15.88
C HIS A 312 -47.79 17.19 16.97
N LYS A 313 -48.64 17.56 17.97
CA LYS A 313 -49.03 16.65 19.05
C LYS A 313 -49.89 15.52 18.43
N PRO A 314 -49.83 14.27 18.97
CA PRO A 314 -50.59 13.16 18.34
C PRO A 314 -52.10 13.20 18.58
N ILE A 315 -52.76 14.22 18.00
CA ILE A 315 -54.20 14.46 18.04
C ILE A 315 -54.73 14.74 16.62
N ASP A 316 -56.07 14.80 16.45
CA ASP A 316 -56.67 15.10 15.16
C ASP A 316 -56.91 16.59 15.12
N TYR A 317 -56.11 17.32 14.30
CA TYR A 317 -56.22 18.77 14.16
C TYR A 317 -57.42 19.18 13.29
N LEU A 318 -57.86 18.26 12.41
CA LEU A 318 -58.99 18.49 11.51
C LEU A 318 -60.38 18.20 12.19
N ASN A 319 -60.37 17.85 13.48
CA ASN A 319 -61.58 17.58 14.25
C ASN A 319 -61.82 18.70 15.27
N ALA B 3 9.37 21.92 -1.97
CA ALA B 3 8.45 21.35 -2.95
C ALA B 3 8.26 22.32 -4.12
N LYS B 4 8.09 21.77 -5.34
CA LYS B 4 7.83 22.55 -6.57
C LYS B 4 6.55 23.40 -6.39
N SER B 5 5.52 22.84 -5.73
CA SER B 5 4.22 23.49 -5.48
C SER B 5 4.29 24.57 -4.39
N ARG B 6 5.44 24.64 -3.68
CA ARG B 6 5.68 25.64 -2.62
C ARG B 6 6.88 26.57 -2.95
N THR B 7 7.30 26.60 -4.23
CA THR B 7 8.40 27.45 -4.71
C THR B 7 7.79 28.57 -5.56
N ILE B 8 7.87 29.81 -5.06
CA ILE B 8 7.16 30.97 -5.60
C ILE B 8 8.05 32.16 -5.99
N GLY B 9 7.65 32.82 -7.08
CA GLY B 9 8.23 34.04 -7.62
C GLY B 9 7.17 35.13 -7.69
N ILE B 10 7.22 36.10 -6.76
CA ILE B 10 6.22 37.15 -6.68
C ILE B 10 6.48 38.28 -7.65
N ILE B 11 5.47 38.60 -8.48
CA ILE B 11 5.55 39.75 -9.37
C ILE B 11 4.43 40.72 -9.03
N GLY B 12 4.80 41.92 -8.60
CA GLY B 12 3.83 42.98 -8.36
C GLY B 12 3.58 43.64 -9.70
N ALA B 13 2.31 43.82 -10.09
CA ALA B 13 1.98 44.47 -11.36
C ALA B 13 0.97 45.59 -11.09
N PRO B 14 1.46 46.77 -10.56
CA PRO B 14 0.54 47.87 -10.19
C PRO B 14 0.01 48.66 -11.37
N PHE B 15 -0.95 48.08 -12.07
CA PHE B 15 -1.47 48.64 -13.30
C PHE B 15 -3.00 48.73 -13.26
N SER B 16 -3.54 49.92 -13.58
CA SER B 16 -5.01 50.13 -13.52
C SER B 16 -5.69 50.46 -14.84
N LYS B 17 -4.91 50.78 -15.90
CA LYS B 17 -5.49 51.33 -17.12
C LYS B 17 -6.30 50.33 -17.98
N GLY B 18 -6.52 49.12 -17.49
CA GLY B 18 -7.38 48.16 -18.19
C GLY B 18 -8.84 48.35 -17.83
N GLN B 19 -9.10 49.30 -16.90
CA GLN B 19 -10.44 49.61 -16.39
C GLN B 19 -10.54 51.08 -15.89
N PRO B 20 -11.77 51.64 -15.67
CA PRO B 20 -11.86 53.07 -15.33
C PRO B 20 -11.60 53.53 -13.89
N ARG B 21 -11.73 52.65 -12.89
CA ARG B 21 -11.61 53.02 -11.48
C ARG B 21 -10.19 52.99 -10.91
N GLY B 22 -9.72 54.16 -10.45
CA GLY B 22 -8.41 54.31 -9.84
C GLY B 22 -8.31 53.60 -8.50
N GLY B 23 -7.11 53.10 -8.20
CA GLY B 23 -6.82 52.42 -6.94
C GLY B 23 -6.37 50.97 -7.06
N VAL B 24 -6.81 50.25 -8.12
CA VAL B 24 -6.44 48.82 -8.33
C VAL B 24 -4.92 48.67 -8.44
N GLU B 25 -4.22 49.76 -8.81
CA GLU B 25 -2.76 49.78 -8.88
C GLU B 25 -2.12 49.64 -7.49
N GLU B 26 -2.87 49.91 -6.40
CA GLU B 26 -2.38 49.74 -5.02
C GLU B 26 -2.52 48.27 -4.48
N GLY B 27 -3.18 47.41 -5.26
CA GLY B 27 -3.34 45.98 -4.96
C GLY B 27 -2.05 45.28 -4.53
N PRO B 28 -0.90 45.39 -5.27
CA PRO B 28 0.34 44.76 -4.79
C PRO B 28 0.81 45.25 -3.42
N THR B 29 0.63 46.53 -3.12
CA THR B 29 1.03 47.19 -1.88
C THR B 29 0.23 46.69 -0.70
N VAL B 30 -1.10 46.66 -0.83
CA VAL B 30 -1.99 46.25 0.25
C VAL B 30 -1.87 44.75 0.52
N LEU B 31 -1.64 43.93 -0.52
CA LEU B 31 -1.43 42.49 -0.38
C LEU B 31 -0.11 42.18 0.33
N ARG B 32 0.94 42.96 0.05
CA ARG B 32 2.22 42.80 0.72
C ARG B 32 2.14 43.29 2.18
N LYS B 33 1.48 44.45 2.42
CA LYS B 33 1.30 45.01 3.76
C LYS B 33 0.49 44.11 4.70
N ALA B 34 -0.38 43.26 4.10
CA ALA B 34 -1.20 42.27 4.81
C ALA B 34 -0.38 41.07 5.34
N GLY B 35 0.90 40.99 4.97
CA GLY B 35 1.83 39.95 5.42
C GLY B 35 1.88 38.69 4.57
N LEU B 36 1.51 38.80 3.28
CA LEU B 36 1.48 37.66 2.36
C LEU B 36 2.78 36.88 2.27
N LEU B 37 3.93 37.57 2.10
CA LEU B 37 5.26 36.98 1.98
C LEU B 37 5.66 36.21 3.22
N GLU B 38 5.44 36.81 4.40
CA GLU B 38 5.77 36.26 5.72
C GLU B 38 4.88 35.05 6.00
N LYS B 39 3.57 35.16 5.69
CA LYS B 39 2.60 34.08 5.87
C LYS B 39 2.94 32.92 4.94
N LEU B 40 3.37 33.22 3.70
CA LEU B 40 3.77 32.18 2.76
C LEU B 40 4.99 31.42 3.28
N LYS B 41 5.98 32.15 3.83
CA LYS B 41 7.23 31.58 4.36
C LYS B 41 7.00 30.73 5.61
N GLU B 42 5.94 31.06 6.39
CA GLU B 42 5.54 30.34 7.59
C GLU B 42 4.89 28.99 7.24
N GLN B 43 4.49 28.84 5.99
CA GLN B 43 3.82 27.71 5.38
C GLN B 43 4.80 26.79 4.61
N GLU B 44 6.13 26.93 4.86
CA GLU B 44 7.20 26.13 4.28
C GLU B 44 7.45 26.44 2.78
N CYS B 45 7.09 27.64 2.33
CA CYS B 45 7.33 28.11 0.97
C CYS B 45 8.71 28.77 0.83
N ASP B 46 9.32 28.63 -0.36
CA ASP B 46 10.57 29.25 -0.78
C ASP B 46 10.09 30.40 -1.65
N VAL B 47 10.04 31.64 -1.08
CA VAL B 47 9.48 32.82 -1.75
C VAL B 47 10.52 33.87 -2.16
N LYS B 48 10.62 34.15 -3.47
CA LYS B 48 11.49 35.20 -4.02
C LYS B 48 10.59 36.29 -4.56
N ASP B 49 10.83 37.53 -4.14
CA ASP B 49 10.05 38.70 -4.50
C ASP B 49 10.74 39.53 -5.59
N TYR B 50 10.18 39.52 -6.80
CA TYR B 50 10.73 40.25 -7.96
C TYR B 50 10.35 41.75 -8.00
N GLY B 51 9.67 42.24 -6.96
CA GLY B 51 9.27 43.63 -6.85
C GLY B 51 8.13 44.00 -7.78
N ASP B 52 7.83 45.30 -7.87
CA ASP B 52 6.76 45.84 -8.68
C ASP B 52 7.28 46.36 -9.99
N LEU B 53 6.70 45.91 -11.08
CA LEU B 53 7.07 46.39 -12.40
C LEU B 53 6.76 47.88 -12.54
N PRO B 54 7.72 48.65 -13.11
CA PRO B 54 7.46 50.07 -13.38
C PRO B 54 6.70 50.15 -14.70
N PHE B 55 5.56 50.75 -14.67
CA PHE B 55 4.82 50.90 -15.92
C PHE B 55 4.85 52.37 -16.27
N ALA B 56 5.97 52.78 -16.91
CA ALA B 56 6.22 54.15 -17.39
C ALA B 56 4.99 54.70 -18.08
N ASP B 57 4.67 55.96 -17.82
CA ASP B 57 3.49 56.58 -18.40
C ASP B 57 3.57 56.57 -19.91
N ILE B 58 2.42 56.33 -20.56
CA ILE B 58 2.27 56.41 -22.01
C ILE B 58 1.28 57.56 -22.22
N PRO B 59 1.75 58.83 -22.19
CA PRO B 59 0.82 59.93 -22.43
C PRO B 59 0.60 59.92 -23.95
N ASN B 60 -0.59 60.27 -24.40
CA ASN B 60 -0.93 60.17 -25.82
C ASN B 60 -1.20 58.66 -26.11
N ASP B 61 -2.36 58.21 -25.66
CA ASP B 61 -2.81 56.83 -25.82
C ASP B 61 -4.30 56.94 -26.01
N SER B 62 -4.65 57.44 -27.18
CA SER B 62 -6.01 57.69 -27.57
C SER B 62 -6.76 56.35 -27.80
N PRO B 63 -8.10 56.31 -27.66
CA PRO B 63 -8.80 55.03 -27.80
C PRO B 63 -8.73 54.41 -29.19
N PHE B 64 -8.78 53.09 -29.25
CA PHE B 64 -8.92 52.31 -30.47
C PHE B 64 -10.40 52.08 -30.49
N GLN B 65 -11.16 52.79 -31.37
CA GLN B 65 -12.63 52.74 -31.36
C GLN B 65 -13.13 53.08 -29.93
N ILE B 66 -13.79 52.17 -29.21
CA ILE B 66 -14.27 52.47 -27.86
C ILE B 66 -13.26 51.94 -26.79
N VAL B 67 -12.29 51.15 -27.25
CA VAL B 67 -11.26 50.50 -26.42
C VAL B 67 -10.29 51.57 -25.86
N LYS B 68 -10.36 51.78 -24.53
CA LYS B 68 -9.58 52.77 -23.78
C LYS B 68 -8.18 52.30 -23.41
N ASN B 69 -7.21 53.26 -23.40
CA ASN B 69 -5.80 53.08 -23.05
C ASN B 69 -5.13 51.84 -23.71
N PRO B 70 -5.27 51.58 -25.03
CA PRO B 70 -4.74 50.31 -25.56
C PRO B 70 -3.22 50.16 -25.51
N ARG B 71 -2.45 51.22 -25.83
CA ARG B 71 -0.98 51.17 -25.82
C ARG B 71 -0.44 50.93 -24.42
N SER B 72 -1.09 51.53 -23.39
CA SER B 72 -0.71 51.34 -21.97
C SER B 72 -0.97 49.86 -21.54
N VAL B 73 -2.15 49.31 -21.90
CA VAL B 73 -2.55 47.94 -21.54
C VAL B 73 -1.64 46.93 -22.28
N GLY B 74 -1.42 47.19 -23.55
CA GLY B 74 -0.59 46.35 -24.39
C GLY B 74 0.82 46.25 -23.89
N LYS B 75 1.43 47.40 -23.56
CA LYS B 75 2.79 47.45 -23.04
C LYS B 75 2.94 46.80 -21.68
N ALA B 76 2.03 47.10 -20.73
CA ALA B 76 2.05 46.54 -19.38
C ALA B 76 2.03 44.98 -19.46
N SER B 77 1.15 44.43 -20.29
CA SER B 77 1.04 42.99 -20.50
C SER B 77 2.29 42.46 -21.20
N GLU B 78 2.83 43.21 -22.19
CA GLU B 78 4.06 42.76 -22.88
C GLU B 78 5.23 42.65 -21.91
N GLN B 79 5.40 43.68 -21.05
CA GLN B 79 6.46 43.69 -20.04
C GLN B 79 6.23 42.58 -19.00
N LEU B 80 4.96 42.36 -18.59
CA LEU B 80 4.64 41.29 -17.64
C LEU B 80 4.92 39.90 -18.23
N ALA B 81 4.62 39.71 -19.52
CA ALA B 81 4.92 38.43 -20.20
C ALA B 81 6.42 38.09 -20.07
N GLY B 82 7.30 39.07 -20.31
CA GLY B 82 8.75 38.91 -20.16
C GLY B 82 9.18 38.57 -18.74
N LYS B 83 8.55 39.22 -17.75
CA LYS B 83 8.84 38.97 -16.34
C LYS B 83 8.36 37.58 -15.89
N VAL B 84 7.14 37.19 -16.29
CA VAL B 84 6.55 35.90 -15.98
C VAL B 84 7.43 34.78 -16.58
N ALA B 85 7.87 34.94 -17.85
CA ALA B 85 8.75 33.97 -18.53
C ALA B 85 10.07 33.75 -17.74
N GLU B 86 10.67 34.83 -17.21
CA GLU B 86 11.90 34.82 -16.42
C GLU B 86 11.68 34.02 -15.13
N VAL B 87 10.57 34.28 -14.42
CA VAL B 87 10.21 33.55 -13.21
C VAL B 87 9.98 32.09 -13.54
N LYS B 88 9.25 31.83 -14.64
CA LYS B 88 9.01 30.45 -15.05
C LYS B 88 10.33 29.73 -15.38
N LYS B 89 11.26 30.44 -16.04
CA LYS B 89 12.59 29.89 -16.34
C LYS B 89 13.43 29.62 -15.08
N ASN B 90 13.23 30.43 -14.03
CA ASN B 90 13.91 30.28 -12.74
C ASN B 90 13.37 29.10 -11.89
N GLY B 91 12.40 28.36 -12.46
CA GLY B 91 11.77 27.21 -11.80
C GLY B 91 10.89 27.58 -10.63
N ARG B 92 10.13 28.68 -10.77
CA ARG B 92 9.23 29.12 -9.70
C ARG B 92 7.80 29.26 -10.21
N ILE B 93 6.82 29.18 -9.30
CA ILE B 93 5.42 29.40 -9.63
C ILE B 93 5.27 30.89 -9.68
N SER B 94 4.84 31.44 -10.82
CA SER B 94 4.70 32.89 -10.96
C SER B 94 3.44 33.33 -10.21
N LEU B 95 3.59 34.25 -9.24
CA LEU B 95 2.49 34.81 -8.47
C LEU B 95 2.35 36.27 -8.80
N VAL B 96 1.39 36.59 -9.67
CA VAL B 96 1.15 37.96 -10.13
C VAL B 96 0.13 38.63 -9.22
N LEU B 97 0.53 39.73 -8.58
CA LEU B 97 -0.35 40.53 -7.72
C LEU B 97 -0.75 41.74 -8.54
N GLY B 98 -2.01 41.76 -8.97
CA GLY B 98 -2.57 42.85 -9.75
C GLY B 98 -3.13 43.94 -8.84
N GLY B 99 -3.58 45.08 -9.40
CA GLY B 99 -3.67 45.36 -10.82
C GLY B 99 -4.94 44.79 -11.42
N ASP B 100 -5.40 45.35 -12.55
CA ASP B 100 -6.61 44.85 -13.21
C ASP B 100 -6.33 43.58 -14.04
N HIS B 101 -7.37 42.80 -14.35
CA HIS B 101 -7.31 41.53 -15.05
C HIS B 101 -6.81 41.59 -16.51
N SER B 102 -6.63 42.80 -17.11
CA SER B 102 -6.09 42.92 -18.49
C SER B 102 -4.69 42.35 -18.51
N LEU B 103 -4.01 42.37 -17.33
CA LEU B 103 -2.67 41.82 -17.12
C LEU B 103 -2.56 40.32 -17.40
N ALA B 104 -3.70 39.59 -17.41
CA ALA B 104 -3.77 38.15 -17.75
C ALA B 104 -3.23 37.90 -19.14
N ILE B 105 -3.44 38.85 -20.08
CA ILE B 105 -2.86 38.75 -21.42
C ILE B 105 -1.38 38.42 -21.25
N GLY B 106 -0.63 39.29 -20.55
CA GLY B 106 0.80 39.10 -20.30
C GLY B 106 1.12 37.92 -19.41
N SER B 107 0.39 37.77 -18.28
CA SER B 107 0.59 36.64 -17.38
C SER B 107 0.57 35.29 -18.08
N ILE B 108 -0.53 34.99 -18.80
CA ILE B 108 -0.70 33.70 -19.48
C ILE B 108 0.22 33.58 -20.70
N SER B 109 0.37 34.65 -21.52
CA SER B 109 1.28 34.64 -22.69
C SER B 109 2.70 34.27 -22.23
N GLY B 110 3.21 34.98 -21.21
CA GLY B 110 4.52 34.74 -20.62
C GLY B 110 4.70 33.35 -20.06
N HIS B 111 3.68 32.86 -19.33
CA HIS B 111 3.66 31.51 -18.76
C HIS B 111 3.68 30.45 -19.86
N ALA B 112 2.93 30.67 -20.95
CA ALA B 112 2.82 29.79 -22.13
C ALA B 112 4.11 29.67 -22.94
N ARG B 113 5.03 30.65 -22.83
CA ARG B 113 6.32 30.64 -23.51
C ARG B 113 7.20 29.54 -22.93
N VAL B 114 7.06 29.30 -21.61
CA VAL B 114 7.87 28.30 -20.94
C VAL B 114 7.14 26.93 -20.93
N HIS B 115 5.83 26.94 -20.64
CA HIS B 115 4.99 25.74 -20.62
C HIS B 115 3.83 25.88 -21.64
N PRO B 116 4.06 25.62 -22.96
CA PRO B 116 2.97 25.83 -23.94
C PRO B 116 1.73 24.95 -23.80
N ASP B 117 1.82 23.89 -23.01
CA ASP B 117 0.77 22.92 -22.75
C ASP B 117 -0.13 23.27 -21.55
N LEU B 118 0.02 24.47 -20.96
CA LEU B 118 -0.80 24.88 -19.80
C LEU B 118 -2.30 24.87 -20.03
N GLY B 119 -3.03 24.55 -18.96
CA GLY B 119 -4.47 24.61 -18.83
C GLY B 119 -4.79 25.80 -17.95
N VAL B 120 -5.90 26.51 -18.25
CA VAL B 120 -6.29 27.69 -17.48
C VAL B 120 -7.62 27.43 -16.70
N ILE B 121 -7.63 27.80 -15.42
CA ILE B 121 -8.80 27.83 -14.54
C ILE B 121 -9.02 29.33 -14.31
N TRP B 122 -10.15 29.83 -14.75
CA TRP B 122 -10.49 31.25 -14.67
C TRP B 122 -11.62 31.47 -13.64
N VAL B 123 -11.27 31.97 -12.43
CA VAL B 123 -12.24 32.20 -11.36
C VAL B 123 -12.67 33.65 -11.37
N ASP B 124 -13.96 33.88 -11.72
CA ASP B 124 -14.43 35.23 -11.97
C ASP B 124 -15.94 35.29 -12.12
N ALA B 125 -16.53 36.46 -11.86
CA ALA B 125 -17.97 36.70 -12.10
C ALA B 125 -18.19 36.86 -13.62
N HIS B 126 -17.12 37.19 -14.30
CA HIS B 126 -17.11 37.53 -15.72
C HIS B 126 -16.29 36.60 -16.57
N THR B 127 -16.65 36.47 -17.87
CA THR B 127 -15.89 35.68 -18.83
C THR B 127 -14.62 36.40 -19.28
N ASP B 128 -14.64 37.76 -19.35
CA ASP B 128 -13.51 38.61 -19.82
C ASP B 128 -13.09 38.23 -21.25
N ILE B 129 -14.05 37.77 -22.03
CA ILE B 129 -13.80 37.26 -23.38
C ILE B 129 -14.30 38.20 -24.48
N ASN B 130 -14.67 39.45 -24.14
CA ASN B 130 -15.08 40.37 -25.19
C ASN B 130 -13.93 40.56 -26.15
N THR B 131 -14.22 40.83 -27.42
CA THR B 131 -13.13 41.14 -28.33
C THR B 131 -13.07 42.67 -28.40
N PRO B 132 -12.04 43.31 -29.00
CA PRO B 132 -12.08 44.78 -29.12
C PRO B 132 -13.30 45.31 -29.89
N LEU B 133 -14.03 44.41 -30.61
CA LEU B 133 -15.23 44.68 -31.42
C LEU B 133 -16.56 44.29 -30.76
N THR B 134 -16.59 43.31 -29.83
CA THR B 134 -17.84 42.92 -29.15
C THR B 134 -18.00 43.71 -27.86
N THR B 135 -16.88 44.27 -27.32
CA THR B 135 -16.90 45.03 -26.09
C THR B 135 -17.91 46.17 -26.15
N THR B 136 -18.63 46.40 -25.05
CA THR B 136 -19.59 47.50 -24.94
C THR B 136 -19.08 48.50 -23.91
N SER B 137 -18.30 48.03 -22.92
CA SER B 137 -17.73 48.96 -21.92
C SER B 137 -16.45 49.66 -22.44
N GLY B 138 -15.78 49.05 -23.42
CA GLY B 138 -14.52 49.54 -23.96
C GLY B 138 -13.33 49.38 -23.02
N ASN B 139 -13.46 48.55 -21.96
CA ASN B 139 -12.42 48.32 -20.97
C ASN B 139 -11.73 46.99 -21.25
N LEU B 140 -10.40 47.05 -21.45
CA LEU B 140 -9.59 45.90 -21.80
C LEU B 140 -9.54 44.82 -20.71
N HIS B 141 -9.85 45.15 -19.43
CA HIS B 141 -9.90 44.08 -18.43
C HIS B 141 -11.08 43.09 -18.66
N GLY B 142 -11.96 43.43 -19.60
CA GLY B 142 -13.10 42.59 -20.02
C GLY B 142 -12.84 41.86 -21.32
N GLN B 143 -11.59 41.94 -21.84
CA GLN B 143 -11.17 41.35 -23.11
C GLN B 143 -9.95 40.39 -23.02
N PRO B 144 -9.32 40.05 -21.84
CA PRO B 144 -8.06 39.30 -21.92
C PRO B 144 -8.14 37.96 -22.63
N VAL B 145 -9.21 37.21 -22.37
CA VAL B 145 -9.42 35.90 -22.93
C VAL B 145 -9.49 35.93 -24.46
N SER B 146 -10.11 36.95 -25.07
CA SER B 146 -10.21 37.00 -26.54
C SER B 146 -8.83 37.04 -27.24
N PHE B 147 -7.88 37.80 -26.67
CA PHE B 147 -6.52 37.93 -27.19
C PHE B 147 -5.71 36.64 -27.10
N LEU B 148 -6.05 35.76 -26.14
CA LEU B 148 -5.34 34.52 -25.84
C LEU B 148 -5.81 33.26 -26.59
N LEU B 149 -7.04 33.26 -27.15
CA LEU B 149 -7.65 32.08 -27.79
C LEU B 149 -7.33 31.88 -29.26
N LYS B 150 -6.76 30.71 -29.57
CA LYS B 150 -6.46 30.34 -30.97
C LYS B 150 -7.68 30.45 -31.93
N GLU B 151 -8.88 30.04 -31.45
CA GLU B 151 -10.14 30.02 -32.22
C GLU B 151 -10.65 31.40 -32.59
N LEU B 152 -10.15 32.44 -31.89
CA LEU B 152 -10.57 33.79 -32.16
C LEU B 152 -9.60 34.54 -33.08
N LYS B 153 -8.60 33.83 -33.63
CA LYS B 153 -7.66 34.41 -34.60
C LYS B 153 -8.50 34.81 -35.81
N GLY B 154 -8.30 36.03 -36.26
CA GLY B 154 -9.09 36.57 -37.36
C GLY B 154 -10.28 37.37 -36.85
N LYS B 155 -10.49 37.40 -35.52
CA LYS B 155 -11.57 38.15 -34.89
C LYS B 155 -11.02 39.29 -34.04
N ILE B 156 -9.69 39.32 -33.86
CA ILE B 156 -9.01 40.35 -33.07
C ILE B 156 -8.43 41.36 -34.04
N PRO B 157 -8.93 42.62 -34.08
CA PRO B 157 -8.36 43.60 -35.02
C PRO B 157 -6.99 44.08 -34.58
N ASP B 158 -6.30 44.82 -35.43
CA ASP B 158 -4.94 45.28 -35.15
C ASP B 158 -4.96 46.50 -34.19
N VAL B 159 -4.97 46.19 -32.89
CA VAL B 159 -5.05 47.12 -31.75
C VAL B 159 -3.64 47.64 -31.34
N PRO B 160 -3.47 49.00 -31.27
CA PRO B 160 -2.15 49.56 -30.91
C PRO B 160 -1.68 49.12 -29.54
N GLY B 161 -0.47 48.55 -29.52
CA GLY B 161 0.15 48.06 -28.30
C GLY B 161 0.10 46.55 -28.19
N PHE B 162 -0.56 45.88 -29.15
CA PHE B 162 -0.79 44.44 -29.08
C PHE B 162 -0.22 43.60 -30.27
N SER B 163 0.69 44.17 -31.09
CA SER B 163 1.25 43.41 -32.20
C SER B 163 2.13 42.24 -31.75
N TRP B 164 2.61 42.30 -30.50
CA TRP B 164 3.45 41.26 -29.89
C TRP B 164 2.67 39.99 -29.52
N VAL B 165 1.33 40.10 -29.44
CA VAL B 165 0.46 39.00 -29.01
C VAL B 165 0.24 37.93 -30.10
N THR B 166 0.37 36.67 -29.70
CA THR B 166 0.02 35.49 -30.48
C THR B 166 -0.86 34.63 -29.56
N PRO B 167 -2.09 34.24 -30.00
CA PRO B 167 -2.94 33.38 -29.14
C PRO B 167 -2.21 32.09 -28.76
N CYS B 168 -2.22 31.73 -27.47
CA CYS B 168 -1.46 30.58 -26.97
C CYS B 168 -2.32 29.46 -26.38
N ILE B 169 -3.61 29.74 -26.07
CA ILE B 169 -4.47 28.73 -25.47
C ILE B 169 -5.64 28.39 -26.37
N SER B 170 -5.98 27.11 -26.45
CA SER B 170 -7.13 26.68 -27.24
C SER B 170 -8.35 26.74 -26.34
N ALA B 171 -9.53 26.93 -26.95
CA ALA B 171 -10.80 27.02 -26.22
C ALA B 171 -11.06 25.83 -25.30
N LYS B 172 -10.54 24.65 -25.67
CA LYS B 172 -10.66 23.41 -24.92
C LYS B 172 -9.71 23.32 -23.69
N ASP B 173 -8.81 24.27 -23.53
CA ASP B 173 -7.85 24.25 -22.41
C ASP B 173 -8.12 25.28 -21.33
N ILE B 174 -9.35 25.81 -21.30
CA ILE B 174 -9.77 26.79 -20.30
C ILE B 174 -11.11 26.37 -19.62
N VAL B 175 -11.23 26.56 -18.30
CA VAL B 175 -12.46 26.30 -17.56
C VAL B 175 -12.78 27.56 -16.77
N TYR B 176 -14.00 28.07 -16.91
CA TYR B 176 -14.47 29.18 -16.11
C TYR B 176 -15.22 28.65 -14.91
N ILE B 177 -15.12 29.36 -13.78
CA ILE B 177 -15.84 29.05 -12.52
C ILE B 177 -16.28 30.37 -11.91
N GLY B 178 -17.58 30.50 -11.67
CA GLY B 178 -18.10 31.67 -10.97
C GLY B 178 -18.98 32.62 -11.74
N LEU B 179 -19.14 32.41 -13.08
CA LEU B 179 -19.86 33.30 -13.99
C LEU B 179 -21.27 33.69 -13.56
N ARG B 180 -21.54 34.99 -13.66
CA ARG B 180 -22.83 35.53 -13.29
C ARG B 180 -23.11 36.91 -13.95
N ASP B 181 -22.17 37.44 -14.77
CA ASP B 181 -22.36 38.72 -15.46
C ASP B 181 -21.66 38.68 -16.82
N VAL B 182 -22.29 37.96 -17.76
CA VAL B 182 -21.77 37.70 -19.10
C VAL B 182 -22.44 38.52 -20.15
N ASP B 183 -21.66 39.29 -20.94
CA ASP B 183 -22.23 40.09 -22.03
C ASP B 183 -22.86 39.21 -23.10
N PRO B 184 -23.89 39.73 -23.83
CA PRO B 184 -24.46 38.93 -24.94
C PRO B 184 -23.42 38.45 -25.94
N GLY B 185 -22.51 39.33 -26.34
CA GLY B 185 -21.41 39.01 -27.24
C GLY B 185 -20.50 37.95 -26.66
N GLU B 186 -20.29 38.02 -25.31
CA GLU B 186 -19.43 37.07 -24.59
C GLU B 186 -20.10 35.71 -24.52
N HIS B 187 -21.43 35.67 -24.26
CA HIS B 187 -22.22 34.45 -24.21
C HIS B 187 -22.25 33.74 -25.58
N TYR B 188 -22.40 34.52 -26.67
CA TYR B 188 -22.33 33.98 -28.04
C TYR B 188 -20.99 33.23 -28.21
N ILE B 189 -19.85 33.91 -27.90
CA ILE B 189 -18.48 33.35 -28.05
C ILE B 189 -18.36 32.09 -27.21
N LEU B 190 -18.72 32.18 -25.93
CA LEU B 190 -18.66 31.08 -24.95
C LEU B 190 -19.40 29.81 -25.44
N LYS B 191 -20.61 29.98 -25.94
CA LYS B 191 -21.41 28.85 -26.41
C LYS B 191 -20.92 28.32 -27.77
N THR B 192 -20.57 29.22 -28.70
CA THR B 192 -20.09 28.83 -30.04
C THR B 192 -18.75 28.13 -30.02
N LEU B 193 -17.84 28.53 -29.14
CA LEU B 193 -16.53 27.90 -29.03
C LEU B 193 -16.56 26.61 -28.19
N GLY B 194 -17.67 26.37 -27.51
CA GLY B 194 -17.87 25.18 -26.68
C GLY B 194 -16.98 25.16 -25.45
N ILE B 195 -16.66 26.34 -24.91
CA ILE B 195 -15.81 26.45 -23.73
C ILE B 195 -16.54 25.82 -22.55
N LYS B 196 -15.79 25.07 -21.74
CA LYS B 196 -16.25 24.43 -20.52
C LYS B 196 -16.38 25.50 -19.44
N TYR B 197 -17.55 25.62 -18.85
CA TYR B 197 -17.79 26.63 -17.82
C TYR B 197 -18.72 26.11 -16.76
N PHE B 198 -18.59 26.66 -15.57
CA PHE B 198 -19.45 26.41 -14.43
C PHE B 198 -19.85 27.78 -13.92
N SER B 199 -20.98 28.31 -14.43
CA SER B 199 -21.51 29.58 -13.95
C SER B 199 -22.05 29.31 -12.52
N MET B 200 -22.60 30.34 -11.82
CA MET B 200 -23.21 30.17 -10.49
C MET B 200 -24.36 29.13 -10.52
N THR B 201 -25.09 29.03 -11.66
CA THR B 201 -26.14 28.03 -11.91
C THR B 201 -25.59 26.59 -11.76
N GLU B 202 -24.40 26.32 -12.39
CA GLU B 202 -23.74 25.02 -12.33
C GLU B 202 -23.23 24.73 -10.92
N VAL B 203 -22.68 25.75 -10.25
CA VAL B 203 -22.18 25.57 -8.87
C VAL B 203 -23.39 25.24 -7.94
N ASP B 204 -24.54 25.91 -8.16
CA ASP B 204 -25.74 25.66 -7.37
C ASP B 204 -26.29 24.28 -7.61
N ARG B 205 -26.28 23.84 -8.90
CA ARG B 205 -26.74 22.53 -9.34
C ARG B 205 -25.86 21.40 -8.81
N LEU B 206 -24.55 21.51 -9.02
CA LEU B 206 -23.65 20.41 -8.74
C LEU B 206 -23.02 20.38 -7.38
N GLY B 207 -22.79 21.56 -6.83
CA GLY B 207 -22.02 21.70 -5.61
C GLY B 207 -20.57 21.91 -6.03
N ILE B 208 -19.78 22.65 -5.23
CA ILE B 208 -18.38 22.93 -5.55
C ILE B 208 -17.52 21.63 -5.65
N GLY B 209 -17.89 20.59 -4.88
CA GLY B 209 -17.19 19.30 -4.90
C GLY B 209 -17.13 18.72 -6.30
N LYS B 210 -18.33 18.59 -6.95
CA LYS B 210 -18.45 18.08 -8.32
C LYS B 210 -17.82 19.04 -9.34
N VAL B 211 -17.96 20.36 -9.15
CA VAL B 211 -17.38 21.41 -10.02
C VAL B 211 -15.89 21.22 -10.10
N MET B 212 -15.20 21.03 -8.96
CA MET B 212 -13.75 20.80 -8.95
C MET B 212 -13.37 19.44 -9.52
N GLU B 213 -14.16 18.40 -9.21
CA GLU B 213 -13.93 17.06 -9.76
C GLU B 213 -13.94 17.12 -11.29
N GLU B 214 -14.99 17.75 -11.87
CA GLU B 214 -15.17 17.89 -13.31
C GLU B 214 -14.11 18.78 -13.95
N THR B 215 -13.78 19.92 -13.30
CA THR B 215 -12.77 20.86 -13.80
C THR B 215 -11.41 20.18 -13.88
N LEU B 216 -10.98 19.48 -12.79
CA LEU B 216 -9.67 18.86 -12.79
C LEU B 216 -9.64 17.62 -13.73
N SER B 217 -10.77 16.92 -13.93
CA SER B 217 -10.77 15.81 -14.91
C SER B 217 -10.76 16.36 -16.34
N TYR B 218 -11.50 17.43 -16.58
CA TYR B 218 -11.56 18.04 -17.91
C TYR B 218 -10.19 18.52 -18.35
N LEU B 219 -9.40 19.11 -17.44
CA LEU B 219 -8.09 19.65 -17.79
C LEU B 219 -6.96 18.65 -17.71
N LEU B 220 -7.01 17.69 -16.76
CA LEU B 220 -5.90 16.76 -16.51
C LEU B 220 -6.15 15.27 -16.82
N GLY B 221 -7.41 14.89 -17.13
CA GLY B 221 -7.78 13.51 -17.42
C GLY B 221 -7.03 12.83 -18.56
N ARG B 222 -6.78 13.58 -19.65
CA ARG B 222 -6.03 13.11 -20.84
C ARG B 222 -4.54 12.98 -20.51
N LYS B 223 -3.96 14.00 -19.82
CA LYS B 223 -2.55 14.03 -19.38
C LYS B 223 -2.25 15.17 -18.42
N LYS B 224 -1.37 14.91 -17.45
CA LYS B 224 -0.90 15.86 -16.44
C LYS B 224 -0.08 16.96 -17.12
N ARG B 225 -0.55 18.19 -17.02
CA ARG B 225 0.00 19.39 -17.65
C ARG B 225 0.01 20.54 -16.64
N PRO B 226 0.83 21.60 -16.82
CA PRO B 226 0.83 22.73 -15.84
C PRO B 226 -0.50 23.50 -15.82
N ILE B 227 -0.86 24.04 -14.64
CA ILE B 227 -2.11 24.78 -14.43
C ILE B 227 -1.83 26.24 -14.12
N HIS B 228 -2.57 27.13 -14.82
CA HIS B 228 -2.58 28.57 -14.60
C HIS B 228 -3.93 28.91 -14.01
N LEU B 229 -3.93 29.44 -12.79
CA LEU B 229 -5.13 29.90 -12.09
C LEU B 229 -5.16 31.40 -12.20
N SER B 230 -6.22 31.94 -12.77
CA SER B 230 -6.41 33.38 -12.93
C SER B 230 -7.62 33.71 -12.11
N PHE B 231 -7.35 34.28 -10.92
CA PHE B 231 -8.37 34.57 -9.93
C PHE B 231 -8.71 36.04 -9.86
N ASP B 232 -9.93 36.38 -10.30
CA ASP B 232 -10.45 37.73 -10.19
C ASP B 232 -11.20 37.72 -8.87
N VAL B 233 -10.90 38.66 -7.94
CA VAL B 233 -11.54 38.63 -6.61
C VAL B 233 -13.04 38.85 -6.67
N ASP B 234 -13.55 39.45 -7.75
CA ASP B 234 -14.99 39.62 -7.90
C ASP B 234 -15.67 38.27 -8.18
N GLY B 235 -14.87 37.20 -8.34
CA GLY B 235 -15.39 35.84 -8.46
C GLY B 235 -16.12 35.47 -7.17
N LEU B 236 -15.56 35.88 -6.00
CA LEU B 236 -16.25 35.67 -4.72
C LEU B 236 -17.35 36.70 -4.52
N ASP B 237 -18.36 36.35 -3.71
CA ASP B 237 -19.49 37.19 -3.39
C ASP B 237 -19.00 38.51 -2.79
N PRO B 238 -19.68 39.64 -3.10
CA PRO B 238 -19.26 40.93 -2.52
C PRO B 238 -19.29 41.03 -0.96
N SER B 239 -19.89 40.05 -0.25
CA SER B 239 -19.87 40.00 1.22
C SER B 239 -18.47 39.60 1.73
N PHE B 240 -17.61 39.04 0.84
CA PHE B 240 -16.24 38.61 1.14
C PHE B 240 -15.16 39.48 0.51
N THR B 241 -15.37 39.92 -0.75
CA THR B 241 -14.38 40.78 -1.45
C THR B 241 -15.06 42.06 -1.95
N PRO B 242 -15.61 42.89 -1.04
CA PRO B 242 -16.35 44.09 -1.50
C PRO B 242 -15.51 45.12 -2.26
N ALA B 243 -14.21 45.28 -1.90
CA ALA B 243 -13.28 46.27 -2.49
C ALA B 243 -12.70 45.78 -3.81
N THR B 244 -13.53 45.94 -4.82
CA THR B 244 -13.29 45.53 -6.19
C THR B 244 -14.12 46.40 -7.14
N GLY B 245 -13.62 46.62 -8.33
CA GLY B 245 -14.27 47.44 -9.35
C GLY B 245 -15.64 47.04 -9.86
N THR B 246 -15.85 45.76 -10.18
CA THR B 246 -17.13 45.28 -10.74
C THR B 246 -17.73 44.12 -9.91
N PRO B 247 -18.18 44.40 -8.66
CA PRO B 247 -18.75 43.31 -7.86
C PRO B 247 -20.12 42.91 -8.36
N VAL B 248 -20.42 41.60 -8.30
CA VAL B 248 -21.72 41.10 -8.75
C VAL B 248 -22.32 40.23 -7.63
N VAL B 249 -23.57 40.50 -7.26
CA VAL B 249 -24.33 39.73 -6.24
C VAL B 249 -24.40 38.21 -6.50
N GLY B 250 -24.55 37.44 -5.43
CA GLY B 250 -24.70 35.98 -5.47
C GLY B 250 -23.48 35.22 -5.96
N GLY B 251 -22.30 35.56 -5.45
CA GLY B 251 -21.06 34.91 -5.85
C GLY B 251 -20.64 33.72 -5.03
N LEU B 252 -19.43 33.21 -5.34
CA LEU B 252 -18.85 32.09 -4.62
C LEU B 252 -18.68 32.51 -3.17
N THR B 253 -18.91 31.57 -2.26
CA THR B 253 -18.75 31.85 -0.83
C THR B 253 -17.25 31.80 -0.49
N TYR B 254 -16.88 32.23 0.73
CA TYR B 254 -15.48 32.17 1.20
C TYR B 254 -15.01 30.70 1.15
N ARG B 255 -15.86 29.78 1.67
CA ARG B 255 -15.61 28.33 1.69
C ARG B 255 -15.43 27.78 0.27
N GLU B 256 -16.26 28.22 -0.69
CA GLU B 256 -16.10 27.76 -2.07
C GLU B 256 -14.76 28.16 -2.71
N GLY B 257 -14.32 29.40 -2.48
CA GLY B 257 -13.05 29.89 -2.99
C GLY B 257 -11.89 29.10 -2.43
N LEU B 258 -12.00 28.70 -1.13
CA LEU B 258 -10.98 27.90 -0.47
C LEU B 258 -10.97 26.49 -1.00
N TYR B 259 -12.15 25.90 -1.28
CA TYR B 259 -12.24 24.57 -1.86
C TYR B 259 -11.55 24.49 -3.24
N ILE B 260 -11.80 25.48 -4.11
CA ILE B 260 -11.21 25.56 -5.47
C ILE B 260 -9.68 25.50 -5.38
N THR B 261 -9.11 26.38 -4.56
CA THR B 261 -7.67 26.56 -4.42
C THR B 261 -7.02 25.36 -3.69
N GLU B 262 -7.69 24.76 -2.64
CA GLU B 262 -7.21 23.56 -1.92
C GLU B 262 -7.11 22.37 -2.88
N GLU B 263 -8.11 22.22 -3.76
CA GLU B 263 -8.16 21.13 -4.75
C GLU B 263 -7.11 21.33 -5.83
N ILE B 264 -6.90 22.57 -6.28
CA ILE B 264 -5.85 22.93 -7.26
C ILE B 264 -4.47 22.67 -6.64
N TYR B 265 -4.26 23.06 -5.35
CA TYR B 265 -2.97 22.83 -4.68
C TYR B 265 -2.63 21.34 -4.71
N LYS B 266 -3.59 20.52 -4.29
CA LYS B 266 -3.50 19.06 -4.16
C LYS B 266 -3.12 18.35 -5.46
N THR B 267 -3.33 18.98 -6.63
CA THR B 267 -2.91 18.42 -7.92
C THR B 267 -1.38 18.42 -8.01
N GLY B 268 -0.74 19.36 -7.31
CA GLY B 268 0.70 19.59 -7.34
C GLY B 268 1.14 20.16 -8.68
N LEU B 269 0.18 20.60 -9.49
CA LEU B 269 0.44 21.09 -10.85
C LEU B 269 0.27 22.59 -11.05
N LEU B 270 -0.07 23.36 -9.97
CA LEU B 270 -0.12 24.82 -10.09
C LEU B 270 1.24 25.32 -10.55
N SER B 271 1.25 26.15 -11.58
CA SER B 271 2.47 26.65 -12.18
C SER B 271 2.45 28.19 -12.35
N GLY B 272 1.26 28.78 -12.34
CA GLY B 272 1.09 30.21 -12.44
C GLY B 272 -0.21 30.63 -11.80
N LEU B 273 -0.16 31.73 -11.02
CA LEU B 273 -1.31 32.31 -10.31
C LEU B 273 -1.43 33.83 -10.51
N ASP B 274 -2.67 34.33 -10.75
CA ASP B 274 -2.94 35.76 -10.84
C ASP B 274 -3.92 36.09 -9.72
N ILE B 275 -3.61 37.09 -8.88
CA ILE B 275 -4.54 37.52 -7.80
C ILE B 275 -4.89 38.92 -8.20
N MET B 276 -6.04 39.06 -8.86
CA MET B 276 -6.41 40.30 -9.50
C MET B 276 -7.64 41.00 -8.98
N GLU B 277 -7.72 42.29 -9.34
CA GLU B 277 -8.84 43.20 -9.14
C GLU B 277 -9.06 43.66 -7.67
N VAL B 278 -8.03 43.51 -6.79
CA VAL B 278 -8.16 44.06 -5.43
C VAL B 278 -7.96 45.55 -5.53
N ASN B 279 -9.00 46.34 -5.22
CA ASN B 279 -8.92 47.79 -5.28
C ASN B 279 -9.22 48.39 -3.90
N PRO B 280 -8.14 48.69 -3.15
CA PRO B 280 -8.28 49.23 -1.77
C PRO B 280 -8.85 50.64 -1.68
N SER B 281 -9.06 51.34 -2.80
CA SER B 281 -9.71 52.65 -2.73
C SER B 281 -11.26 52.48 -2.89
N LEU B 282 -11.75 51.25 -3.17
CA LEU B 282 -13.19 50.99 -3.33
C LEU B 282 -13.93 50.34 -2.14
N GLY B 283 -13.37 50.37 -0.95
CA GLY B 283 -14.13 49.87 0.18
C GLY B 283 -15.12 50.93 0.64
N LYS B 284 -16.35 50.56 1.06
CA LYS B 284 -17.32 51.52 1.58
C LYS B 284 -16.96 51.99 3.00
N THR B 285 -16.04 51.25 3.67
CA THR B 285 -15.49 51.50 5.01
C THR B 285 -14.07 50.89 5.07
N PRO B 286 -13.19 51.32 6.01
CA PRO B 286 -11.89 50.66 6.16
C PRO B 286 -11.92 49.13 6.34
N GLU B 287 -12.92 48.57 7.09
CA GLU B 287 -13.04 47.12 7.32
C GLU B 287 -13.33 46.32 6.01
N GLU B 288 -14.10 46.89 5.08
CA GLU B 288 -14.41 46.23 3.79
C GLU B 288 -13.10 46.01 3.00
N VAL B 289 -12.16 46.96 3.12
CA VAL B 289 -10.83 46.85 2.50
C VAL B 289 -10.01 45.73 3.11
N THR B 290 -9.91 45.68 4.48
CA THR B 290 -9.17 44.64 5.19
C THR B 290 -9.79 43.29 4.91
N ARG B 291 -11.14 43.19 4.94
CA ARG B 291 -11.89 41.96 4.60
C ARG B 291 -11.50 41.41 3.22
N THR B 292 -11.41 42.31 2.21
CA THR B 292 -11.08 41.99 0.81
C THR B 292 -9.65 41.44 0.68
N VAL B 293 -8.68 42.16 1.27
CA VAL B 293 -7.27 41.82 1.27
C VAL B 293 -7.04 40.51 2.05
N ASN B 294 -7.66 40.34 3.23
CA ASN B 294 -7.52 39.12 4.02
C ASN B 294 -8.08 37.89 3.27
N THR B 295 -9.20 38.05 2.55
CA THR B 295 -9.80 36.96 1.79
C THR B 295 -8.87 36.62 0.62
N ALA B 296 -8.30 37.66 -0.05
CA ALA B 296 -7.35 37.46 -1.15
C ALA B 296 -6.10 36.70 -0.66
N VAL B 297 -5.56 37.07 0.55
CA VAL B 297 -4.39 36.42 1.16
C VAL B 297 -4.71 34.96 1.44
N ALA B 298 -5.88 34.73 2.03
CA ALA B 298 -6.35 33.41 2.43
C ALA B 298 -6.52 32.50 1.22
N ILE B 299 -7.08 33.04 0.11
CA ILE B 299 -7.20 32.29 -1.15
C ILE B 299 -5.79 31.91 -1.63
N THR B 300 -4.85 32.88 -1.60
CA THR B 300 -3.46 32.67 -2.02
C THR B 300 -2.74 31.62 -1.19
N LEU B 301 -2.85 31.65 0.17
CA LEU B 301 -2.19 30.67 1.02
C LEU B 301 -2.67 29.26 0.70
N ALA B 302 -3.96 29.09 0.39
CA ALA B 302 -4.55 27.79 0.05
C ALA B 302 -3.99 27.25 -1.28
N CYS B 303 -3.57 28.17 -2.18
CA CYS B 303 -2.94 27.81 -3.44
C CYS B 303 -1.58 27.16 -3.19
N PHE B 304 -0.96 27.47 -2.03
CA PHE B 304 0.40 27.00 -1.72
C PHE B 304 0.45 26.00 -0.57
N GLY B 305 -0.67 25.38 -0.24
CA GLY B 305 -0.68 24.29 0.71
C GLY B 305 -1.47 24.41 1.99
N LEU B 306 -1.87 25.61 2.38
CA LEU B 306 -2.65 25.76 3.61
C LEU B 306 -3.99 25.04 3.51
N ALA B 307 -4.18 24.01 4.35
CA ALA B 307 -5.40 23.18 4.32
C ALA B 307 -6.23 23.43 5.56
N ARG B 308 -7.56 23.49 5.44
CA ARG B 308 -8.42 23.71 6.61
C ARG B 308 -8.38 22.53 7.59
N GLU B 309 -8.10 21.30 7.10
CA GLU B 309 -7.99 20.14 7.99
C GLU B 309 -6.74 20.21 8.89
N GLY B 310 -5.79 21.06 8.54
CA GLY B 310 -4.56 21.19 9.31
C GLY B 310 -3.33 20.85 8.52
N ASN B 311 -2.18 21.24 9.05
CA ASN B 311 -0.89 20.99 8.40
C ASN B 311 0.12 20.67 9.47
N HIS B 312 1.04 19.73 9.15
CA HIS B 312 2.15 19.39 10.03
C HIS B 312 3.40 19.08 9.23
N LYS B 313 4.56 19.28 9.88
CA LYS B 313 5.90 19.05 9.34
C LYS B 313 6.22 17.56 9.46
N PRO B 314 7.15 16.99 8.64
CA PRO B 314 7.46 15.54 8.78
C PRO B 314 8.35 15.22 9.98
N ILE B 315 7.86 15.57 11.19
CA ILE B 315 8.51 15.39 12.49
C ILE B 315 7.55 14.72 13.49
N ASP B 316 8.09 14.12 14.57
CA ASP B 316 7.28 13.49 15.60
C ASP B 316 6.90 14.54 16.65
N TYR B 317 5.64 15.00 16.60
CA TYR B 317 5.10 16.03 17.50
C TYR B 317 4.89 15.56 18.93
N LEU B 318 4.74 14.24 19.16
CA LEU B 318 4.55 13.67 20.50
C LEU B 318 5.87 13.36 21.24
N ASN B 319 7.03 13.40 20.54
CA ASN B 319 8.34 13.15 21.14
C ASN B 319 9.36 14.24 20.80
N ALA C 3 42.18 0.38 -3.52
CA ALA C 3 41.14 0.37 -4.54
C ALA C 3 39.78 0.75 -4.00
N LYS C 4 38.93 1.37 -4.86
CA LYS C 4 37.54 1.78 -4.59
C LYS C 4 36.72 0.59 -4.02
N SER C 5 36.81 -0.60 -4.70
CA SER C 5 36.12 -1.83 -4.29
C SER C 5 36.62 -2.41 -2.94
N ARG C 6 37.72 -1.83 -2.38
CA ARG C 6 38.29 -2.24 -1.09
C ARG C 6 38.45 -1.03 -0.10
N THR C 7 37.67 0.04 -0.29
CA THR C 7 37.69 1.21 0.59
C THR C 7 36.40 1.18 1.37
N ILE C 8 36.50 0.84 2.66
CA ILE C 8 35.33 0.58 3.51
C ILE C 8 35.14 1.56 4.65
N GLY C 9 33.87 1.82 4.94
CA GLY C 9 33.38 2.59 6.08
C GLY C 9 32.48 1.68 6.89
N ILE C 10 32.99 1.18 8.03
CA ILE C 10 32.28 0.22 8.91
C ILE C 10 31.35 0.91 9.90
N ILE C 11 30.07 0.45 9.95
CA ILE C 11 29.07 0.97 10.89
C ILE C 11 28.41 -0.18 11.66
N GLY C 12 28.51 -0.13 12.97
CA GLY C 12 27.85 -1.08 13.86
C GLY C 12 26.46 -0.56 14.16
N ALA C 13 25.47 -1.42 14.07
CA ALA C 13 24.08 -1.02 14.31
C ALA C 13 23.42 -2.02 15.30
N PRO C 14 23.76 -1.92 16.61
CA PRO C 14 23.22 -2.89 17.59
C PRO C 14 21.75 -2.64 17.91
N PHE C 15 20.87 -3.03 16.99
CA PHE C 15 19.44 -2.79 17.16
C PHE C 15 18.69 -4.11 17.04
N SER C 16 17.67 -4.31 17.87
CA SER C 16 16.91 -5.55 17.90
C SER C 16 15.40 -5.38 17.80
N LYS C 17 14.89 -4.19 18.12
CA LYS C 17 13.44 -3.89 18.24
C LYS C 17 12.62 -3.95 16.92
N GLY C 18 13.22 -4.37 15.81
CA GLY C 18 12.47 -4.64 14.58
C GLY C 18 11.90 -6.06 14.61
N GLN C 19 12.35 -6.88 15.57
CA GLN C 19 11.93 -8.26 15.73
C GLN C 19 11.75 -8.65 17.23
N PRO C 20 11.09 -9.80 17.57
CA PRO C 20 10.85 -10.08 19.00
C PRO C 20 11.96 -10.77 19.78
N ARG C 21 12.88 -11.50 19.10
CA ARG C 21 13.94 -12.26 19.78
C ARG C 21 15.17 -11.41 20.19
N GLY C 22 15.41 -11.28 21.49
CA GLY C 22 16.55 -10.53 21.97
C GLY C 22 17.87 -11.22 21.62
N GLY C 23 18.90 -10.40 21.38
CA GLY C 23 20.25 -10.88 21.10
C GLY C 23 20.87 -10.46 19.79
N VAL C 24 20.04 -10.10 18.78
CA VAL C 24 20.50 -9.66 17.46
C VAL C 24 21.28 -8.32 17.57
N GLU C 25 21.07 -7.55 18.68
CA GLU C 25 21.83 -6.33 18.97
C GLU C 25 23.31 -6.66 19.21
N GLU C 26 23.63 -7.92 19.56
CA GLU C 26 25.01 -8.39 19.80
C GLU C 26 25.71 -8.82 18.50
N GLY C 27 25.01 -8.74 17.37
CA GLY C 27 25.56 -9.04 16.05
C GLY C 27 26.85 -8.27 15.76
N PRO C 28 26.87 -6.91 15.90
CA PRO C 28 28.13 -6.18 15.68
C PRO C 28 29.25 -6.60 16.62
N THR C 29 28.93 -6.82 17.91
CA THR C 29 29.90 -7.26 18.91
C THR C 29 30.63 -8.53 18.47
N VAL C 30 29.88 -9.62 18.22
CA VAL C 30 30.45 -10.92 17.88
C VAL C 30 31.18 -10.88 16.52
N LEU C 31 30.67 -10.11 15.53
CA LEU C 31 31.36 -9.97 14.25
C LEU C 31 32.72 -9.24 14.40
N ARG C 32 32.79 -8.19 15.26
CA ARG C 32 34.06 -7.48 15.53
C ARG C 32 35.01 -8.45 16.29
N LYS C 33 34.48 -9.19 17.31
CA LYS C 33 35.23 -10.16 18.13
C LYS C 33 35.92 -11.24 17.29
N ALA C 34 35.29 -11.63 16.15
CA ALA C 34 35.80 -12.62 15.21
C ALA C 34 36.93 -12.09 14.29
N GLY C 35 37.39 -10.87 14.57
CA GLY C 35 38.48 -10.23 13.84
C GLY C 35 38.13 -9.79 12.44
N LEU C 36 36.86 -9.34 12.21
CA LEU C 36 36.39 -8.89 10.90
C LEU C 36 37.25 -7.76 10.33
N LEU C 37 37.44 -6.68 11.11
CA LEU C 37 38.24 -5.52 10.69
C LEU C 37 39.69 -5.88 10.35
N GLU C 38 40.33 -6.69 11.19
CA GLU C 38 41.70 -7.15 10.97
C GLU C 38 41.80 -8.00 9.68
N LYS C 39 40.86 -8.96 9.50
CA LYS C 39 40.77 -9.81 8.29
C LYS C 39 40.60 -8.98 7.01
N LEU C 40 39.82 -7.89 7.07
CA LEU C 40 39.62 -6.98 5.93
C LEU C 40 40.89 -6.25 5.63
N LYS C 41 41.58 -5.75 6.66
CA LYS C 41 42.86 -5.03 6.52
C LYS C 41 43.91 -5.94 5.91
N GLU C 42 43.94 -7.23 6.32
CA GLU C 42 44.84 -8.28 5.80
C GLU C 42 44.63 -8.55 4.31
N GLN C 43 43.45 -8.18 3.78
CA GLN C 43 43.01 -8.38 2.40
C GLN C 43 43.28 -7.18 1.52
N GLU C 44 44.10 -6.22 2.02
CA GLU C 44 44.46 -4.95 1.36
C GLU C 44 43.27 -3.96 1.32
N CYS C 45 42.42 -3.98 2.38
CA CYS C 45 41.30 -3.05 2.46
C CYS C 45 41.68 -1.85 3.29
N ASP C 46 41.27 -0.65 2.84
CA ASP C 46 41.44 0.60 3.58
C ASP C 46 40.15 0.73 4.37
N VAL C 47 40.20 0.35 5.64
CA VAL C 47 39.04 0.32 6.54
C VAL C 47 39.01 1.51 7.51
N LYS C 48 37.86 2.18 7.64
CA LYS C 48 37.61 3.23 8.62
C LYS C 48 36.37 2.80 9.41
N ASP C 49 36.53 2.73 10.73
CA ASP C 49 35.52 2.30 11.69
C ASP C 49 34.74 3.50 12.23
N TYR C 50 33.47 3.63 11.79
CA TYR C 50 32.59 4.73 12.19
C TYR C 50 31.88 4.44 13.52
N GLY C 51 32.27 3.34 14.19
CA GLY C 51 31.76 2.94 15.48
C GLY C 51 30.41 2.25 15.48
N ASP C 52 29.90 1.91 16.67
CA ASP C 52 28.58 1.31 16.89
C ASP C 52 27.63 2.45 17.24
N LEU C 53 26.51 2.57 16.52
CA LEU C 53 25.54 3.63 16.75
C LEU C 53 24.83 3.53 18.10
N PRO C 54 24.72 4.66 18.83
CA PRO C 54 23.98 4.64 20.10
C PRO C 54 22.47 4.71 19.80
N PHE C 55 21.73 3.67 20.19
CA PHE C 55 20.29 3.65 19.97
C PHE C 55 19.61 3.87 21.30
N ALA C 56 18.93 5.01 21.40
CA ALA C 56 18.27 5.43 22.63
C ALA C 56 16.97 4.72 22.86
N ASP C 57 16.71 4.33 24.11
CA ASP C 57 15.47 3.68 24.49
C ASP C 57 14.37 4.74 24.51
N ILE C 58 13.31 4.49 23.73
CA ILE C 58 12.18 5.41 23.64
C ILE C 58 11.10 4.92 24.59
N PRO C 59 10.81 5.68 25.68
CA PRO C 59 9.74 5.25 26.60
C PRO C 59 8.38 5.46 25.94
N ASN C 60 7.37 4.66 26.35
CA ASN C 60 5.98 4.72 25.85
C ASN C 60 5.87 4.48 24.33
N ASP C 61 6.72 3.58 23.78
CA ASP C 61 6.73 3.26 22.36
C ASP C 61 5.62 2.24 22.02
N SER C 62 4.37 2.73 22.11
CA SER C 62 3.12 2.01 21.88
C SER C 62 3.00 1.51 20.44
N PRO C 63 2.46 0.29 20.21
CA PRO C 63 2.34 -0.20 18.83
C PRO C 63 1.34 0.55 17.97
N PHE C 64 1.68 0.74 16.68
CA PHE C 64 0.82 1.38 15.68
C PHE C 64 0.06 0.20 15.08
N GLN C 65 -1.22 0.00 15.49
CA GLN C 65 -2.06 -1.16 15.13
C GLN C 65 -1.36 -2.41 15.70
N ILE C 66 -0.95 -3.39 14.87
CA ILE C 66 -0.26 -4.59 15.35
C ILE C 66 1.29 -4.46 15.22
N VAL C 67 1.76 -3.34 14.64
CA VAL C 67 3.17 -3.03 14.38
C VAL C 67 3.92 -2.65 15.67
N LYS C 68 4.85 -3.51 16.12
CA LYS C 68 5.62 -3.30 17.36
C LYS C 68 6.85 -2.39 17.20
N ASN C 69 7.09 -1.55 18.23
CA ASN C 69 8.24 -0.62 18.39
C ASN C 69 8.45 0.35 17.19
N PRO C 70 7.41 1.04 16.65
CA PRO C 70 7.64 1.88 15.46
C PRO C 70 8.55 3.09 15.63
N ARG C 71 8.51 3.75 16.80
CA ARG C 71 9.33 4.92 17.02
C ARG C 71 10.77 4.52 17.19
N SER C 72 11.02 3.41 17.87
CA SER C 72 12.37 2.90 18.05
C SER C 72 12.97 2.47 16.70
N VAL C 73 12.19 1.75 15.87
CA VAL C 73 12.59 1.30 14.52
C VAL C 73 12.77 2.48 13.54
N GLY C 74 11.84 3.43 13.59
CA GLY C 74 11.90 4.62 12.74
C GLY C 74 13.09 5.50 13.05
N LYS C 75 13.43 5.64 14.34
CA LYS C 75 14.56 6.46 14.81
C LYS C 75 15.91 5.82 14.58
N ALA C 76 16.01 4.50 14.84
CA ALA C 76 17.26 3.77 14.61
C ALA C 76 17.65 3.83 13.15
N SER C 77 16.67 3.74 12.24
CA SER C 77 16.86 3.80 10.77
C SER C 77 17.19 5.21 10.34
N GLU C 78 16.59 6.20 10.98
CA GLU C 78 16.84 7.60 10.65
C GLU C 78 18.28 7.93 10.99
N GLN C 79 18.78 7.48 12.17
CA GLN C 79 20.17 7.68 12.57
C GLN C 79 21.10 6.99 11.58
N LEU C 80 20.75 5.73 11.19
CA LEU C 80 21.56 4.94 10.25
C LEU C 80 21.60 5.55 8.86
N ALA C 81 20.48 6.18 8.43
CA ALA C 81 20.42 6.83 7.12
C ALA C 81 21.44 7.98 7.06
N GLY C 82 21.50 8.82 8.10
CA GLY C 82 22.48 9.90 8.19
C GLY C 82 23.91 9.40 8.24
N LYS C 83 24.17 8.28 8.95
CA LYS C 83 25.52 7.73 9.10
C LYS C 83 26.09 7.09 7.79
N VAL C 84 25.27 6.30 7.09
CA VAL C 84 25.59 5.69 5.79
C VAL C 84 25.83 6.81 4.77
N ALA C 85 24.99 7.86 4.81
CA ALA C 85 25.14 9.06 3.94
C ALA C 85 26.51 9.73 4.14
N GLU C 86 26.97 9.82 5.40
CA GLU C 86 28.26 10.39 5.76
C GLU C 86 29.42 9.51 5.24
N VAL C 87 29.30 8.16 5.33
CA VAL C 87 30.30 7.20 4.85
C VAL C 87 30.38 7.29 3.34
N LYS C 88 29.22 7.27 2.69
CA LYS C 88 29.12 7.38 1.24
C LYS C 88 29.72 8.69 0.71
N LYS C 89 29.61 9.80 1.47
CA LYS C 89 30.17 11.10 1.06
C LYS C 89 31.68 11.11 1.15
N ASN C 90 32.22 10.31 2.08
CA ASN C 90 33.65 10.10 2.27
C ASN C 90 34.29 9.18 1.22
N GLY C 91 33.50 8.75 0.21
CA GLY C 91 33.95 7.88 -0.87
C GLY C 91 34.35 6.48 -0.40
N ARG C 92 33.56 5.92 0.51
CA ARG C 92 33.84 4.61 1.06
C ARG C 92 32.60 3.75 0.85
N ILE C 93 32.78 2.43 0.77
CA ILE C 93 31.68 1.47 0.69
C ILE C 93 31.13 1.38 2.12
N SER C 94 29.81 1.60 2.30
CA SER C 94 29.26 1.47 3.65
C SER C 94 29.05 -0.02 3.98
N LEU C 95 29.46 -0.44 5.19
CA LEU C 95 29.34 -1.80 5.70
C LEU C 95 28.62 -1.76 7.03
N VAL C 96 27.36 -2.18 7.00
CA VAL C 96 26.48 -2.12 8.16
C VAL C 96 26.43 -3.47 8.84
N LEU C 97 26.83 -3.52 10.12
CA LEU C 97 26.78 -4.73 10.90
C LEU C 97 25.52 -4.64 11.74
N GLY C 98 24.58 -5.55 11.48
CA GLY C 98 23.33 -5.59 12.24
C GLY C 98 23.42 -6.55 13.41
N GLY C 99 22.39 -6.60 14.26
CA GLY C 99 21.16 -5.82 14.11
C GLY C 99 20.16 -6.50 13.19
N ASP C 100 18.88 -6.21 13.39
CA ASP C 100 17.84 -6.77 12.56
C ASP C 100 17.71 -5.99 11.22
N HIS C 101 17.02 -6.59 10.24
CA HIS C 101 16.86 -6.09 8.86
C HIS C 101 15.98 -4.85 8.69
N SER C 102 15.20 -4.45 9.69
CA SER C 102 14.41 -3.21 9.63
C SER C 102 15.37 -2.02 9.33
N LEU C 103 16.64 -2.14 9.81
CA LEU C 103 17.71 -1.18 9.61
C LEU C 103 18.00 -0.93 8.13
N ALA C 104 17.59 -1.86 7.22
CA ALA C 104 17.83 -1.64 5.78
C ALA C 104 17.12 -0.38 5.25
N ILE C 105 15.99 0.05 5.87
CA ILE C 105 15.27 1.30 5.55
C ILE C 105 16.29 2.44 5.62
N GLY C 106 17.06 2.49 6.71
CA GLY C 106 18.08 3.52 6.90
C GLY C 106 19.29 3.34 6.01
N SER C 107 19.79 2.10 5.92
CA SER C 107 20.97 1.77 5.11
C SER C 107 20.79 2.15 3.63
N ILE C 108 19.71 1.65 3.00
CA ILE C 108 19.41 1.96 1.59
C ILE C 108 19.04 3.48 1.40
N SER C 109 18.22 4.08 2.31
CA SER C 109 17.80 5.50 2.29
C SER C 109 18.99 6.41 2.32
N GLY C 110 19.96 6.13 3.22
CA GLY C 110 21.20 6.89 3.34
C GLY C 110 22.02 6.82 2.07
N HIS C 111 22.24 5.60 1.57
CA HIS C 111 22.98 5.29 0.35
C HIS C 111 22.37 5.99 -0.86
N ALA C 112 21.01 5.99 -0.96
CA ALA C 112 20.28 6.65 -2.04
C ALA C 112 20.46 8.20 -2.06
N ARG C 113 20.68 8.82 -0.90
CA ARG C 113 20.90 10.28 -0.81
C ARG C 113 22.16 10.72 -1.58
N VAL C 114 23.15 9.82 -1.66
CA VAL C 114 24.42 10.03 -2.38
C VAL C 114 24.37 9.38 -3.76
N HIS C 115 23.80 8.15 -3.86
CA HIS C 115 23.73 7.41 -5.12
C HIS C 115 22.30 7.02 -5.48
N PRO C 116 21.48 7.97 -5.99
CA PRO C 116 20.07 7.63 -6.27
C PRO C 116 19.85 6.61 -7.40
N ASP C 117 20.90 6.29 -8.16
CA ASP C 117 20.88 5.33 -9.27
C ASP C 117 21.27 3.91 -8.83
N LEU C 118 21.41 3.67 -7.50
CA LEU C 118 21.77 2.36 -6.97
C LEU C 118 20.71 1.25 -7.32
N GLY C 119 21.19 0.02 -7.39
CA GLY C 119 20.39 -1.19 -7.65
C GLY C 119 20.59 -2.06 -6.44
N VAL C 120 19.54 -2.78 -5.99
CA VAL C 120 19.62 -3.56 -4.74
C VAL C 120 19.56 -5.03 -5.02
N ILE C 121 20.47 -5.81 -4.39
CA ILE C 121 20.45 -7.28 -4.39
C ILE C 121 20.10 -7.63 -2.96
N TRP C 122 18.95 -8.31 -2.78
CA TRP C 122 18.41 -8.67 -1.47
C TRP C 122 18.51 -10.17 -1.33
N VAL C 123 19.43 -10.61 -0.48
CA VAL C 123 19.68 -12.05 -0.20
C VAL C 123 19.04 -12.35 1.12
N ASP C 124 17.99 -13.19 1.07
CA ASP C 124 17.13 -13.46 2.23
C ASP C 124 16.25 -14.67 1.95
N ALA C 125 15.72 -15.29 3.01
CA ALA C 125 14.74 -16.37 2.85
C ALA C 125 13.35 -15.69 2.70
N HIS C 126 13.28 -14.41 3.05
CA HIS C 126 12.04 -13.63 3.09
C HIS C 126 12.04 -12.40 2.17
N THR C 127 10.88 -11.96 1.69
CA THR C 127 10.85 -10.74 0.86
C THR C 127 11.00 -9.46 1.69
N ASP C 128 10.56 -9.47 2.98
CA ASP C 128 10.58 -8.31 3.90
C ASP C 128 9.86 -7.09 3.26
N ILE C 129 8.79 -7.34 2.52
CA ILE C 129 8.03 -6.33 1.74
C ILE C 129 6.60 -6.15 2.25
N ASN C 130 6.29 -6.67 3.45
CA ASN C 130 4.96 -6.46 4.07
C ASN C 130 4.82 -4.98 4.33
N THR C 131 3.58 -4.46 4.29
CA THR C 131 3.35 -3.07 4.65
C THR C 131 2.85 -3.10 6.11
N PRO C 132 2.67 -1.94 6.79
CA PRO C 132 2.10 -1.97 8.14
C PRO C 132 0.69 -2.55 8.20
N LEU C 133 0.04 -2.71 7.01
CA LEU C 133 -1.31 -3.24 6.86
C LEU C 133 -1.35 -4.70 6.36
N THR C 134 -0.35 -5.16 5.57
CA THR C 134 -0.30 -6.57 5.11
C THR C 134 0.37 -7.49 6.14
N THR C 135 1.30 -6.94 6.99
CA THR C 135 2.02 -7.71 8.03
C THR C 135 1.07 -8.50 8.95
N THR C 136 1.45 -9.76 9.26
CA THR C 136 0.68 -10.62 10.16
C THR C 136 1.47 -10.82 11.45
N SER C 137 2.81 -10.73 11.36
CA SER C 137 3.70 -10.84 12.50
C SER C 137 3.73 -9.56 13.32
N GLY C 138 3.65 -8.40 12.63
CA GLY C 138 3.70 -7.07 13.23
C GLY C 138 5.12 -6.60 13.46
N ASN C 139 6.12 -7.37 12.97
CA ASN C 139 7.55 -7.10 13.15
C ASN C 139 8.13 -6.31 11.99
N LEU C 140 8.67 -5.14 12.28
CA LEU C 140 9.16 -4.21 11.25
C LEU C 140 10.34 -4.74 10.39
N HIS C 141 11.08 -5.77 10.87
CA HIS C 141 12.20 -6.39 10.13
C HIS C 141 11.71 -7.16 8.86
N GLY C 142 10.40 -7.42 8.78
CA GLY C 142 9.72 -8.03 7.64
C GLY C 142 8.97 -7.02 6.79
N GLN C 143 9.22 -5.74 7.02
CA GLN C 143 8.58 -4.63 6.33
C GLN C 143 9.51 -3.62 5.63
N PRO C 144 10.88 -3.65 5.73
CA PRO C 144 11.68 -2.54 5.19
C PRO C 144 11.53 -2.24 3.71
N VAL C 145 11.27 -3.26 2.87
CA VAL C 145 11.20 -3.03 1.42
C VAL C 145 9.98 -2.18 1.06
N SER C 146 8.84 -2.37 1.73
CA SER C 146 7.63 -1.57 1.44
C SER C 146 7.84 -0.06 1.66
N PHE C 147 8.63 0.29 2.68
CA PHE C 147 8.90 1.70 3.02
C PHE C 147 9.76 2.38 1.97
N LEU C 148 10.61 1.60 1.28
CA LEU C 148 11.56 2.08 0.28
C LEU C 148 11.06 2.13 -1.15
N LEU C 149 9.99 1.37 -1.46
CA LEU C 149 9.47 1.27 -2.82
C LEU C 149 8.60 2.44 -3.24
N LYS C 150 8.98 3.09 -4.34
CA LYS C 150 8.24 4.24 -4.90
C LYS C 150 6.84 3.86 -5.35
N GLU C 151 6.67 2.64 -5.89
CA GLU C 151 5.38 2.13 -6.36
C GLU C 151 4.39 1.87 -5.21
N LEU C 152 4.89 1.87 -3.97
CA LEU C 152 4.06 1.63 -2.79
C LEU C 152 3.70 2.90 -2.03
N LYS C 153 4.16 4.08 -2.53
CA LYS C 153 3.85 5.36 -1.93
C LYS C 153 2.35 5.59 -2.17
N GLY C 154 1.65 5.86 -1.08
CA GLY C 154 0.19 6.01 -1.11
C GLY C 154 -0.49 4.80 -0.50
N LYS C 155 0.24 3.66 -0.46
CA LYS C 155 -0.23 2.40 0.12
C LYS C 155 0.37 2.21 1.52
N ILE C 156 1.31 3.08 1.94
CA ILE C 156 1.96 2.97 3.25
C ILE C 156 1.37 4.04 4.18
N PRO C 157 0.68 3.65 5.26
CA PRO C 157 0.12 4.65 6.18
C PRO C 157 1.20 5.41 6.97
N ASP C 158 0.85 6.58 7.53
CA ASP C 158 1.77 7.41 8.33
C ASP C 158 2.02 6.71 9.66
N VAL C 159 3.20 6.06 9.77
CA VAL C 159 3.60 5.29 10.95
C VAL C 159 4.46 6.20 11.84
N PRO C 160 4.20 6.33 13.17
CA PRO C 160 5.04 7.23 13.98
C PRO C 160 6.49 6.79 13.95
N GLY C 161 7.37 7.75 13.64
CA GLY C 161 8.81 7.57 13.56
C GLY C 161 9.34 7.41 12.15
N PHE C 162 8.44 7.37 11.14
CA PHE C 162 8.79 7.14 9.73
C PHE C 162 8.50 8.33 8.81
N SER C 163 8.17 9.48 9.40
CA SER C 163 7.85 10.74 8.72
C SER C 163 8.98 11.21 7.78
N TRP C 164 10.23 10.90 8.16
CA TRP C 164 11.45 11.25 7.44
C TRP C 164 11.64 10.44 6.14
N VAL C 165 11.07 9.23 6.06
CA VAL C 165 11.20 8.32 4.91
C VAL C 165 10.60 8.86 3.62
N THR C 166 11.39 8.85 2.57
CA THR C 166 10.96 9.17 1.22
C THR C 166 11.34 7.94 0.36
N PRO C 167 10.38 7.20 -0.25
CA PRO C 167 10.74 6.01 -1.04
C PRO C 167 11.79 6.33 -2.11
N CYS C 168 12.86 5.53 -2.17
CA CYS C 168 13.99 5.84 -3.04
C CYS C 168 14.30 4.80 -4.10
N ILE C 169 13.62 3.66 -4.09
CA ILE C 169 13.93 2.64 -5.09
C ILE C 169 12.71 2.22 -5.86
N SER C 170 12.89 2.03 -7.17
CA SER C 170 11.82 1.55 -8.02
C SER C 170 11.81 0.03 -7.99
N ALA C 171 10.62 -0.54 -8.20
CA ALA C 171 10.38 -1.99 -8.23
C ALA C 171 11.35 -2.70 -9.18
N LYS C 172 11.71 -2.00 -10.28
CA LYS C 172 12.62 -2.50 -11.32
C LYS C 172 14.08 -2.45 -10.90
N ASP C 173 14.39 -1.86 -9.73
CA ASP C 173 15.77 -1.71 -9.23
C ASP C 173 16.15 -2.66 -8.08
N ILE C 174 15.40 -3.74 -7.90
CA ILE C 174 15.64 -4.72 -6.83
C ILE C 174 15.59 -6.14 -7.35
N VAL C 175 16.52 -6.97 -6.87
CA VAL C 175 16.60 -8.39 -7.21
C VAL C 175 16.70 -9.20 -5.92
N TYR C 176 15.77 -10.14 -5.75
CA TYR C 176 15.72 -11.04 -4.61
C TYR C 176 16.43 -12.33 -4.94
N ILE C 177 17.20 -12.86 -3.97
CA ILE C 177 17.86 -14.15 -4.12
C ILE C 177 17.69 -14.98 -2.85
N GLY C 178 17.14 -16.19 -2.99
CA GLY C 178 16.99 -17.16 -1.90
C GLY C 178 15.65 -17.30 -1.22
N LEU C 179 14.60 -16.65 -1.77
CA LEU C 179 13.25 -16.64 -1.21
C LEU C 179 12.68 -18.01 -0.96
N ARG C 180 12.06 -18.22 0.20
CA ARG C 180 11.38 -19.48 0.49
C ARG C 180 10.31 -19.41 1.61
N ASP C 181 10.03 -18.22 2.13
CA ASP C 181 9.03 -18.03 3.19
C ASP C 181 8.43 -16.64 3.05
N VAL C 182 7.66 -16.50 1.97
CA VAL C 182 7.00 -15.28 1.52
C VAL C 182 5.52 -15.36 1.93
N ASP C 183 4.99 -14.30 2.60
CA ASP C 183 3.58 -14.24 2.99
C ASP C 183 2.67 -14.01 1.77
N PRO C 184 1.36 -14.40 1.84
CA PRO C 184 0.44 -14.12 0.71
C PRO C 184 0.39 -12.65 0.29
N GLY C 185 0.33 -11.74 1.27
CA GLY C 185 0.34 -10.29 1.03
C GLY C 185 1.61 -9.88 0.31
N GLU C 186 2.77 -10.42 0.73
CA GLU C 186 4.08 -10.15 0.09
C GLU C 186 4.16 -10.66 -1.33
N HIS C 187 3.72 -11.91 -1.56
CA HIS C 187 3.68 -12.56 -2.87
C HIS C 187 2.74 -11.78 -3.78
N TYR C 188 1.59 -11.30 -3.24
CA TYR C 188 0.69 -10.43 -4.00
C TYR C 188 1.48 -9.19 -4.50
N ILE C 189 2.24 -8.52 -3.61
CA ILE C 189 3.03 -7.32 -3.94
C ILE C 189 4.09 -7.62 -5.02
N LEU C 190 4.89 -8.68 -4.79
CA LEU C 190 5.96 -9.21 -5.64
C LEU C 190 5.47 -9.46 -7.08
N LYS C 191 4.28 -10.08 -7.23
CA LYS C 191 3.66 -10.38 -8.53
C LYS C 191 3.07 -9.17 -9.23
N THR C 192 2.27 -8.36 -8.52
CA THR C 192 1.58 -7.19 -9.09
C THR C 192 2.52 -6.03 -9.45
N LEU C 193 3.71 -5.97 -8.80
CA LEU C 193 4.71 -4.93 -9.06
C LEU C 193 5.74 -5.35 -10.13
N GLY C 194 5.83 -6.65 -10.41
CA GLY C 194 6.74 -7.22 -11.41
C GLY C 194 8.19 -7.17 -10.97
N ILE C 195 8.44 -7.38 -9.66
CA ILE C 195 9.79 -7.41 -9.09
C ILE C 195 10.56 -8.65 -9.52
N LYS C 196 11.82 -8.49 -9.94
CA LYS C 196 12.69 -9.61 -10.32
C LYS C 196 13.08 -10.38 -9.06
N TYR C 197 12.93 -11.70 -9.12
CA TYR C 197 13.28 -12.55 -8.00
C TYR C 197 13.76 -13.90 -8.45
N PHE C 198 14.57 -14.52 -7.60
CA PHE C 198 15.06 -15.86 -7.77
C PHE C 198 14.79 -16.51 -6.42
N SER C 199 13.63 -17.20 -6.32
CA SER C 199 13.30 -17.91 -5.10
C SER C 199 14.16 -19.19 -5.13
N MET C 200 14.15 -19.99 -4.05
CA MET C 200 14.90 -21.25 -4.04
C MET C 200 14.54 -22.10 -5.26
N THR C 201 13.28 -22.01 -5.70
CA THR C 201 12.80 -22.73 -6.90
C THR C 201 13.63 -22.32 -8.13
N GLU C 202 13.89 -21.02 -8.32
CA GLU C 202 14.67 -20.54 -9.47
C GLU C 202 16.17 -20.93 -9.36
N VAL C 203 16.73 -20.91 -8.15
CA VAL C 203 18.11 -21.32 -7.88
C VAL C 203 18.27 -22.79 -8.20
N ASP C 204 17.29 -23.63 -7.82
CA ASP C 204 17.34 -25.07 -8.08
C ASP C 204 17.29 -25.32 -9.58
N ARG C 205 16.39 -24.59 -10.27
CA ARG C 205 16.20 -24.69 -11.72
C ARG C 205 17.44 -24.29 -12.50
N LEU C 206 17.91 -23.08 -12.26
CA LEU C 206 18.99 -22.39 -12.98
C LEU C 206 20.41 -22.68 -12.55
N GLY C 207 20.62 -22.84 -11.25
CA GLY C 207 21.96 -22.96 -10.70
C GLY C 207 22.38 -21.54 -10.33
N ILE C 208 23.21 -21.37 -9.30
CA ILE C 208 23.62 -20.05 -8.81
C ILE C 208 24.46 -19.27 -9.89
N GLY C 209 25.11 -19.99 -10.81
CA GLY C 209 25.83 -19.36 -11.91
C GLY C 209 24.91 -18.58 -12.81
N LYS C 210 23.81 -19.22 -13.27
CA LYS C 210 22.81 -18.56 -14.13
C LYS C 210 22.07 -17.43 -13.40
N VAL C 211 21.70 -17.64 -12.12
CA VAL C 211 21.05 -16.64 -11.26
C VAL C 211 21.93 -15.37 -11.20
N MET C 212 23.22 -15.53 -10.90
CA MET C 212 24.13 -14.38 -10.80
C MET C 212 24.35 -13.67 -12.14
N GLU C 213 24.48 -14.45 -13.23
CA GLU C 213 24.65 -13.89 -14.58
C GLU C 213 23.42 -13.02 -14.94
N GLU C 214 22.21 -13.52 -14.64
CA GLU C 214 20.95 -12.84 -14.90
C GLU C 214 20.72 -11.64 -13.95
N THR C 215 21.05 -11.77 -12.65
CA THR C 215 20.92 -10.68 -11.67
C THR C 215 21.74 -9.45 -12.07
N LEU C 216 23.02 -9.64 -12.45
CA LEU C 216 23.93 -8.53 -12.83
C LEU C 216 23.56 -7.90 -14.15
N SER C 217 23.19 -8.69 -15.18
CA SER C 217 22.70 -8.19 -16.48
C SER C 217 21.43 -7.32 -16.30
N TYR C 218 20.51 -7.79 -15.47
CA TYR C 218 19.26 -7.12 -15.16
C TYR C 218 19.51 -5.76 -14.54
N LEU C 219 20.43 -5.69 -13.57
CA LEU C 219 20.67 -4.38 -12.97
C LEU C 219 21.66 -3.53 -13.76
N LEU C 220 22.66 -4.16 -14.39
CA LEU C 220 23.78 -3.45 -15.01
C LEU C 220 23.81 -3.33 -16.54
N GLY C 221 23.05 -4.16 -17.24
CA GLY C 221 23.00 -4.25 -18.71
C GLY C 221 22.97 -2.97 -19.52
N ARG C 222 22.21 -1.96 -19.04
CA ARG C 222 22.06 -0.67 -19.70
C ARG C 222 23.39 0.10 -19.64
N LYS C 223 23.96 0.22 -18.43
CA LYS C 223 25.21 0.90 -18.10
C LYS C 223 25.59 0.62 -16.65
N LYS C 224 26.85 0.85 -16.30
CA LYS C 224 27.34 0.66 -14.94
C LYS C 224 26.63 1.59 -13.98
N ARG C 225 26.21 1.04 -12.84
CA ARG C 225 25.50 1.75 -11.76
C ARG C 225 25.87 1.17 -10.37
N PRO C 226 25.75 1.93 -9.25
CA PRO C 226 26.15 1.37 -7.95
C PRO C 226 25.24 0.23 -7.46
N ILE C 227 25.82 -0.72 -6.72
CA ILE C 227 25.11 -1.88 -6.18
C ILE C 227 25.06 -1.86 -4.66
N HIS C 228 23.85 -2.09 -4.10
CA HIS C 228 23.68 -2.22 -2.66
C HIS C 228 23.30 -3.68 -2.38
N LEU C 229 24.15 -4.36 -1.62
CA LEU C 229 23.83 -5.73 -1.25
C LEU C 229 23.30 -5.75 0.16
N SER C 230 22.06 -6.26 0.33
CA SER C 230 21.45 -6.40 1.63
C SER C 230 21.34 -7.90 1.93
N PHE C 231 22.24 -8.35 2.80
CA PHE C 231 22.37 -9.76 3.13
C PHE C 231 21.76 -10.11 4.48
N ASP C 232 20.69 -10.90 4.45
CA ASP C 232 20.08 -11.46 5.66
C ASP C 232 20.70 -12.84 5.77
N VAL C 233 21.42 -13.13 6.89
CA VAL C 233 22.09 -14.42 7.07
C VAL C 233 21.09 -15.63 7.00
N ASP C 234 19.77 -15.40 7.29
CA ASP C 234 18.74 -16.43 7.16
C ASP C 234 18.48 -16.81 5.67
N GLY C 235 19.13 -16.11 4.73
CA GLY C 235 19.10 -16.48 3.31
C GLY C 235 19.83 -17.80 3.12
N LEU C 236 20.88 -18.03 3.96
CA LEU C 236 21.62 -19.28 3.90
C LEU C 236 20.89 -20.32 4.70
N ASP C 237 21.08 -21.61 4.34
CA ASP C 237 20.46 -22.74 5.05
C ASP C 237 20.83 -22.72 6.54
N PRO C 238 19.89 -23.04 7.46
CA PRO C 238 20.23 -23.04 8.90
C PRO C 238 21.35 -24.02 9.29
N SER C 239 21.77 -24.96 8.39
CA SER C 239 22.95 -25.81 8.70
C SER C 239 24.25 -24.93 8.64
N PHE C 240 24.15 -23.73 8.04
CA PHE C 240 25.29 -22.79 7.91
C PHE C 240 25.16 -21.60 8.85
N THR C 241 23.95 -21.02 8.93
CA THR C 241 23.70 -19.87 9.78
C THR C 241 22.55 -20.17 10.77
N PRO C 242 22.72 -21.13 11.71
CA PRO C 242 21.64 -21.43 12.68
C PRO C 242 21.30 -20.31 13.68
N ALA C 243 22.29 -19.51 14.07
CA ALA C 243 22.15 -18.43 15.05
C ALA C 243 21.49 -17.17 14.46
N THR C 244 20.20 -17.30 14.10
CA THR C 244 19.38 -16.26 13.47
C THR C 244 17.92 -16.46 13.90
N GLY C 245 17.18 -15.35 13.96
CA GLY C 245 15.81 -15.31 14.44
C GLY C 245 14.75 -16.11 13.72
N THR C 246 14.80 -16.09 12.37
CA THR C 246 13.78 -16.72 11.56
C THR C 246 14.41 -17.70 10.57
N PRO C 247 14.92 -18.86 11.04
CA PRO C 247 15.55 -19.81 10.12
C PRO C 247 14.50 -20.56 9.33
N VAL C 248 14.83 -20.85 8.05
CA VAL C 248 13.94 -21.56 7.14
C VAL C 248 14.76 -22.64 6.44
N VAL C 249 14.32 -23.90 6.53
CA VAL C 249 14.98 -25.04 5.89
C VAL C 249 15.06 -24.87 4.36
N GLY C 250 16.02 -25.54 3.74
CA GLY C 250 16.20 -25.56 2.30
C GLY C 250 16.74 -24.27 1.70
N GLY C 251 17.68 -23.64 2.41
CA GLY C 251 18.25 -22.38 1.94
C GLY C 251 19.46 -22.49 1.05
N LEU C 252 20.04 -21.33 0.71
CA LEU C 252 21.28 -21.27 -0.07
C LEU C 252 22.40 -21.97 0.71
N THR C 253 23.34 -22.59 0.00
CA THR C 253 24.47 -23.24 0.66
C THR C 253 25.57 -22.20 0.96
N TYR C 254 26.56 -22.58 1.76
CA TYR C 254 27.72 -21.74 2.07
C TYR C 254 28.43 -21.38 0.74
N ARG C 255 28.61 -22.38 -0.15
CA ARG C 255 29.20 -22.20 -1.50
C ARG C 255 28.39 -21.16 -2.37
N GLU C 256 27.06 -21.34 -2.47
CA GLU C 256 26.18 -20.41 -3.20
C GLU C 256 26.29 -18.96 -2.62
N GLY C 257 26.30 -18.84 -1.29
CA GLY C 257 26.50 -17.55 -0.60
C GLY C 257 27.81 -16.90 -0.99
N LEU C 258 28.92 -17.68 -0.98
CA LEU C 258 30.26 -17.20 -1.37
C LEU C 258 30.28 -16.86 -2.87
N TYR C 259 29.59 -17.66 -3.70
CA TYR C 259 29.47 -17.40 -5.14
C TYR C 259 28.83 -16.05 -5.46
N ILE C 260 27.63 -15.78 -4.89
CA ILE C 260 26.90 -14.51 -5.04
C ILE C 260 27.87 -13.30 -4.76
N THR C 261 28.58 -13.33 -3.61
CA THR C 261 29.42 -12.24 -3.15
C THR C 261 30.72 -12.12 -3.93
N GLU C 262 31.33 -13.27 -4.37
CA GLU C 262 32.53 -13.22 -5.24
C GLU C 262 32.21 -12.52 -6.59
N GLU C 263 31.03 -12.80 -7.19
CA GLU C 263 30.56 -12.22 -8.46
C GLU C 263 30.23 -10.73 -8.31
N ILE C 264 29.60 -10.34 -7.18
CA ILE C 264 29.30 -8.94 -6.92
C ILE C 264 30.64 -8.22 -6.75
N TYR C 265 31.58 -8.80 -5.98
CA TYR C 265 32.90 -8.17 -5.82
C TYR C 265 33.49 -7.84 -7.17
N LYS C 266 33.55 -8.85 -8.07
CA LYS C 266 34.14 -8.79 -9.41
C LYS C 266 33.66 -7.63 -10.27
N THR C 267 32.40 -7.21 -10.12
CA THR C 267 31.86 -6.09 -10.93
C THR C 267 32.56 -4.76 -10.65
N GLY C 268 33.08 -4.61 -9.43
CA GLY C 268 33.75 -3.41 -8.93
C GLY C 268 32.73 -2.35 -8.54
N LEU C 269 31.45 -2.74 -8.49
CA LEU C 269 30.34 -1.81 -8.29
C LEU C 269 29.69 -1.85 -6.93
N LEU C 270 30.13 -2.73 -5.99
CA LEU C 270 29.58 -2.73 -4.63
C LEU C 270 29.79 -1.36 -3.98
N SER C 271 28.72 -0.73 -3.48
CA SER C 271 28.81 0.61 -2.91
C SER C 271 28.28 0.63 -1.51
N GLY C 272 27.44 -0.33 -1.19
CA GLY C 272 26.81 -0.47 0.12
C GLY C 272 26.54 -1.91 0.43
N LEU C 273 26.75 -2.30 1.71
CA LEU C 273 26.55 -3.67 2.18
C LEU C 273 25.90 -3.75 3.57
N ASP C 274 24.93 -4.69 3.75
CA ASP C 274 24.26 -4.97 5.05
C ASP C 274 24.50 -6.42 5.42
N ILE C 275 24.99 -6.68 6.64
CA ILE C 275 25.19 -8.07 7.07
C ILE C 275 24.28 -8.17 8.26
N MET C 276 23.04 -8.67 8.02
CA MET C 276 21.99 -8.64 9.04
C MET C 276 21.53 -9.96 9.62
N GLU C 277 20.82 -9.84 10.77
CA GLU C 277 20.11 -10.88 11.50
C GLU C 277 20.99 -11.92 12.20
N VAL C 278 22.28 -11.60 12.48
CA VAL C 278 23.13 -12.52 13.21
C VAL C 278 22.71 -12.39 14.68
N ASN C 279 22.17 -13.48 15.27
CA ASN C 279 21.77 -13.47 16.68
C ASN C 279 22.56 -14.54 17.47
N PRO C 280 23.59 -14.11 18.23
CA PRO C 280 24.42 -15.07 18.97
C PRO C 280 23.77 -15.73 20.21
N SER C 281 22.62 -15.18 20.67
CA SER C 281 21.90 -15.79 21.80
C SER C 281 20.97 -16.94 21.32
N LEU C 282 20.84 -17.14 19.99
CA LEU C 282 20.01 -18.18 19.38
C LEU C 282 20.76 -19.46 18.93
N GLY C 283 22.06 -19.52 19.15
CA GLY C 283 22.79 -20.75 18.84
C GLY C 283 22.52 -21.78 19.92
N LYS C 284 22.02 -22.99 19.54
CA LYS C 284 21.73 -24.09 20.49
C LYS C 284 22.99 -24.59 21.20
N THR C 285 24.15 -24.40 20.58
CA THR C 285 25.46 -24.78 21.12
C THR C 285 26.39 -23.57 20.87
N PRO C 286 27.53 -23.39 21.60
CA PRO C 286 28.44 -22.30 21.24
C PRO C 286 29.02 -22.46 19.83
N GLU C 287 29.13 -23.72 19.33
CA GLU C 287 29.65 -24.01 17.99
C GLU C 287 28.69 -23.49 16.92
N GLU C 288 27.39 -23.47 17.20
CA GLU C 288 26.40 -22.97 16.25
C GLU C 288 26.58 -21.47 16.04
N VAL C 289 26.86 -20.72 17.12
CA VAL C 289 27.13 -19.28 17.08
C VAL C 289 28.41 -19.04 16.26
N THR C 290 29.51 -19.75 16.59
CA THR C 290 30.81 -19.64 15.90
C THR C 290 30.69 -19.98 14.42
N ARG C 291 29.88 -20.99 14.08
CA ARG C 291 29.62 -21.39 12.69
C ARG C 291 28.91 -20.25 11.92
N THR C 292 27.87 -19.64 12.55
CA THR C 292 27.08 -18.52 11.98
C THR C 292 27.96 -17.30 11.79
N VAL C 293 28.77 -17.01 12.81
CA VAL C 293 29.65 -15.86 12.78
C VAL C 293 30.73 -16.01 11.70
N ASN C 294 31.40 -17.18 11.66
CA ASN C 294 32.41 -17.48 10.66
C ASN C 294 31.82 -17.41 9.28
N THR C 295 30.60 -17.96 9.09
CA THR C 295 29.95 -17.87 7.77
C THR C 295 29.73 -16.40 7.40
N ALA C 296 29.14 -15.60 8.30
CA ALA C 296 28.91 -14.18 8.07
C ALA C 296 30.23 -13.40 7.75
N VAL C 297 31.35 -13.72 8.45
CA VAL C 297 32.66 -13.11 8.21
C VAL C 297 33.19 -13.52 6.80
N ALA C 298 32.98 -14.78 6.41
CA ALA C 298 33.40 -15.27 5.09
C ALA C 298 32.64 -14.59 3.93
N ILE C 299 31.33 -14.36 4.12
CA ILE C 299 30.48 -13.67 3.12
C ILE C 299 31.01 -12.23 2.93
N THR C 300 31.25 -11.50 4.04
CA THR C 300 31.78 -10.13 4.00
C THR C 300 33.14 -10.03 3.31
N LEU C 301 34.09 -10.93 3.64
CA LEU C 301 35.43 -10.92 3.02
C LEU C 301 35.38 -11.12 1.50
N ALA C 302 34.47 -12.00 1.05
CA ALA C 302 34.26 -12.26 -0.37
C ALA C 302 33.68 -11.03 -1.06
N CYS C 303 32.93 -10.19 -0.31
CA CYS C 303 32.41 -8.92 -0.85
C CYS C 303 33.54 -7.95 -1.16
N PHE C 304 34.73 -8.11 -0.49
CA PHE C 304 35.89 -7.21 -0.64
C PHE C 304 37.19 -7.89 -1.16
N GLY C 305 37.03 -8.88 -2.04
CA GLY C 305 38.15 -9.47 -2.76
C GLY C 305 38.57 -10.89 -2.53
N LEU C 306 38.31 -11.43 -1.33
CA LEU C 306 38.73 -12.79 -1.02
C LEU C 306 38.09 -13.81 -1.97
N ALA C 307 38.95 -14.52 -2.69
CA ALA C 307 38.57 -15.46 -3.72
C ALA C 307 39.00 -16.84 -3.37
N ARG C 308 38.11 -17.81 -3.65
CA ARG C 308 38.40 -19.19 -3.38
C ARG C 308 39.56 -19.74 -4.28
N GLU C 309 39.71 -19.24 -5.50
CA GLU C 309 40.84 -19.64 -6.36
C GLU C 309 42.19 -19.15 -5.79
N GLY C 310 42.14 -18.14 -4.91
CA GLY C 310 43.30 -17.55 -4.27
C GLY C 310 43.45 -16.09 -4.63
N ASN C 311 44.27 -15.36 -3.87
CA ASN C 311 44.57 -13.93 -4.03
C ASN C 311 46.08 -13.79 -3.92
N HIS C 312 46.65 -12.75 -4.52
CA HIS C 312 48.08 -12.45 -4.38
C HIS C 312 48.36 -10.95 -4.54
N LYS C 313 49.43 -10.47 -3.88
CA LYS C 313 49.87 -9.06 -3.96
C LYS C 313 50.61 -8.82 -5.30
N PRO C 314 50.63 -7.59 -5.87
CA PRO C 314 51.32 -7.39 -7.15
C PRO C 314 52.85 -7.27 -7.02
N ILE C 315 53.48 -8.42 -6.69
CA ILE C 315 54.92 -8.65 -6.50
C ILE C 315 55.27 -10.00 -7.14
N ASP C 316 56.58 -10.30 -7.29
CA ASP C 316 57.02 -11.56 -7.88
C ASP C 316 57.42 -12.55 -6.81
N TYR C 317 56.57 -13.56 -6.62
CA TYR C 317 56.75 -14.61 -5.61
C TYR C 317 57.84 -15.64 -5.99
N LEU C 318 58.17 -15.76 -7.29
CA LEU C 318 59.17 -16.68 -7.83
C LEU C 318 60.59 -16.05 -7.91
N ASN C 319 60.72 -14.78 -7.49
CA ASN C 319 61.97 -14.00 -7.49
C ASN C 319 62.31 -13.56 -6.06
N ALA D 3 -10.93 -26.99 -7.21
CA ALA D 3 -9.80 -27.05 -8.16
C ALA D 3 -9.25 -28.48 -8.23
N LYS D 4 -9.19 -29.06 -9.45
CA LYS D 4 -8.73 -30.44 -9.70
C LYS D 4 -7.40 -30.81 -9.03
N SER D 5 -6.35 -29.98 -9.22
CA SER D 5 -5.02 -30.23 -8.67
C SER D 5 -4.96 -30.02 -7.12
N ARG D 6 -6.08 -29.61 -6.50
CA ARG D 6 -6.19 -29.40 -5.05
C ARG D 6 -7.41 -30.15 -4.41
N THR D 7 -8.00 -31.13 -5.13
CA THR D 7 -9.10 -31.99 -4.64
C THR D 7 -8.45 -33.38 -4.35
N ILE D 8 -8.45 -33.80 -3.08
CA ILE D 8 -7.71 -34.96 -2.56
C ILE D 8 -8.52 -35.97 -1.72
N GLY D 9 -8.16 -37.23 -1.86
CA GLY D 9 -8.68 -38.37 -1.12
C GLY D 9 -7.52 -39.09 -0.47
N ILE D 10 -7.47 -39.04 0.88
CA ILE D 10 -6.42 -39.65 1.67
C ILE D 10 -6.76 -41.10 1.91
N ILE D 11 -5.80 -41.99 1.66
CA ILE D 11 -5.91 -43.40 1.95
C ILE D 11 -4.74 -43.81 2.83
N GLY D 12 -5.05 -44.19 4.07
CA GLY D 12 -4.06 -44.74 4.97
C GLY D 12 -3.91 -46.22 4.66
N ALA D 13 -2.67 -46.66 4.33
CA ALA D 13 -2.37 -48.06 4.02
C ALA D 13 -1.28 -48.52 5.00
N PRO D 14 -1.67 -48.80 6.28
CA PRO D 14 -0.67 -49.19 7.28
C PRO D 14 -0.27 -50.66 7.07
N PHE D 15 0.68 -50.86 6.13
CA PHE D 15 1.18 -52.19 5.74
C PHE D 15 2.71 -52.22 5.75
N SER D 16 3.29 -53.31 6.30
CA SER D 16 4.74 -53.46 6.48
C SER D 16 5.33 -54.72 5.90
N LYS D 17 4.50 -55.74 5.64
CA LYS D 17 4.98 -57.05 5.23
C LYS D 17 5.64 -57.10 3.84
N GLY D 18 5.77 -55.97 3.15
CA GLY D 18 6.53 -55.93 1.90
C GLY D 18 8.03 -55.86 2.15
N GLN D 19 8.43 -55.76 3.44
CA GLN D 19 9.83 -55.60 3.88
C GLN D 19 10.02 -56.16 5.31
N PRO D 20 11.27 -56.34 5.82
CA PRO D 20 11.44 -57.01 7.13
C PRO D 20 11.40 -56.15 8.39
N ARG D 21 11.50 -54.81 8.26
CA ARG D 21 11.60 -53.91 9.41
C ARG D 21 10.28 -53.36 9.91
N GLY D 22 9.91 -53.77 11.11
CA GLY D 22 8.69 -53.33 11.78
C GLY D 22 8.63 -51.83 11.96
N GLY D 23 7.40 -51.29 12.00
CA GLY D 23 7.15 -49.88 12.24
C GLY D 23 6.63 -49.04 11.08
N VAL D 24 6.91 -49.44 9.81
CA VAL D 24 6.50 -48.71 8.61
C VAL D 24 4.96 -48.59 8.51
N GLU D 25 4.21 -49.53 9.12
CA GLU D 25 2.74 -49.50 9.15
C GLU D 25 2.27 -48.26 9.95
N GLU D 26 3.15 -47.67 10.80
CA GLU D 26 2.84 -46.46 11.60
C GLU D 26 2.93 -45.15 10.80
N GLY D 27 3.46 -45.22 9.58
CA GLY D 27 3.58 -44.10 8.65
C GLY D 27 2.33 -43.23 8.54
N PRO D 28 1.11 -43.77 8.30
CA PRO D 28 -0.07 -42.88 8.14
C PRO D 28 -0.49 -42.19 9.44
N THR D 29 -0.24 -42.83 10.61
CA THR D 29 -0.58 -42.27 11.92
C THR D 29 0.28 -41.06 12.20
N VAL D 30 1.61 -41.21 12.06
CA VAL D 30 2.61 -40.19 12.33
C VAL D 30 2.50 -39.01 11.30
N LEU D 31 2.13 -39.29 10.02
CA LEU D 31 1.91 -38.24 9.01
C LEU D 31 0.63 -37.43 9.33
N ARG D 32 -0.43 -38.10 9.85
CA ARG D 32 -1.67 -37.41 10.25
C ARG D 32 -1.38 -36.58 11.52
N LYS D 33 -0.66 -37.18 12.51
CA LYS D 33 -0.27 -36.50 13.75
C LYS D 33 0.55 -35.23 13.48
N ALA D 34 1.40 -35.25 12.43
CA ALA D 34 2.20 -34.09 12.00
C ALA D 34 1.34 -32.92 11.48
N GLY D 35 0.06 -33.20 11.18
CA GLY D 35 -0.90 -32.21 10.72
C GLY D 35 -1.09 -32.06 9.23
N LEU D 36 -0.80 -33.14 8.47
CA LEU D 36 -0.93 -33.13 6.99
C LEU D 36 -2.26 -32.62 6.47
N LEU D 37 -3.39 -33.12 7.04
CA LEU D 37 -4.75 -32.75 6.62
C LEU D 37 -5.07 -31.26 6.89
N GLU D 38 -4.72 -30.78 8.10
CA GLU D 38 -4.90 -29.38 8.50
C GLU D 38 -4.07 -28.48 7.59
N LYS D 39 -2.80 -28.86 7.30
CA LYS D 39 -1.91 -28.09 6.41
C LYS D 39 -2.42 -28.01 4.99
N LEU D 40 -2.97 -29.10 4.45
CA LEU D 40 -3.52 -29.13 3.10
C LEU D 40 -4.77 -28.22 2.93
N LYS D 41 -5.64 -28.19 3.93
CA LYS D 41 -6.87 -27.37 3.92
C LYS D 41 -6.51 -25.90 4.06
N GLU D 42 -5.38 -25.60 4.73
CA GLU D 42 -4.85 -24.24 4.90
C GLU D 42 -4.14 -23.76 3.63
N GLN D 43 -4.03 -24.67 2.64
CA GLN D 43 -3.38 -24.49 1.34
C GLN D 43 -4.42 -24.56 0.21
N GLU D 44 -5.69 -24.26 0.56
CA GLU D 44 -6.87 -24.22 -0.32
C GLU D 44 -7.20 -25.57 -0.98
N CYS D 45 -6.88 -26.68 -0.27
CA CYS D 45 -7.21 -28.04 -0.71
C CYS D 45 -8.55 -28.51 -0.19
N ASP D 46 -9.21 -29.40 -0.95
CA ASP D 46 -10.48 -30.07 -0.65
C ASP D 46 -10.05 -31.50 -0.27
N VAL D 47 -9.91 -31.76 1.05
CA VAL D 47 -9.41 -33.04 1.58
C VAL D 47 -10.49 -33.95 2.23
N LYS D 48 -10.68 -35.16 1.68
CA LYS D 48 -11.56 -36.16 2.30
C LYS D 48 -10.66 -37.32 2.72
N ASP D 49 -10.78 -37.75 3.97
CA ASP D 49 -9.99 -38.82 4.55
C ASP D 49 -10.82 -40.12 4.68
N TYR D 50 -10.47 -41.13 3.87
CA TYR D 50 -11.12 -42.43 3.79
C TYR D 50 -10.73 -43.39 4.92
N GLY D 51 -9.84 -42.92 5.78
CA GLY D 51 -9.33 -43.65 6.92
C GLY D 51 -8.29 -44.69 6.57
N ASP D 52 -7.94 -45.52 7.57
CA ASP D 52 -6.94 -46.55 7.42
C ASP D 52 -7.57 -47.88 7.06
N LEU D 53 -7.07 -48.48 5.96
CA LEU D 53 -7.49 -49.79 5.50
C LEU D 53 -7.09 -50.84 6.54
N PRO D 54 -8.08 -51.66 6.98
CA PRO D 54 -7.73 -52.78 7.87
C PRO D 54 -7.13 -53.87 6.97
N PHE D 55 -5.95 -54.33 7.33
CA PHE D 55 -5.34 -55.39 6.55
C PHE D 55 -5.37 -56.58 7.52
N ALA D 56 -6.51 -57.28 7.57
CA ALA D 56 -6.73 -58.44 8.45
C ALA D 56 -5.55 -59.41 8.29
N ASP D 57 -4.97 -59.82 9.42
CA ASP D 57 -3.83 -60.72 9.40
C ASP D 57 -4.05 -61.97 8.56
N ILE D 58 -2.98 -62.40 7.88
CA ILE D 58 -2.96 -63.63 7.12
C ILE D 58 -1.92 -64.47 7.84
N PRO D 59 -2.32 -65.24 8.89
CA PRO D 59 -1.35 -66.10 9.57
C PRO D 59 -1.15 -67.28 8.63
N ASN D 60 0.02 -67.88 8.58
CA ASN D 60 0.27 -68.96 7.61
C ASN D 60 0.25 -68.38 6.18
N ASP D 61 1.35 -67.73 5.85
CA ASP D 61 1.64 -67.11 4.57
C ASP D 61 3.13 -67.33 4.40
N SER D 62 3.44 -68.58 4.08
CA SER D 62 4.79 -69.07 3.93
C SER D 62 5.42 -68.56 2.61
N PRO D 63 6.77 -68.50 2.51
CA PRO D 63 7.37 -67.92 1.31
C PRO D 63 7.15 -68.64 -0.01
N PHE D 64 7.10 -67.85 -1.09
CA PHE D 64 7.05 -68.35 -2.44
C PHE D 64 8.51 -68.27 -2.82
N GLN D 65 9.22 -69.42 -2.79
CA GLN D 65 10.67 -69.49 -3.02
C GLN D 65 11.34 -68.59 -1.95
N ILE D 66 11.99 -67.49 -2.32
CA ILE D 66 12.62 -66.59 -1.35
C ILE D 66 11.72 -65.36 -1.04
N VAL D 67 10.61 -65.21 -1.79
CA VAL D 67 9.66 -64.11 -1.70
C VAL D 67 8.81 -64.23 -0.41
N LYS D 68 8.99 -63.27 0.50
CA LYS D 68 8.36 -63.25 1.82
C LYS D 68 6.96 -62.62 1.85
N ASN D 69 6.09 -63.21 2.67
CA ASN D 69 4.68 -62.80 2.90
C ASN D 69 3.92 -62.51 1.61
N PRO D 70 3.95 -63.40 0.58
CA PRO D 70 3.31 -63.06 -0.69
C PRO D 70 1.81 -62.80 -0.68
N ARG D 71 1.03 -63.60 0.07
CA ARG D 71 -0.42 -63.47 0.13
C ARG D 71 -0.83 -62.20 0.85
N SER D 72 -0.10 -61.81 1.92
CA SER D 72 -0.32 -60.60 2.72
C SER D 72 -0.10 -59.35 1.85
N VAL D 73 1.02 -59.35 1.08
CA VAL D 73 1.42 -58.27 0.18
C VAL D 73 0.45 -58.21 -0.99
N GLY D 74 0.12 -59.38 -1.55
CA GLY D 74 -0.84 -59.49 -2.63
C GLY D 74 -2.21 -58.95 -2.25
N LYS D 75 -2.73 -59.34 -1.08
CA LYS D 75 -4.08 -58.92 -0.68
C LYS D 75 -4.12 -57.45 -0.31
N ALA D 76 -3.06 -56.94 0.36
CA ALA D 76 -2.98 -55.53 0.74
C ALA D 76 -3.03 -54.66 -0.52
N SER D 77 -2.27 -55.03 -1.56
CA SER D 77 -2.30 -54.28 -2.81
C SER D 77 -3.66 -54.41 -3.52
N GLU D 78 -4.27 -55.63 -3.52
CA GLU D 78 -5.57 -55.83 -4.15
C GLU D 78 -6.64 -54.91 -3.54
N GLN D 79 -6.73 -54.87 -2.19
CA GLN D 79 -7.70 -54.00 -1.50
C GLN D 79 -7.40 -52.53 -1.80
N LEU D 80 -6.09 -52.15 -1.80
CA LEU D 80 -5.71 -50.77 -2.11
C LEU D 80 -6.13 -50.38 -3.51
N ALA D 81 -5.97 -51.28 -4.49
CA ALA D 81 -6.40 -51.00 -5.87
C ALA D 81 -7.90 -50.68 -5.89
N GLY D 82 -8.69 -51.43 -5.09
CA GLY D 82 -10.11 -51.17 -4.90
C GLY D 82 -10.34 -49.81 -4.28
N LYS D 83 -9.64 -49.50 -3.19
CA LYS D 83 -9.77 -48.21 -2.52
C LYS D 83 -9.39 -47.01 -3.42
N VAL D 84 -8.26 -47.09 -4.15
CA VAL D 84 -7.77 -46.06 -5.07
C VAL D 84 -8.74 -45.86 -6.26
N ALA D 85 -9.30 -46.95 -6.81
CA ALA D 85 -10.24 -46.87 -7.93
C ALA D 85 -11.50 -46.12 -7.48
N GLU D 86 -11.91 -46.31 -6.21
CA GLU D 86 -13.06 -45.64 -5.58
C GLU D 86 -12.79 -44.15 -5.43
N VAL D 87 -11.57 -43.79 -4.99
CA VAL D 87 -11.17 -42.41 -4.80
C VAL D 87 -11.12 -41.67 -6.15
N LYS D 88 -10.56 -42.33 -7.17
CA LYS D 88 -10.44 -41.80 -8.52
C LYS D 88 -11.79 -41.52 -9.18
N LYS D 89 -12.76 -42.45 -9.01
CA LYS D 89 -14.11 -42.29 -9.55
C LYS D 89 -14.82 -41.09 -8.92
N ASN D 90 -14.50 -40.80 -7.64
CA ASN D 90 -14.98 -39.66 -6.84
C ASN D 90 -14.37 -38.31 -7.27
N GLY D 91 -13.59 -38.31 -8.36
CA GLY D 91 -12.92 -37.16 -8.94
C GLY D 91 -11.92 -36.47 -8.02
N ARG D 92 -11.13 -37.29 -7.26
CA ARG D 92 -10.13 -36.81 -6.31
C ARG D 92 -8.75 -37.37 -6.65
N ILE D 93 -7.67 -36.64 -6.31
CA ILE D 93 -6.31 -37.15 -6.48
C ILE D 93 -6.13 -38.13 -5.33
N SER D 94 -5.73 -39.37 -5.63
CA SER D 94 -5.56 -40.34 -4.55
C SER D 94 -4.20 -40.10 -3.89
N LEU D 95 -4.20 -40.01 -2.57
CA LEU D 95 -3.00 -39.79 -1.79
C LEU D 95 -2.92 -40.95 -0.84
N VAL D 96 -2.00 -41.86 -1.13
CA VAL D 96 -1.77 -43.08 -0.36
C VAL D 96 -0.61 -42.81 0.59
N LEU D 97 -0.87 -42.96 1.89
CA LEU D 97 0.12 -42.80 2.95
C LEU D 97 0.59 -44.19 3.36
N GLY D 98 1.84 -44.52 3.04
CA GLY D 98 2.41 -45.81 3.37
C GLY D 98 2.95 -45.88 4.79
N GLY D 99 3.37 -47.05 5.27
CA GLY D 99 3.41 -48.31 4.53
C GLY D 99 4.60 -48.47 3.60
N ASP D 100 4.97 -49.71 3.31
CA ASP D 100 6.09 -49.99 2.41
C ASP D 100 5.69 -49.85 0.94
N HIS D 101 6.69 -49.76 0.04
CA HIS D 101 6.47 -49.52 -1.38
C HIS D 101 5.82 -50.65 -2.22
N SER D 102 5.59 -51.87 -1.65
CA SER D 102 4.91 -52.95 -2.41
C SER D 102 3.47 -52.56 -2.73
N LEU D 103 2.88 -51.68 -1.90
CA LEU D 103 1.54 -51.15 -2.08
C LEU D 103 1.36 -50.42 -3.41
N ALA D 104 2.48 -49.99 -4.05
CA ALA D 104 2.48 -49.34 -5.37
C ALA D 104 1.84 -50.23 -6.40
N ILE D 105 1.93 -51.56 -6.21
CA ILE D 105 1.26 -52.52 -7.11
C ILE D 105 -0.22 -52.15 -7.12
N GLY D 106 -0.84 -52.07 -5.94
CA GLY D 106 -2.26 -51.72 -5.81
C GLY D 106 -2.57 -50.26 -6.10
N SER D 107 -1.72 -49.34 -5.61
CA SER D 107 -1.94 -47.91 -5.89
C SER D 107 -1.96 -47.63 -7.40
N ILE D 108 -0.94 -48.06 -8.14
CA ILE D 108 -0.87 -47.85 -9.60
C ILE D 108 -1.93 -48.67 -10.34
N SER D 109 -2.10 -49.98 -10.00
CA SER D 109 -3.13 -50.81 -10.65
C SER D 109 -4.52 -50.17 -10.54
N GLY D 110 -4.87 -49.72 -9.33
CA GLY D 110 -6.14 -49.09 -9.01
C GLY D 110 -6.38 -47.77 -9.71
N HIS D 111 -5.32 -46.96 -9.84
CA HIS D 111 -5.36 -45.68 -10.55
C HIS D 111 -5.54 -45.93 -12.05
N ALA D 112 -4.79 -46.92 -12.60
CA ALA D 112 -4.85 -47.30 -14.02
C ALA D 112 -6.19 -47.87 -14.47
N ARG D 113 -7.04 -48.31 -13.53
CA ARG D 113 -8.39 -48.81 -13.86
C ARG D 113 -9.27 -47.65 -14.33
N VAL D 114 -9.05 -46.45 -13.74
CA VAL D 114 -9.80 -45.24 -14.04
C VAL D 114 -9.11 -44.44 -15.14
N HIS D 115 -7.76 -44.35 -15.09
CA HIS D 115 -6.94 -43.62 -16.07
C HIS D 115 -5.83 -44.53 -16.67
N PRO D 116 -6.18 -45.37 -17.67
CA PRO D 116 -5.18 -46.28 -18.27
C PRO D 116 -4.03 -45.62 -19.03
N ASP D 117 -4.16 -44.33 -19.34
CA ASP D 117 -3.14 -43.56 -20.08
C ASP D 117 -2.15 -42.85 -19.15
N LEU D 118 -2.13 -43.20 -17.85
CA LEU D 118 -1.27 -42.55 -16.88
C LEU D 118 0.24 -42.79 -17.12
N GLY D 119 1.04 -41.80 -16.71
CA GLY D 119 2.49 -41.83 -16.75
C GLY D 119 3.01 -41.87 -15.33
N VAL D 120 4.10 -42.63 -15.07
CA VAL D 120 4.66 -42.77 -13.72
C VAL D 120 5.98 -42.03 -13.54
N ILE D 121 6.07 -41.29 -12.43
CA ILE D 121 7.32 -40.69 -11.97
C ILE D 121 7.66 -41.45 -10.69
N TRP D 122 8.76 -42.20 -10.68
CA TRP D 122 9.15 -43.01 -9.52
C TRP D 122 10.38 -42.37 -8.83
N VAL D 123 10.17 -41.73 -7.67
CA VAL D 123 11.23 -41.05 -6.93
C VAL D 123 11.76 -42.01 -5.85
N ASP D 124 13.02 -42.47 -6.02
CA ASP D 124 13.60 -43.51 -5.16
C ASP D 124 15.08 -43.65 -5.36
N ALA D 125 15.79 -44.18 -4.32
CA ALA D 125 17.20 -44.56 -4.40
C ALA D 125 17.29 -45.89 -5.17
N HIS D 126 16.15 -46.57 -5.30
CA HIS D 126 15.99 -47.92 -5.83
C HIS D 126 15.02 -48.01 -6.99
N THR D 127 15.23 -48.98 -7.89
CA THR D 127 14.34 -49.18 -9.03
C THR D 127 13.06 -49.94 -8.63
N ASP D 128 13.13 -50.83 -7.59
CA ASP D 128 12.02 -51.70 -7.17
C ASP D 128 11.42 -52.55 -8.34
N ILE D 129 12.28 -52.92 -9.29
CA ILE D 129 11.92 -53.68 -10.48
C ILE D 129 12.41 -55.15 -10.41
N ASN D 130 12.86 -55.61 -9.24
CA ASN D 130 13.24 -57.02 -9.15
C ASN D 130 12.01 -57.83 -9.49
N THR D 131 12.17 -58.93 -10.19
CA THR D 131 11.04 -59.81 -10.43
C THR D 131 11.02 -60.80 -9.23
N PRO D 132 9.96 -61.62 -9.03
CA PRO D 132 10.02 -62.62 -7.94
C PRO D 132 11.14 -63.65 -8.11
N LEU D 133 11.80 -63.65 -9.29
CA LEU D 133 12.92 -64.53 -9.62
C LEU D 133 14.28 -63.84 -9.60
N THR D 134 14.35 -62.51 -9.82
CA THR D 134 15.65 -61.80 -9.80
C THR D 134 15.98 -61.27 -8.42
N THR D 135 14.97 -61.14 -7.56
CA THR D 135 15.17 -60.64 -6.21
C THR D 135 16.23 -61.43 -5.44
N THR D 136 17.02 -60.73 -4.60
CA THR D 136 18.04 -61.38 -3.78
C THR D 136 17.65 -61.21 -2.32
N SER D 137 16.89 -60.15 -2.00
CA SER D 137 16.42 -59.90 -0.63
C SER D 137 15.14 -60.69 -0.34
N GLY D 138 14.33 -60.89 -1.39
CA GLY D 138 13.06 -61.59 -1.32
C GLY D 138 11.94 -60.75 -0.74
N ASN D 139 12.17 -59.42 -0.67
CA ASN D 139 11.23 -58.47 -0.11
C ASN D 139 10.45 -57.81 -1.21
N LEU D 140 9.13 -57.92 -1.12
CA LEU D 140 8.22 -57.43 -2.15
C LEU D 140 8.23 -55.91 -2.38
N HIS D 141 8.71 -55.10 -1.43
CA HIS D 141 8.84 -53.64 -1.63
C HIS D 141 9.93 -53.31 -2.70
N GLY D 142 10.73 -54.32 -3.09
CA GLY D 142 11.75 -54.18 -4.13
C GLY D 142 11.36 -54.81 -5.47
N GLN D 143 10.10 -55.22 -5.61
CA GLN D 143 9.55 -55.85 -6.82
C GLN D 143 8.28 -55.15 -7.45
N PRO D 144 7.71 -54.03 -6.93
CA PRO D 144 6.43 -53.56 -7.47
C PRO D 144 6.40 -53.21 -8.94
N VAL D 145 7.44 -52.53 -9.45
CA VAL D 145 7.48 -52.12 -10.85
C VAL D 145 7.45 -53.36 -11.80
N SER D 146 8.05 -54.50 -11.38
CA SER D 146 8.04 -55.72 -12.22
C SER D 146 6.61 -56.26 -12.46
N PHE D 147 5.74 -56.25 -11.42
CA PHE D 147 4.33 -56.70 -11.51
C PHE D 147 3.46 -55.80 -12.41
N LEU D 148 3.86 -54.52 -12.57
CA LEU D 148 3.12 -53.51 -13.31
C LEU D 148 3.52 -53.38 -14.79
N LEU D 149 4.75 -53.79 -15.17
CA LEU D 149 5.22 -53.59 -16.54
C LEU D 149 4.75 -54.63 -17.55
N LYS D 150 4.14 -54.14 -18.66
CA LYS D 150 3.66 -54.95 -19.77
C LYS D 150 4.77 -55.80 -20.42
N GLU D 151 5.97 -55.21 -20.60
CA GLU D 151 7.10 -55.88 -21.23
C GLU D 151 7.69 -57.03 -20.39
N LEU D 152 7.35 -57.11 -19.09
CA LEU D 152 7.83 -58.19 -18.24
C LEU D 152 6.82 -59.35 -18.14
N LYS D 153 5.84 -59.39 -19.07
CA LYS D 153 4.86 -60.46 -19.18
C LYS D 153 5.61 -61.70 -19.65
N GLY D 154 5.37 -62.81 -18.97
CA GLY D 154 6.02 -64.08 -19.23
C GLY D 154 7.17 -64.31 -18.26
N LYS D 155 7.58 -63.25 -17.53
CA LYS D 155 8.69 -63.26 -16.57
C LYS D 155 8.25 -63.24 -15.09
N ILE D 156 6.98 -62.96 -14.81
CA ILE D 156 6.48 -62.94 -13.44
C ILE D 156 5.84 -64.33 -13.14
N PRO D 157 6.38 -65.10 -12.16
CA PRO D 157 5.78 -66.43 -11.90
C PRO D 157 4.47 -66.27 -11.16
N ASP D 158 3.72 -67.36 -11.03
CA ASP D 158 2.45 -67.38 -10.35
C ASP D 158 2.64 -67.25 -8.82
N VAL D 159 2.75 -66.00 -8.35
CA VAL D 159 2.95 -65.75 -6.92
C VAL D 159 1.59 -65.77 -6.17
N PRO D 160 1.43 -66.62 -5.12
CA PRO D 160 0.18 -66.59 -4.33
C PRO D 160 -0.14 -65.18 -3.82
N GLY D 161 -1.35 -64.75 -4.10
CA GLY D 161 -1.87 -63.44 -3.75
C GLY D 161 -1.89 -62.45 -4.90
N PHE D 162 -1.24 -62.77 -6.05
CA PHE D 162 -1.14 -61.84 -7.18
C PHE D 162 -1.88 -62.27 -8.46
N SER D 163 -2.83 -63.21 -8.39
CA SER D 163 -3.57 -63.61 -9.60
C SER D 163 -4.42 -62.49 -10.21
N TRP D 164 -4.83 -61.51 -9.39
CA TRP D 164 -5.63 -60.35 -9.78
C TRP D 164 -4.84 -59.34 -10.62
N VAL D 165 -3.49 -59.37 -10.55
CA VAL D 165 -2.61 -58.40 -11.23
C VAL D 165 -2.55 -58.58 -12.75
N THR D 166 -2.90 -57.51 -13.49
CA THR D 166 -2.77 -57.40 -14.92
C THR D 166 -1.80 -56.21 -15.17
N PRO D 167 -0.60 -56.42 -15.80
CA PRO D 167 0.32 -55.30 -16.04
C PRO D 167 -0.39 -54.14 -16.74
N CYS D 168 -0.25 -52.93 -16.20
CA CYS D 168 -0.98 -51.76 -16.69
C CYS D 168 -0.10 -50.67 -17.30
N ILE D 169 1.22 -50.75 -17.14
CA ILE D 169 2.12 -49.69 -17.66
C ILE D 169 3.21 -50.23 -18.57
N SER D 170 3.47 -49.51 -19.68
CA SER D 170 4.54 -49.85 -20.62
C SER D 170 5.84 -49.20 -20.15
N ALA D 171 6.99 -49.83 -20.48
CA ALA D 171 8.33 -49.33 -20.15
C ALA D 171 8.58 -47.85 -20.50
N LYS D 172 7.92 -47.34 -21.57
CA LYS D 172 8.08 -45.93 -21.99
C LYS D 172 7.21 -44.96 -21.17
N ASP D 173 6.36 -45.50 -20.30
CA ASP D 173 5.45 -44.67 -19.52
C ASP D 173 5.90 -44.51 -18.06
N ILE D 174 7.19 -44.76 -17.77
CA ILE D 174 7.77 -44.59 -16.42
C ILE D 174 9.11 -43.83 -16.52
N VAL D 175 9.40 -42.99 -15.50
CA VAL D 175 10.67 -42.28 -15.38
C VAL D 175 11.11 -42.42 -13.93
N TYR D 176 12.37 -42.86 -13.70
CA TYR D 176 12.95 -42.95 -12.36
C TYR D 176 13.79 -41.73 -12.06
N ILE D 177 13.72 -41.23 -10.82
CA ILE D 177 14.58 -40.12 -10.38
C ILE D 177 15.13 -40.45 -8.99
N GLY D 178 16.46 -40.44 -8.89
CA GLY D 178 17.18 -40.59 -7.63
C GLY D 178 17.97 -41.88 -7.44
N LEU D 179 18.02 -42.75 -8.47
CA LEU D 179 18.67 -44.06 -8.36
C LEU D 179 20.11 -44.00 -7.87
N ARG D 180 20.43 -44.89 -6.91
CA ARG D 180 21.80 -45.04 -6.36
C ARG D 180 22.05 -46.42 -5.70
N ASP D 181 21.06 -47.34 -5.70
CA ASP D 181 21.28 -48.70 -5.19
C ASP D 181 20.43 -49.67 -6.02
N VAL D 182 20.91 -49.97 -7.22
CA VAL D 182 20.23 -50.80 -8.22
C VAL D 182 20.91 -52.16 -8.30
N ASP D 183 20.12 -53.27 -8.16
CA ASP D 183 20.63 -54.66 -8.22
C ASP D 183 21.12 -55.04 -9.62
N PRO D 184 22.03 -56.02 -9.79
CA PRO D 184 22.43 -56.44 -11.15
C PRO D 184 21.24 -56.87 -12.01
N GLY D 185 20.32 -57.69 -11.45
CA GLY D 185 19.10 -58.09 -12.15
C GLY D 185 18.28 -56.89 -12.58
N GLU D 186 18.13 -55.91 -11.66
CA GLU D 186 17.39 -54.65 -11.87
C GLU D 186 18.04 -53.77 -12.95
N HIS D 187 19.39 -53.65 -12.96
CA HIS D 187 20.13 -52.89 -13.96
C HIS D 187 20.03 -53.56 -15.36
N TYR D 188 19.92 -54.91 -15.41
CA TYR D 188 19.77 -55.64 -16.67
C TYR D 188 18.40 -55.27 -17.20
N ILE D 189 17.37 -55.33 -16.33
CA ILE D 189 15.99 -54.98 -16.69
C ILE D 189 15.90 -53.55 -17.16
N LEU D 190 16.41 -52.61 -16.35
CA LEU D 190 16.40 -51.18 -16.63
C LEU D 190 16.96 -50.86 -18.01
N LYS D 191 18.12 -51.45 -18.37
CA LYS D 191 18.79 -51.20 -19.64
C LYS D 191 18.17 -51.92 -20.85
N THR D 192 17.75 -53.17 -20.72
CA THR D 192 17.18 -53.94 -21.85
C THR D 192 15.82 -53.44 -22.31
N LEU D 193 15.02 -52.91 -21.36
CA LEU D 193 13.69 -52.40 -21.67
C LEU D 193 13.73 -50.95 -22.16
N GLY D 194 14.85 -50.27 -21.88
CA GLY D 194 15.07 -48.88 -22.28
C GLY D 194 14.23 -47.87 -21.51
N ILE D 195 13.99 -48.15 -20.22
CA ILE D 195 13.22 -47.27 -19.33
C ILE D 195 14.02 -45.98 -19.14
N LYS D 196 13.33 -44.81 -19.13
CA LYS D 196 13.93 -43.49 -18.92
C LYS D 196 14.26 -43.38 -17.43
N TYR D 197 15.49 -42.92 -17.13
CA TYR D 197 15.99 -42.80 -15.77
C TYR D 197 17.01 -41.70 -15.61
N PHE D 198 16.99 -41.15 -14.40
CA PHE D 198 17.89 -40.10 -13.96
C PHE D 198 18.41 -40.56 -12.62
N SER D 199 19.51 -41.35 -12.65
CA SER D 199 20.13 -41.80 -11.42
C SER D 199 20.81 -40.57 -10.79
N MET D 200 21.44 -40.75 -9.63
CA MET D 200 22.14 -39.65 -8.98
C MET D 200 23.22 -39.04 -9.89
N THR D 201 23.81 -39.87 -10.78
CA THR D 201 24.81 -39.48 -11.79
C THR D 201 24.22 -38.45 -12.78
N GLU D 202 22.99 -38.71 -13.28
CA GLU D 202 22.28 -37.81 -14.22
C GLU D 202 21.86 -36.52 -13.53
N VAL D 203 21.36 -36.61 -12.26
CA VAL D 203 21.03 -35.40 -11.48
C VAL D 203 22.31 -34.52 -11.36
N ASP D 204 23.43 -35.15 -11.00
CA ASP D 204 24.71 -34.48 -10.86
C ASP D 204 25.16 -33.80 -12.14
N ARG D 205 25.04 -34.49 -13.30
CA ARG D 205 25.40 -34.06 -14.65
C ARG D 205 24.52 -32.96 -15.17
N LEU D 206 23.21 -33.14 -15.08
CA LEU D 206 22.29 -32.18 -15.69
C LEU D 206 21.78 -31.07 -14.81
N GLY D 207 21.67 -31.36 -13.53
CA GLY D 207 21.02 -30.47 -12.57
C GLY D 207 19.55 -30.87 -12.51
N ILE D 208 18.90 -30.65 -11.35
CA ILE D 208 17.50 -30.99 -11.15
C ILE D 208 16.55 -30.23 -12.11
N GLY D 209 16.96 -29.02 -12.54
CA GLY D 209 16.17 -28.22 -13.47
C GLY D 209 15.94 -28.96 -14.78
N LYS D 210 17.05 -29.37 -15.44
CA LYS D 210 17.05 -30.08 -16.69
C LYS D 210 16.44 -31.48 -16.54
N VAL D 211 16.64 -32.13 -15.38
CA VAL D 211 16.05 -33.47 -15.11
C VAL D 211 14.51 -33.38 -15.19
N MET D 212 13.93 -32.35 -14.61
CA MET D 212 12.48 -32.17 -14.60
C MET D 212 11.95 -31.79 -15.96
N GLU D 213 12.72 -30.96 -16.67
CA GLU D 213 12.46 -30.51 -18.04
C GLU D 213 12.40 -31.75 -18.93
N GLU D 214 13.45 -32.63 -18.89
CA GLU D 214 13.47 -33.87 -19.67
C GLU D 214 12.38 -34.86 -19.21
N THR D 215 12.14 -35.00 -17.89
CA THR D 215 11.09 -35.90 -17.34
C THR D 215 9.69 -35.55 -17.85
N LEU D 216 9.27 -34.28 -17.70
CA LEU D 216 7.92 -33.87 -18.06
C LEU D 216 7.72 -33.80 -19.57
N SER D 217 8.79 -33.49 -20.34
CA SER D 217 8.72 -33.49 -21.80
C SER D 217 8.52 -34.95 -22.28
N TYR D 218 9.32 -35.88 -21.73
CA TYR D 218 9.28 -37.30 -22.04
C TYR D 218 7.91 -37.92 -21.85
N LEU D 219 7.26 -37.63 -20.72
CA LEU D 219 5.93 -38.14 -20.40
C LEU D 219 4.76 -37.36 -20.99
N LEU D 220 4.88 -36.05 -21.17
CA LEU D 220 3.72 -35.24 -21.59
C LEU D 220 3.83 -34.54 -22.94
N GLY D 221 5.02 -34.55 -23.53
CA GLY D 221 5.34 -33.87 -24.78
C GLY D 221 4.58 -34.31 -26.00
N ARG D 222 4.28 -35.61 -26.11
CA ARG D 222 3.50 -36.13 -27.24
C ARG D 222 2.01 -35.78 -27.00
N LYS D 223 1.51 -36.06 -25.78
CA LYS D 223 0.16 -35.71 -25.35
C LYS D 223 0.05 -35.58 -23.82
N LYS D 224 -0.88 -34.72 -23.34
CA LYS D 224 -1.13 -34.56 -21.90
C LYS D 224 -1.77 -35.86 -21.45
N ARG D 225 -1.59 -36.20 -20.17
CA ARG D 225 -2.12 -37.43 -19.56
C ARG D 225 -1.97 -37.36 -18.04
N PRO D 226 -2.82 -38.08 -17.23
CA PRO D 226 -2.66 -38.03 -15.75
C PRO D 226 -1.31 -38.56 -15.27
N ILE D 227 -0.75 -37.94 -14.21
CA ILE D 227 0.57 -38.31 -13.65
C ILE D 227 0.39 -39.06 -12.35
N HIS D 228 1.15 -40.18 -12.16
CA HIS D 228 1.20 -40.92 -10.90
C HIS D 228 2.59 -40.70 -10.31
N LEU D 229 2.68 -40.01 -9.18
CA LEU D 229 4.00 -39.83 -8.57
C LEU D 229 4.14 -40.83 -7.41
N SER D 230 5.08 -41.76 -7.50
CA SER D 230 5.27 -42.75 -6.44
C SER D 230 6.55 -42.40 -5.69
N PHE D 231 6.40 -41.77 -4.51
CA PHE D 231 7.50 -41.24 -3.73
C PHE D 231 7.95 -42.10 -2.56
N ASP D 232 9.13 -42.72 -2.67
CA ASP D 232 9.78 -43.45 -1.59
C ASP D 232 10.66 -42.36 -0.91
N VAL D 233 10.52 -42.17 0.41
CA VAL D 233 11.26 -41.13 1.13
C VAL D 233 12.78 -41.35 1.14
N ASP D 234 13.24 -42.60 0.83
CA ASP D 234 14.66 -42.94 0.73
C ASP D 234 15.28 -42.41 -0.58
N GLY D 235 14.48 -41.80 -1.48
CA GLY D 235 14.95 -41.11 -2.67
C GLY D 235 15.76 -39.89 -2.23
N LEU D 236 15.32 -39.26 -1.11
CA LEU D 236 16.00 -38.15 -0.49
C LEU D 236 17.15 -38.67 0.36
N ASP D 237 18.21 -37.86 0.49
CA ASP D 237 19.37 -38.19 1.27
C ASP D 237 19.00 -38.52 2.72
N PRO D 238 19.67 -39.51 3.36
CA PRO D 238 19.34 -39.84 4.77
C PRO D 238 19.55 -38.70 5.75
N SER D 239 20.23 -37.59 5.36
CA SER D 239 20.35 -36.45 6.25
C SER D 239 19.01 -35.71 6.32
N PHE D 240 18.09 -35.99 5.36
CA PHE D 240 16.75 -35.38 5.34
C PHE D 240 15.66 -36.31 5.79
N THR D 241 15.75 -37.59 5.38
CA THR D 241 14.74 -38.61 5.69
C THR D 241 15.43 -39.83 6.31
N PRO D 242 16.04 -39.68 7.53
CA PRO D 242 16.75 -40.83 8.13
C PRO D 242 15.88 -42.00 8.57
N ALA D 243 14.63 -41.73 8.99
CA ALA D 243 13.73 -42.78 9.49
C ALA D 243 13.03 -43.56 8.38
N THR D 244 13.81 -44.42 7.72
CA THR D 244 13.39 -45.25 6.58
C THR D 244 14.19 -46.53 6.65
N GLY D 245 13.62 -47.64 6.17
CA GLY D 245 14.26 -48.94 6.21
C GLY D 245 15.50 -49.17 5.36
N THR D 246 15.56 -48.59 4.15
CA THR D 246 16.70 -48.78 3.24
C THR D 246 17.35 -47.42 2.86
N PRO D 247 18.01 -46.74 3.83
CA PRO D 247 18.65 -45.46 3.51
C PRO D 247 19.89 -45.63 2.63
N VAL D 248 20.09 -44.76 1.66
CA VAL D 248 21.28 -44.86 0.78
C VAL D 248 21.96 -43.48 0.76
N VAL D 249 23.25 -43.43 1.10
CA VAL D 249 24.00 -42.17 1.14
C VAL D 249 24.06 -41.49 -0.23
N GLY D 250 24.19 -40.17 -0.20
CA GLY D 250 24.30 -39.33 -1.39
C GLY D 250 23.02 -39.18 -2.16
N GLY D 251 21.91 -38.97 -1.44
CA GLY D 251 20.61 -38.82 -2.06
C GLY D 251 20.23 -37.45 -2.53
N LEU D 252 18.97 -37.34 -2.97
CA LEU D 252 18.41 -36.05 -3.41
C LEU D 252 18.33 -35.12 -2.22
N THR D 253 18.58 -33.84 -2.44
CA THR D 253 18.52 -32.88 -1.35
C THR D 253 17.06 -32.50 -1.07
N TYR D 254 16.85 -31.79 0.05
CA TYR D 254 15.54 -31.30 0.44
C TYR D 254 15.04 -30.38 -0.69
N ARG D 255 15.92 -29.45 -1.17
CA ARG D 255 15.57 -28.52 -2.27
C ARG D 255 15.19 -29.26 -3.56
N GLU D 256 15.95 -30.30 -3.95
CA GLU D 256 15.66 -31.12 -5.13
C GLU D 256 14.29 -31.82 -5.02
N GLY D 257 13.98 -32.38 -3.85
CA GLY D 257 12.69 -33.03 -3.58
C GLY D 257 11.55 -32.06 -3.74
N LEU D 258 11.74 -30.81 -3.20
CA LEU D 258 10.73 -29.76 -3.36
C LEU D 258 10.62 -29.35 -4.79
N TYR D 259 11.75 -29.25 -5.50
CA TYR D 259 11.77 -28.82 -6.89
C TYR D 259 11.01 -29.80 -7.79
N ILE D 260 11.27 -31.11 -7.63
CA ILE D 260 10.60 -32.21 -8.37
C ILE D 260 9.09 -32.08 -8.18
N THR D 261 8.65 -31.99 -6.91
CA THR D 261 7.23 -31.93 -6.54
C THR D 261 6.57 -30.62 -6.96
N GLU D 262 7.27 -29.47 -6.88
CA GLU D 262 6.70 -28.20 -7.35
C GLU D 262 6.49 -28.24 -8.88
N GLU D 263 7.42 -28.85 -9.63
CA GLU D 263 7.29 -28.93 -11.11
C GLU D 263 6.12 -29.82 -11.55
N ILE D 264 5.86 -30.90 -10.80
CA ILE D 264 4.75 -31.82 -11.07
C ILE D 264 3.42 -31.10 -10.83
N TYR D 265 3.31 -30.31 -9.71
CA TYR D 265 2.10 -29.54 -9.43
C TYR D 265 1.72 -28.64 -10.61
N LYS D 266 2.69 -27.87 -11.11
CA LYS D 266 2.57 -26.91 -12.22
C LYS D 266 2.03 -27.51 -13.53
N THR D 267 2.04 -28.85 -13.69
CA THR D 267 1.45 -29.48 -14.89
C THR D 267 -0.07 -29.44 -14.75
N GLY D 268 -0.56 -29.49 -13.51
CA GLY D 268 -1.97 -29.58 -13.16
C GLY D 268 -2.51 -30.98 -13.46
N LEU D 269 -1.60 -31.95 -13.69
CA LEU D 269 -1.95 -33.31 -14.11
C LEU D 269 -1.70 -34.40 -13.08
N LEU D 270 -1.24 -34.06 -11.85
CA LEU D 270 -1.09 -35.02 -10.77
C LEU D 270 -2.49 -35.57 -10.50
N SER D 271 -2.61 -36.89 -10.44
CA SER D 271 -3.89 -37.58 -10.23
C SER D 271 -3.68 -38.69 -9.22
N GLY D 272 -2.42 -39.02 -8.97
CA GLY D 272 -2.07 -40.07 -8.05
C GLY D 272 -0.78 -39.80 -7.33
N LEU D 273 -0.79 -40.01 -6.00
CA LEU D 273 0.39 -39.82 -5.17
C LEU D 273 0.57 -40.92 -4.10
N ASP D 274 1.83 -41.39 -3.92
CA ASP D 274 2.27 -42.35 -2.91
C ASP D 274 3.38 -41.70 -2.07
N ILE D 275 3.21 -41.69 -0.74
CA ILE D 275 4.18 -41.16 0.24
C ILE D 275 4.53 -42.40 1.04
N MET D 276 5.62 -43.04 0.65
CA MET D 276 6.01 -44.36 1.16
C MET D 276 7.32 -44.43 1.88
N GLU D 277 7.41 -45.48 2.71
CA GLU D 277 8.58 -45.95 3.45
C GLU D 277 8.95 -45.10 4.66
N VAL D 278 8.02 -44.28 5.19
CA VAL D 278 8.23 -43.54 6.44
C VAL D 278 8.11 -44.58 7.57
N ASN D 279 9.19 -44.76 8.34
CA ASN D 279 9.18 -45.72 9.43
C ASN D 279 9.53 -44.99 10.71
N PRO D 280 8.52 -44.56 11.49
CA PRO D 280 8.81 -43.83 12.74
C PRO D 280 9.53 -44.63 13.83
N SER D 281 9.72 -45.95 13.62
CA SER D 281 10.43 -46.78 14.57
C SER D 281 11.92 -46.90 14.18
N LEU D 282 12.36 -46.21 13.10
CA LEU D 282 13.77 -46.28 12.69
C LEU D 282 14.61 -45.00 12.83
N GLY D 283 14.13 -44.01 13.58
CA GLY D 283 14.99 -42.84 13.82
C GLY D 283 15.97 -43.14 14.95
N LYS D 284 17.28 -42.79 14.78
CA LYS D 284 18.29 -43.02 15.85
C LYS D 284 17.99 -42.19 17.12
N THR D 285 17.19 -41.14 16.96
CA THR D 285 16.76 -40.21 18.01
C THR D 285 15.34 -39.76 17.65
N PRO D 286 14.52 -39.23 18.60
CA PRO D 286 13.20 -38.70 18.23
C PRO D 286 13.22 -37.58 17.19
N GLU D 287 14.26 -36.68 17.21
CA GLU D 287 14.39 -35.61 16.22
C GLU D 287 14.55 -36.18 14.80
N GLU D 288 15.28 -37.32 14.63
CA GLU D 288 15.43 -37.97 13.31
C GLU D 288 14.05 -38.37 12.76
N VAL D 289 13.14 -38.79 13.65
CA VAL D 289 11.76 -39.14 13.28
C VAL D 289 11.00 -37.89 12.84
N THR D 290 11.06 -36.80 13.66
CA THR D 290 10.35 -35.56 13.35
C THR D 290 10.82 -34.99 12.04
N ARG D 291 12.15 -35.01 11.79
CA ARG D 291 12.79 -34.53 10.58
C ARG D 291 12.27 -35.26 9.34
N THR D 292 12.19 -36.60 9.41
CA THR D 292 11.71 -37.47 8.32
C THR D 292 10.24 -37.15 8.02
N VAL D 293 9.38 -37.13 9.09
CA VAL D 293 7.96 -36.85 8.96
C VAL D 293 7.75 -35.44 8.41
N ASN D 294 8.44 -34.44 8.98
CA ASN D 294 8.39 -33.05 8.50
C ASN D 294 8.78 -32.95 7.04
N THR D 295 9.84 -33.66 6.60
CA THR D 295 10.26 -33.61 5.20
C THR D 295 9.17 -34.21 4.27
N ALA D 296 8.60 -35.35 4.67
CA ALA D 296 7.53 -36.06 3.94
C ALA D 296 6.28 -35.18 3.80
N VAL D 297 5.87 -34.48 4.88
CA VAL D 297 4.73 -33.54 4.89
C VAL D 297 5.00 -32.41 3.87
N ALA D 298 6.20 -31.80 3.94
CA ALA D 298 6.66 -30.72 3.05
C ALA D 298 6.58 -31.10 1.57
N ILE D 299 7.06 -32.31 1.20
CA ILE D 299 7.02 -32.82 -0.18
C ILE D 299 5.56 -32.90 -0.64
N THR D 300 4.69 -33.48 0.21
CA THR D 300 3.26 -33.64 -0.03
C THR D 300 2.59 -32.28 -0.26
N LEU D 301 2.89 -31.26 0.59
CA LEU D 301 2.33 -29.92 0.43
C LEU D 301 2.71 -29.30 -0.93
N ALA D 302 3.95 -29.54 -1.39
CA ALA D 302 4.44 -29.07 -2.70
C ALA D 302 3.68 -29.73 -3.85
N CYS D 303 3.26 -31.01 -3.69
CA CYS D 303 2.49 -31.71 -4.72
C CYS D 303 1.14 -31.03 -4.97
N PHE D 304 0.65 -30.31 -3.97
CA PHE D 304 -0.67 -29.70 -3.99
C PHE D 304 -0.68 -28.16 -4.04
N GLY D 305 0.42 -27.55 -4.48
CA GLY D 305 0.44 -26.12 -4.73
C GLY D 305 1.34 -25.23 -3.93
N LEU D 306 1.84 -25.69 -2.78
CA LEU D 306 2.73 -24.87 -1.96
C LEU D 306 4.03 -24.58 -2.69
N ALA D 307 4.28 -23.30 -2.96
CA ALA D 307 5.44 -22.83 -3.69
C ALA D 307 6.37 -22.01 -2.82
N ARG D 308 7.69 -22.29 -2.90
CA ARG D 308 8.71 -21.53 -2.14
C ARG D 308 8.71 -20.02 -2.46
N GLU D 309 8.30 -19.64 -3.68
CA GLU D 309 8.20 -18.22 -4.05
C GLU D 309 7.01 -17.55 -3.33
N GLY D 310 6.09 -18.36 -2.78
CA GLY D 310 4.92 -17.86 -2.07
C GLY D 310 3.62 -18.15 -2.80
N ASN D 311 2.50 -17.99 -2.10
CA ASN D 311 1.15 -18.21 -2.67
C ASN D 311 0.21 -17.14 -2.14
N HIS D 312 -0.75 -16.70 -2.97
CA HIS D 312 -1.77 -15.74 -2.53
C HIS D 312 -3.12 -16.07 -3.13
N LYS D 313 -4.20 -15.76 -2.39
CA LYS D 313 -5.59 -15.99 -2.83
C LYS D 313 -5.98 -14.95 -3.90
N PRO D 314 -6.98 -15.20 -4.78
CA PRO D 314 -7.33 -14.18 -5.79
C PRO D 314 -8.10 -12.97 -5.23
N ILE D 315 -7.52 -12.27 -4.24
CA ILE D 315 -8.05 -11.09 -3.54
C ILE D 315 -7.07 -9.90 -3.53
N ASP D 316 -7.58 -8.67 -3.36
CA ASP D 316 -6.72 -7.51 -3.29
C ASP D 316 -6.17 -7.37 -1.85
N TYR D 317 -4.90 -7.77 -1.65
CA TYR D 317 -4.22 -7.74 -0.35
C TYR D 317 -3.88 -6.32 0.12
N LEU D 318 -3.92 -5.32 -0.78
CA LEU D 318 -3.66 -3.93 -0.38
C LEU D 318 -4.96 -3.19 0.02
N ASN D 319 -6.13 -3.82 -0.18
CA ASN D 319 -7.42 -3.22 0.19
C ASN D 319 -8.24 -4.06 1.16
N ALA E 3 -41.47 34.31 -27.67
CA ALA E 3 -41.81 32.94 -27.25
C ALA E 3 -42.93 32.97 -26.20
N LYS E 4 -43.68 31.86 -26.06
CA LYS E 4 -44.77 31.82 -25.09
C LYS E 4 -44.27 31.88 -23.64
N SER E 5 -43.06 31.35 -23.38
CA SER E 5 -42.46 31.38 -22.06
C SER E 5 -41.95 32.78 -21.70
N ARG E 6 -42.02 33.71 -22.66
CA ARG E 6 -41.63 35.12 -22.52
C ARG E 6 -42.81 36.07 -22.85
N THR E 7 -44.04 35.55 -22.95
CA THR E 7 -45.27 36.34 -23.21
C THR E 7 -46.01 36.49 -21.87
N ILE E 8 -46.01 37.72 -21.32
CA ILE E 8 -46.49 38.03 -19.96
C ILE E 8 -47.68 38.98 -19.89
N GLY E 9 -48.48 38.78 -18.84
CA GLY E 9 -49.62 39.60 -18.46
C GLY E 9 -49.44 40.02 -17.02
N ILE E 10 -49.04 41.28 -16.79
CA ILE E 10 -48.78 41.87 -15.48
C ILE E 10 -50.10 42.26 -14.82
N ILE E 11 -50.30 41.84 -13.56
CA ILE E 11 -51.47 42.20 -12.75
C ILE E 11 -51.01 42.68 -11.40
N GLY E 12 -51.30 43.94 -11.11
CA GLY E 12 -51.00 44.50 -9.81
C GLY E 12 -52.08 44.12 -8.83
N ALA E 13 -51.70 43.72 -7.63
CA ALA E 13 -52.67 43.35 -6.61
C ALA E 13 -52.37 44.05 -5.26
N PRO E 14 -52.63 45.38 -5.19
CA PRO E 14 -52.35 46.14 -3.95
C PRO E 14 -53.33 45.82 -2.80
N PHE E 15 -53.11 44.67 -2.14
CA PHE E 15 -53.96 44.20 -1.05
C PHE E 15 -53.17 43.78 0.19
N SER E 16 -53.56 44.29 1.39
CA SER E 16 -52.86 43.95 2.62
C SER E 16 -53.69 43.26 3.70
N LYS E 17 -55.03 43.20 3.54
CA LYS E 17 -55.93 42.68 4.58
C LYS E 17 -55.87 41.14 4.85
N GLY E 18 -55.01 40.39 4.12
CA GLY E 18 -54.79 38.97 4.40
C GLY E 18 -53.84 38.78 5.57
N GLN E 19 -53.18 39.88 6.00
CA GLN E 19 -52.22 39.93 7.13
C GLN E 19 -52.37 41.22 7.99
N PRO E 20 -51.79 41.32 9.22
CA PRO E 20 -52.02 42.54 10.04
C PRO E 20 -51.02 43.68 9.89
N ARG E 21 -50.03 43.58 8.99
CA ARG E 21 -49.01 44.62 8.87
C ARG E 21 -49.15 45.47 7.63
N GLY E 22 -49.42 46.75 7.85
CA GLY E 22 -49.61 47.72 6.78
C GLY E 22 -48.39 47.92 5.92
N GLY E 23 -48.61 48.16 4.64
CA GLY E 23 -47.57 48.45 3.68
C GLY E 23 -47.36 47.47 2.55
N VAL E 24 -47.88 46.23 2.69
CA VAL E 24 -47.70 45.20 1.68
C VAL E 24 -48.50 45.50 0.38
N GLU E 25 -49.48 46.43 0.48
CA GLU E 25 -50.32 46.88 -0.65
C GLU E 25 -49.49 47.80 -1.57
N GLU E 26 -48.31 48.25 -1.10
CA GLU E 26 -47.40 49.10 -1.86
C GLU E 26 -46.36 48.28 -2.65
N GLY E 27 -46.49 46.94 -2.60
CA GLY E 27 -45.64 45.98 -3.29
C GLY E 27 -45.65 46.14 -4.80
N PRO E 28 -46.84 46.22 -5.47
CA PRO E 28 -46.85 46.40 -6.94
C PRO E 28 -46.21 47.72 -7.36
N THR E 29 -46.28 48.76 -6.51
CA THR E 29 -45.74 50.09 -6.79
C THR E 29 -44.21 50.10 -6.85
N VAL E 30 -43.54 49.57 -5.82
CA VAL E 30 -42.08 49.61 -5.76
C VAL E 30 -41.48 48.64 -6.79
N LEU E 31 -42.14 47.48 -7.04
CA LEU E 31 -41.72 46.52 -8.07
C LEU E 31 -41.79 47.16 -9.45
N ARG E 32 -42.83 47.98 -9.70
CA ARG E 32 -43.00 48.76 -10.93
C ARG E 32 -41.90 49.82 -11.01
N LYS E 33 -41.72 50.60 -9.91
CA LYS E 33 -40.74 51.67 -9.82
C LYS E 33 -39.31 51.19 -10.01
N ALA E 34 -39.03 49.92 -9.63
CA ALA E 34 -37.72 49.28 -9.77
C ALA E 34 -37.29 48.98 -11.23
N GLY E 35 -38.24 49.05 -12.17
CA GLY E 35 -37.98 48.83 -13.59
C GLY E 35 -38.33 47.45 -14.12
N LEU E 36 -39.17 46.69 -13.38
CA LEU E 36 -39.60 45.34 -13.75
C LEU E 36 -40.04 45.21 -15.20
N LEU E 37 -41.03 46.01 -15.65
CA LEU E 37 -41.57 45.97 -17.01
C LEU E 37 -40.50 46.22 -18.06
N GLU E 38 -39.67 47.27 -17.86
CA GLU E 38 -38.56 47.66 -18.73
C GLU E 38 -37.48 46.58 -18.82
N LYS E 39 -37.17 45.92 -17.68
CA LYS E 39 -36.17 44.84 -17.60
C LYS E 39 -36.69 43.58 -18.32
N LEU E 40 -37.98 43.26 -18.12
CA LEU E 40 -38.57 42.12 -18.82
C LEU E 40 -38.56 42.38 -20.34
N LYS E 41 -38.82 43.63 -20.79
CA LYS E 41 -38.81 43.99 -22.23
C LYS E 41 -37.44 43.87 -22.87
N GLU E 42 -36.39 44.27 -22.13
CA GLU E 42 -34.97 44.22 -22.51
C GLU E 42 -34.51 42.77 -22.75
N GLN E 43 -35.21 41.83 -22.11
CA GLN E 43 -35.03 40.38 -22.10
C GLN E 43 -35.89 39.65 -23.15
N GLU E 44 -36.32 40.35 -24.20
CA GLU E 44 -37.16 39.83 -25.29
C GLU E 44 -38.50 39.26 -24.77
N CYS E 45 -39.16 40.01 -23.90
CA CYS E 45 -40.45 39.60 -23.36
C CYS E 45 -41.55 40.47 -23.93
N ASP E 46 -42.68 39.84 -24.25
CA ASP E 46 -43.88 40.53 -24.72
C ASP E 46 -44.64 40.83 -23.43
N VAL E 47 -44.52 42.06 -22.97
CA VAL E 47 -45.13 42.53 -21.71
C VAL E 47 -46.35 43.42 -21.96
N LYS E 48 -47.50 42.96 -21.45
CA LYS E 48 -48.76 43.71 -21.46
C LYS E 48 -49.11 44.01 -20.02
N ASP E 49 -49.36 45.27 -19.73
CA ASP E 49 -49.72 45.64 -18.38
C ASP E 49 -51.25 45.70 -18.28
N TYR E 50 -51.82 44.83 -17.43
CA TYR E 50 -53.26 44.79 -17.19
C TYR E 50 -53.64 45.71 -16.02
N GLY E 51 -52.65 46.47 -15.52
CA GLY E 51 -52.81 47.45 -14.45
C GLY E 51 -52.98 46.89 -13.05
N ASP E 52 -53.30 47.79 -12.12
CA ASP E 52 -53.53 47.48 -10.70
C ASP E 52 -55.02 47.31 -10.45
N LEU E 53 -55.40 46.15 -9.86
CA LEU E 53 -56.80 45.84 -9.57
C LEU E 53 -57.34 46.79 -8.50
N PRO E 54 -58.59 47.31 -8.66
CA PRO E 54 -59.12 48.22 -7.64
C PRO E 54 -59.77 47.46 -6.48
N PHE E 55 -59.17 47.57 -5.28
CA PHE E 55 -59.74 46.88 -4.12
C PHE E 55 -60.50 47.84 -3.26
N ALA E 56 -61.82 47.84 -3.44
CA ALA E 56 -62.75 48.69 -2.70
C ALA E 56 -62.81 48.29 -1.22
N ASP E 57 -62.82 49.31 -0.35
CA ASP E 57 -62.87 49.19 1.11
C ASP E 57 -64.20 48.59 1.56
N ILE E 58 -64.16 47.67 2.54
CA ILE E 58 -65.36 47.01 3.09
C ILE E 58 -65.47 47.30 4.61
N PRO E 59 -66.22 48.36 5.00
CA PRO E 59 -66.37 48.67 6.44
C PRO E 59 -67.28 47.66 7.15
N ASN E 60 -67.17 47.58 8.49
CA ASN E 60 -67.91 46.65 9.36
C ASN E 60 -67.70 45.17 8.97
N ASP E 61 -66.48 44.82 8.52
CA ASP E 61 -66.08 43.48 8.12
C ASP E 61 -65.67 42.73 9.40
N SER E 62 -66.70 42.34 10.19
CA SER E 62 -66.54 41.60 11.46
C SER E 62 -65.82 40.26 11.24
N PRO E 63 -64.99 39.80 12.21
CA PRO E 63 -64.23 38.57 11.98
C PRO E 63 -65.05 37.28 12.12
N PHE E 64 -64.72 36.28 11.29
CA PHE E 64 -65.34 34.96 11.39
C PHE E 64 -64.51 34.27 12.45
N GLN E 65 -65.07 34.09 13.67
CA GLN E 65 -64.37 33.48 14.82
C GLN E 65 -63.10 34.29 15.14
N ILE E 66 -61.90 33.83 14.71
CA ILE E 66 -60.65 34.59 14.91
C ILE E 66 -60.09 35.12 13.57
N VAL E 67 -60.62 34.61 12.46
CA VAL E 67 -60.27 34.97 11.08
C VAL E 67 -60.66 36.44 10.79
N LYS E 68 -59.65 37.29 10.55
CA LYS E 68 -59.81 38.74 10.33
C LYS E 68 -60.03 39.10 8.87
N ASN E 69 -60.77 40.20 8.62
CA ASN E 69 -61.09 40.76 7.30
C ASN E 69 -61.56 39.70 6.26
N PRO E 70 -62.46 38.74 6.58
CA PRO E 70 -62.81 37.71 5.59
C PRO E 70 -63.41 38.20 4.26
N ARG E 71 -64.40 39.12 4.30
CA ARG E 71 -65.09 39.66 3.12
C ARG E 71 -64.14 40.36 2.16
N SER E 72 -63.20 41.12 2.74
CA SER E 72 -62.17 41.88 2.05
C SER E 72 -61.25 40.91 1.28
N VAL E 73 -60.76 39.87 1.97
CA VAL E 73 -59.90 38.83 1.41
C VAL E 73 -60.63 38.02 0.34
N GLY E 74 -61.87 37.63 0.64
CA GLY E 74 -62.71 36.86 -0.26
C GLY E 74 -62.94 37.55 -1.59
N LYS E 75 -63.33 38.84 -1.53
CA LYS E 75 -63.61 39.70 -2.69
C LYS E 75 -62.36 39.99 -3.50
N ALA E 76 -61.23 40.26 -2.81
CA ALA E 76 -59.96 40.55 -3.47
C ALA E 76 -59.54 39.38 -4.33
N SER E 77 -59.62 38.15 -3.77
CA SER E 77 -59.28 36.91 -4.47
C SER E 77 -60.26 36.65 -5.61
N GLU E 78 -61.57 36.92 -5.37
CA GLU E 78 -62.63 36.76 -6.37
C GLU E 78 -62.32 37.60 -7.58
N GLN E 79 -61.97 38.88 -7.37
CA GLN E 79 -61.60 39.84 -8.41
C GLN E 79 -60.36 39.37 -9.18
N LEU E 80 -59.29 38.97 -8.44
CA LEU E 80 -58.03 38.48 -9.01
C LEU E 80 -58.24 37.25 -9.89
N ALA E 81 -59.09 36.28 -9.42
CA ALA E 81 -59.42 35.06 -10.18
C ALA E 81 -59.95 35.41 -11.57
N GLY E 82 -60.89 36.35 -11.65
CA GLY E 82 -61.43 36.80 -12.93
C GLY E 82 -60.40 37.43 -13.83
N LYS E 83 -59.49 38.25 -13.24
CA LYS E 83 -58.45 38.94 -14.01
C LYS E 83 -57.38 37.97 -14.51
N VAL E 84 -56.99 36.97 -13.71
CA VAL E 84 -55.98 35.96 -14.09
C VAL E 84 -56.57 35.06 -15.18
N ALA E 85 -57.88 34.73 -15.08
CA ALA E 85 -58.54 33.87 -16.06
C ALA E 85 -58.58 34.57 -17.41
N GLU E 86 -58.86 35.90 -17.40
CA GLU E 86 -58.86 36.77 -18.59
C GLU E 86 -57.46 36.76 -19.21
N VAL E 87 -56.41 37.02 -18.40
CA VAL E 87 -54.99 37.02 -18.84
C VAL E 87 -54.62 35.68 -19.49
N LYS E 88 -55.04 34.57 -18.86
CA LYS E 88 -54.77 33.22 -19.37
C LYS E 88 -55.42 32.95 -20.71
N LYS E 89 -56.68 33.40 -20.92
CA LYS E 89 -57.41 33.21 -22.19
C LYS E 89 -56.77 33.99 -23.36
N ASN E 90 -56.05 35.08 -23.04
CA ASN E 90 -55.34 35.94 -24.01
C ASN E 90 -53.95 35.37 -24.40
N GLY E 91 -53.66 34.14 -23.93
CA GLY E 91 -52.43 33.40 -24.20
C GLY E 91 -51.16 33.88 -23.51
N ARG E 92 -51.30 34.51 -22.32
CA ARG E 92 -50.16 35.07 -21.59
C ARG E 92 -49.89 34.41 -20.24
N ILE E 93 -48.63 34.47 -19.78
CA ILE E 93 -48.29 33.96 -18.44
C ILE E 93 -48.80 35.04 -17.50
N SER E 94 -49.55 34.66 -16.47
CA SER E 94 -50.03 35.67 -15.53
C SER E 94 -48.93 36.01 -14.51
N LEU E 95 -48.66 37.30 -14.31
CA LEU E 95 -47.69 37.79 -13.31
C LEU E 95 -48.40 38.67 -12.29
N VAL E 96 -48.68 38.11 -11.12
CA VAL E 96 -49.34 38.81 -10.03
C VAL E 96 -48.29 39.49 -9.13
N LEU E 97 -48.37 40.81 -9.01
CA LEU E 97 -47.51 41.57 -8.12
C LEU E 97 -48.30 41.78 -6.84
N GLY E 98 -47.90 41.09 -5.79
CA GLY E 98 -48.55 41.17 -4.49
C GLY E 98 -48.03 42.32 -3.64
N GLY E 99 -48.71 42.62 -2.54
CA GLY E 99 -49.86 41.89 -2.05
C GLY E 99 -49.48 40.75 -1.13
N ASP E 100 -50.35 40.43 -0.18
CA ASP E 100 -50.13 39.31 0.73
C ASP E 100 -50.52 38.02 0.05
N HIS E 101 -50.02 36.89 0.54
CA HIS E 101 -50.21 35.57 -0.05
C HIS E 101 -51.66 35.04 -0.07
N SER E 102 -52.62 35.71 0.60
CA SER E 102 -54.04 35.27 0.57
C SER E 102 -54.55 35.29 -0.87
N LEU E 103 -54.02 36.22 -1.69
CA LEU E 103 -54.35 36.43 -3.10
C LEU E 103 -54.11 35.18 -3.96
N ALA E 104 -53.29 34.22 -3.46
CA ALA E 104 -53.03 32.95 -4.16
C ALA E 104 -54.32 32.20 -4.38
N ILE E 105 -55.35 32.39 -3.48
CA ILE E 105 -56.68 31.78 -3.67
C ILE E 105 -57.16 32.23 -5.06
N GLY E 106 -57.19 33.55 -5.26
CA GLY E 106 -57.57 34.21 -6.49
C GLY E 106 -56.72 33.85 -7.69
N SER E 107 -55.39 34.01 -7.55
CA SER E 107 -54.44 33.71 -8.62
C SER E 107 -54.51 32.26 -9.11
N ILE E 108 -54.45 31.26 -8.19
CA ILE E 108 -54.51 29.84 -8.59
C ILE E 108 -55.93 29.47 -9.11
N SER E 109 -57.03 29.89 -8.44
CA SER E 109 -58.39 29.54 -8.92
C SER E 109 -58.62 30.04 -10.33
N GLY E 110 -58.21 31.30 -10.58
CA GLY E 110 -58.32 31.94 -11.88
C GLY E 110 -57.49 31.26 -12.93
N HIS E 111 -56.29 30.79 -12.55
CA HIS E 111 -55.38 30.09 -13.45
C HIS E 111 -55.98 28.73 -13.80
N ALA E 112 -56.50 28.00 -12.76
CA ALA E 112 -57.15 26.68 -12.89
C ALA E 112 -58.40 26.69 -13.76
N ARG E 113 -59.10 27.84 -13.85
CA ARG E 113 -60.29 28.00 -14.69
C ARG E 113 -59.96 27.79 -16.16
N VAL E 114 -58.73 28.17 -16.58
CA VAL E 114 -58.27 28.02 -17.96
C VAL E 114 -57.39 26.75 -18.09
N HIS E 115 -56.52 26.50 -17.10
CA HIS E 115 -55.64 25.32 -17.10
C HIS E 115 -55.90 24.43 -15.86
N PRO E 116 -57.00 23.62 -15.84
CA PRO E 116 -57.29 22.79 -14.66
C PRO E 116 -56.22 21.78 -14.25
N ASP E 117 -55.42 21.28 -15.20
CA ASP E 117 -54.35 20.29 -14.97
C ASP E 117 -53.06 20.87 -14.38
N LEU E 118 -53.04 22.17 -14.01
CA LEU E 118 -51.84 22.82 -13.50
C LEU E 118 -51.32 22.17 -12.22
N GLY E 119 -50.01 22.26 -12.05
CA GLY E 119 -49.25 21.82 -10.88
C GLY E 119 -48.66 23.07 -10.26
N VAL E 120 -48.66 23.17 -8.94
CA VAL E 120 -48.18 24.33 -8.19
C VAL E 120 -46.81 24.02 -7.55
N ILE E 121 -45.89 25.01 -7.56
CA ILE E 121 -44.62 25.01 -6.82
C ILE E 121 -44.80 26.22 -5.89
N TRP E 122 -44.78 25.97 -4.58
CA TRP E 122 -45.02 26.98 -3.55
C TRP E 122 -43.70 27.27 -2.79
N VAL E 123 -43.08 28.41 -3.10
CA VAL E 123 -41.83 28.82 -2.48
C VAL E 123 -42.16 29.73 -1.31
N ASP E 124 -41.85 29.24 -0.10
CA ASP E 124 -42.24 29.93 1.14
C ASP E 124 -41.56 29.29 2.35
N ALA E 125 -41.42 30.05 3.44
CA ALA E 125 -40.93 29.53 4.72
C ALA E 125 -42.11 28.82 5.43
N HIS E 126 -43.34 29.14 5.01
CA HIS E 126 -44.62 28.69 5.56
C HIS E 126 -45.42 27.84 4.58
N THR E 127 -46.26 26.97 5.11
CA THR E 127 -47.13 26.10 4.30
C THR E 127 -48.42 26.83 3.84
N ASP E 128 -48.86 27.86 4.58
CA ASP E 128 -50.08 28.63 4.27
C ASP E 128 -51.29 27.72 4.06
N ILE E 129 -51.33 26.59 4.81
CA ILE E 129 -52.31 25.53 4.69
C ILE E 129 -53.25 25.44 5.92
N ASN E 130 -53.22 26.45 6.81
CA ASN E 130 -54.16 26.46 7.92
C ASN E 130 -55.58 26.58 7.36
N THR E 131 -56.57 25.99 8.06
CA THR E 131 -57.97 26.17 7.68
C THR E 131 -58.48 27.35 8.55
N PRO E 132 -59.72 27.88 8.33
CA PRO E 132 -60.27 28.91 9.26
C PRO E 132 -60.45 28.39 10.68
N LEU E 133 -60.39 27.05 10.85
CA LEU E 133 -60.51 26.37 12.13
C LEU E 133 -59.16 25.98 12.77
N THR E 134 -58.10 25.70 11.98
CA THR E 134 -56.78 25.35 12.57
C THR E 134 -55.88 26.58 12.86
N THR E 135 -56.14 27.72 12.18
CA THR E 135 -55.35 28.96 12.34
C THR E 135 -55.28 29.41 13.82
N THR E 136 -54.12 29.91 14.21
CA THR E 136 -53.86 30.45 15.55
C THR E 136 -53.68 31.97 15.49
N SER E 137 -53.18 32.49 14.33
CA SER E 137 -53.00 33.92 14.08
C SER E 137 -54.29 34.60 13.58
N GLY E 138 -55.13 33.84 12.87
CA GLY E 138 -56.37 34.31 12.27
C GLY E 138 -56.16 35.06 10.96
N ASN E 139 -54.91 35.04 10.45
CA ASN E 139 -54.50 35.74 9.23
C ASN E 139 -54.64 34.83 7.99
N LEU E 140 -55.45 35.28 7.01
CA LEU E 140 -55.82 34.52 5.81
C LEU E 140 -54.67 34.28 4.85
N HIS E 141 -53.56 35.03 4.98
CA HIS E 141 -52.36 34.84 4.18
C HIS E 141 -51.62 33.54 4.60
N GLY E 142 -52.09 32.93 5.71
CA GLY E 142 -51.57 31.67 6.21
C GLY E 142 -52.52 30.52 5.97
N GLN E 143 -53.58 30.75 5.17
CA GLN E 143 -54.64 29.79 4.88
C GLN E 143 -54.95 29.54 3.38
N PRO E 144 -54.30 30.22 2.37
CA PRO E 144 -54.72 30.04 0.97
C PRO E 144 -54.76 28.62 0.43
N VAL E 145 -53.76 27.78 0.78
CA VAL E 145 -53.66 26.39 0.32
C VAL E 145 -54.86 25.55 0.78
N SER E 146 -55.33 25.74 2.02
CA SER E 146 -56.47 24.93 2.51
C SER E 146 -57.76 25.18 1.70
N PHE E 147 -58.00 26.45 1.28
CA PHE E 147 -59.16 26.84 0.47
C PHE E 147 -59.05 26.26 -0.94
N LEU E 148 -57.83 26.06 -1.45
CA LEU E 148 -57.63 25.53 -2.79
C LEU E 148 -57.63 24.00 -2.91
N LEU E 149 -57.45 23.25 -1.82
CA LEU E 149 -57.34 21.79 -1.82
C LEU E 149 -58.66 21.02 -1.85
N LYS E 150 -58.81 20.13 -2.83
CA LYS E 150 -59.97 19.25 -3.00
C LYS E 150 -60.16 18.30 -1.80
N GLU E 151 -59.06 17.85 -1.17
CA GLU E 151 -59.10 16.95 0.00
C GLU E 151 -59.61 17.62 1.27
N LEU E 152 -59.44 18.95 1.40
CA LEU E 152 -59.90 19.68 2.58
C LEU E 152 -61.32 20.22 2.43
N LYS E 153 -62.00 19.85 1.31
CA LYS E 153 -63.39 20.18 0.99
C LYS E 153 -64.23 19.39 2.01
N GLY E 154 -64.86 20.11 2.93
CA GLY E 154 -65.61 19.53 4.04
C GLY E 154 -64.99 19.91 5.36
N LYS E 155 -63.76 20.47 5.32
CA LYS E 155 -63.00 20.92 6.49
C LYS E 155 -62.85 22.45 6.50
N ILE E 156 -63.36 23.11 5.44
CA ILE E 156 -63.37 24.57 5.34
C ILE E 156 -64.81 25.01 5.65
N PRO E 157 -65.05 25.76 6.77
CA PRO E 157 -66.42 26.19 7.06
C PRO E 157 -66.90 27.25 6.07
N ASP E 158 -68.15 27.70 6.19
CA ASP E 158 -68.65 28.74 5.31
C ASP E 158 -68.26 30.09 5.88
N VAL E 159 -67.22 30.69 5.29
CA VAL E 159 -66.66 31.97 5.70
C VAL E 159 -67.24 33.09 4.79
N PRO E 160 -67.67 34.26 5.38
CA PRO E 160 -68.17 35.37 4.54
C PRO E 160 -67.15 35.87 3.52
N GLY E 161 -67.56 35.87 2.24
CA GLY E 161 -66.77 36.29 1.09
C GLY E 161 -66.15 35.17 0.29
N PHE E 162 -66.25 33.93 0.77
CA PHE E 162 -65.61 32.78 0.13
C PHE E 162 -66.53 31.73 -0.49
N SER E 163 -67.85 31.99 -0.59
CA SER E 163 -68.78 31.03 -1.20
C SER E 163 -68.48 30.76 -2.69
N TRP E 164 -67.85 31.74 -3.38
CA TRP E 164 -67.46 31.63 -4.80
C TRP E 164 -66.35 30.57 -5.04
N VAL E 165 -65.55 30.26 -3.99
CA VAL E 165 -64.41 29.31 -4.04
C VAL E 165 -64.86 27.87 -4.28
N THR E 166 -64.22 27.22 -5.26
CA THR E 166 -64.34 25.81 -5.57
C THR E 166 -62.89 25.26 -5.52
N PRO E 167 -62.57 24.28 -4.64
CA PRO E 167 -61.18 23.77 -4.59
C PRO E 167 -60.76 23.19 -5.93
N CYS E 168 -59.62 23.65 -6.46
CA CYS E 168 -59.16 23.29 -7.79
C CYS E 168 -57.89 22.41 -7.82
N ILE E 169 -57.25 22.13 -6.67
CA ILE E 169 -56.03 21.32 -6.69
C ILE E 169 -56.03 20.17 -5.67
N SER E 170 -55.55 19.01 -6.10
CA SER E 170 -55.39 17.89 -5.19
C SER E 170 -54.05 18.05 -4.47
N ALA E 171 -53.90 17.31 -3.35
CA ALA E 171 -52.71 17.24 -2.49
C ALA E 171 -51.48 16.83 -3.29
N LYS E 172 -51.66 16.01 -4.35
CA LYS E 172 -50.62 15.51 -5.25
C LYS E 172 -50.08 16.52 -6.29
N ASP E 173 -50.79 17.62 -6.52
CA ASP E 173 -50.49 18.63 -7.54
C ASP E 173 -49.69 19.85 -7.03
N ILE E 174 -49.18 19.77 -5.80
CA ILE E 174 -48.44 20.87 -5.19
C ILE E 174 -47.12 20.39 -4.56
N VAL E 175 -46.05 21.19 -4.74
CA VAL E 175 -44.73 20.94 -4.15
C VAL E 175 -44.33 22.19 -3.36
N TYR E 176 -43.97 22.00 -2.08
CA TYR E 176 -43.45 23.08 -1.24
C TYR E 176 -41.94 23.09 -1.29
N ILE E 177 -41.35 24.32 -1.27
CA ILE E 177 -39.92 24.52 -1.22
C ILE E 177 -39.61 25.66 -0.25
N GLY E 178 -38.83 25.37 0.80
CA GLY E 178 -38.34 26.36 1.74
C GLY E 178 -38.90 26.38 3.14
N LEU E 179 -39.78 25.41 3.48
CA LEU E 179 -40.46 25.34 4.78
C LEU E 179 -39.54 25.33 5.98
N ARG E 180 -39.90 26.11 7.01
CA ARG E 180 -39.10 26.21 8.24
C ARG E 180 -39.89 26.86 9.40
N ASP E 181 -41.19 27.19 9.19
CA ASP E 181 -42.09 27.76 10.24
C ASP E 181 -43.52 27.29 10.01
N VAL E 182 -43.72 25.98 10.21
CA VAL E 182 -44.97 25.26 9.98
C VAL E 182 -45.66 25.10 11.35
N ASP E 183 -46.96 25.46 11.46
CA ASP E 183 -47.74 25.31 12.70
C ASP E 183 -48.08 23.84 12.93
N PRO E 184 -48.37 23.41 14.18
CA PRO E 184 -48.73 21.99 14.40
C PRO E 184 -49.91 21.50 13.54
N GLY E 185 -50.93 22.34 13.37
CA GLY E 185 -52.10 22.06 12.56
C GLY E 185 -51.75 21.81 11.10
N GLU E 186 -50.87 22.68 10.55
CA GLU E 186 -50.36 22.61 9.17
C GLU E 186 -49.51 21.38 9.01
N HIS E 187 -48.67 21.09 10.01
CA HIS E 187 -47.84 19.89 9.92
C HIS E 187 -48.72 18.62 9.89
N TYR E 188 -49.81 18.61 10.68
CA TYR E 188 -50.76 17.50 10.67
C TYR E 188 -51.37 17.40 9.27
N ILE E 189 -51.82 18.53 8.68
CA ILE E 189 -52.39 18.55 7.32
C ILE E 189 -51.38 18.02 6.28
N LEU E 190 -50.14 18.55 6.32
CA LEU E 190 -49.04 18.20 5.42
C LEU E 190 -48.74 16.70 5.42
N LYS E 191 -48.70 16.10 6.63
CA LYS E 191 -48.36 14.70 6.78
C LYS E 191 -49.53 13.76 6.46
N THR E 192 -50.76 14.11 6.93
CA THR E 192 -51.95 13.28 6.70
C THR E 192 -52.37 13.27 5.23
N LEU E 193 -52.26 14.42 4.53
CA LEU E 193 -52.62 14.50 3.11
C LEU E 193 -51.49 14.01 2.21
N GLY E 194 -50.31 13.78 2.80
CA GLY E 194 -49.10 13.32 2.11
C GLY E 194 -48.61 14.21 0.99
N ILE E 195 -48.66 15.53 1.19
CA ILE E 195 -48.18 16.54 0.22
C ILE E 195 -46.63 16.43 0.05
N LYS E 196 -46.12 16.60 -1.18
CA LYS E 196 -44.66 16.61 -1.42
C LYS E 196 -44.09 17.93 -0.92
N TYR E 197 -42.95 17.89 -0.20
CA TYR E 197 -42.32 19.08 0.35
C TYR E 197 -40.83 18.96 0.53
N PHE E 198 -40.16 20.07 0.34
CA PHE E 198 -38.75 20.28 0.54
C PHE E 198 -38.63 21.37 1.61
N SER E 199 -38.65 20.97 2.89
CA SER E 199 -38.43 21.92 3.98
C SER E 199 -36.91 22.28 3.91
N MET E 200 -36.42 23.25 4.71
CA MET E 200 -34.98 23.60 4.66
C MET E 200 -34.12 22.36 4.93
N THR E 201 -34.63 21.42 5.77
CA THR E 201 -33.93 20.16 6.11
C THR E 201 -33.60 19.37 4.85
N GLU E 202 -34.60 19.19 3.95
CA GLU E 202 -34.46 18.46 2.69
C GLU E 202 -33.52 19.22 1.76
N VAL E 203 -33.65 20.57 1.74
CA VAL E 203 -32.78 21.45 0.92
C VAL E 203 -31.32 21.25 1.39
N ASP E 204 -31.07 21.20 2.72
CA ASP E 204 -29.74 20.95 3.31
C ASP E 204 -29.20 19.59 2.94
N ARG E 205 -30.06 18.56 3.02
CA ARG E 205 -29.72 17.18 2.73
C ARG E 205 -29.28 16.96 1.30
N LEU E 206 -30.08 17.44 0.37
CA LEU E 206 -29.91 17.17 -1.05
C LEU E 206 -29.22 18.21 -1.87
N GLY E 207 -29.29 19.48 -1.46
CA GLY E 207 -28.81 20.59 -2.27
C GLY E 207 -29.95 21.00 -3.19
N ILE E 208 -29.97 22.25 -3.61
CA ILE E 208 -31.03 22.80 -4.44
C ILE E 208 -31.09 22.11 -5.83
N GLY E 209 -29.96 21.64 -6.36
CA GLY E 209 -29.92 20.95 -7.64
C GLY E 209 -30.86 19.75 -7.65
N LYS E 210 -30.69 18.83 -6.70
CA LYS E 210 -31.48 17.60 -6.52
C LYS E 210 -32.91 17.97 -6.16
N VAL E 211 -33.11 19.02 -5.32
CA VAL E 211 -34.44 19.52 -4.90
C VAL E 211 -35.28 19.83 -6.13
N MET E 212 -34.67 20.57 -7.08
CA MET E 212 -35.30 20.96 -8.34
C MET E 212 -35.53 19.78 -9.29
N GLU E 213 -34.58 18.87 -9.39
CA GLU E 213 -34.72 17.66 -10.23
C GLU E 213 -35.92 16.83 -9.71
N GLU E 214 -36.01 16.71 -8.37
CA GLU E 214 -37.05 16.00 -7.63
C GLU E 214 -38.42 16.65 -7.75
N THR E 215 -38.50 17.97 -7.60
CA THR E 215 -39.76 18.71 -7.74
C THR E 215 -40.36 18.54 -9.14
N LEU E 216 -39.58 18.84 -10.18
CA LEU E 216 -40.02 18.79 -11.57
C LEU E 216 -40.36 17.39 -12.04
N SER E 217 -39.56 16.37 -11.64
CA SER E 217 -39.85 14.97 -11.98
C SER E 217 -41.17 14.56 -11.33
N TYR E 218 -41.43 14.99 -10.08
CA TYR E 218 -42.69 14.74 -9.38
C TYR E 218 -43.91 15.41 -10.06
N LEU E 219 -43.81 16.70 -10.42
CA LEU E 219 -44.95 17.40 -11.03
C LEU E 219 -45.15 17.10 -12.51
N LEU E 220 -44.05 17.02 -13.28
CA LEU E 220 -44.09 16.86 -14.74
C LEU E 220 -43.84 15.43 -15.25
N GLY E 221 -43.42 14.53 -14.37
CA GLY E 221 -43.12 13.13 -14.70
C GLY E 221 -44.16 12.46 -15.56
N ARG E 222 -45.36 12.22 -14.98
CA ARG E 222 -46.55 11.61 -15.61
C ARG E 222 -46.76 12.14 -17.03
N LYS E 223 -46.81 13.48 -17.19
CA LYS E 223 -46.97 14.20 -18.47
C LYS E 223 -46.69 15.71 -18.31
N LYS E 224 -46.45 16.39 -19.45
CA LYS E 224 -46.26 17.84 -19.54
C LYS E 224 -47.55 18.50 -19.03
N ARG E 225 -47.41 19.53 -18.18
CA ARG E 225 -48.53 20.27 -17.57
C ARG E 225 -48.15 21.71 -17.24
N PRO E 226 -49.13 22.65 -17.18
CA PRO E 226 -48.79 24.04 -16.85
C PRO E 226 -48.29 24.19 -15.40
N ILE E 227 -47.27 25.04 -15.21
CA ILE E 227 -46.74 25.28 -13.87
C ILE E 227 -47.19 26.61 -13.34
N HIS E 228 -47.65 26.61 -12.08
CA HIS E 228 -47.98 27.84 -11.36
C HIS E 228 -46.98 28.01 -10.21
N LEU E 229 -46.12 29.00 -10.31
CA LEU E 229 -45.15 29.27 -9.25
C LEU E 229 -45.69 30.40 -8.36
N SER E 230 -46.01 30.10 -7.09
CA SER E 230 -46.46 31.08 -6.10
C SER E 230 -45.26 31.37 -5.18
N PHE E 231 -44.63 32.54 -5.36
CA PHE E 231 -43.41 32.89 -4.63
C PHE E 231 -43.59 33.90 -3.46
N ASP E 232 -43.50 33.39 -2.21
CA ASP E 232 -43.53 34.25 -1.05
C ASP E 232 -42.06 34.61 -0.81
N VAL E 233 -41.73 35.91 -0.89
CA VAL E 233 -40.36 36.40 -0.74
C VAL E 233 -39.75 36.00 0.61
N ASP E 234 -40.59 35.60 1.61
CA ASP E 234 -40.04 35.17 2.91
C ASP E 234 -39.47 33.74 2.88
N GLY E 235 -39.54 33.09 1.72
CA GLY E 235 -38.93 31.78 1.50
C GLY E 235 -37.41 31.95 1.53
N LEU E 236 -36.93 33.10 1.00
CA LEU E 236 -35.49 33.39 1.05
C LEU E 236 -35.18 33.96 2.40
N ASP E 237 -33.97 33.70 2.86
CA ASP E 237 -33.46 34.17 4.14
C ASP E 237 -33.65 35.69 4.33
N PRO E 238 -33.87 36.18 5.60
CA PRO E 238 -34.01 37.64 5.81
C PRO E 238 -32.78 38.48 5.45
N SER E 239 -31.61 37.87 5.24
CA SER E 239 -30.43 38.65 4.81
C SER E 239 -30.56 39.13 3.34
N PHE E 240 -31.51 38.53 2.58
CA PHE E 240 -31.77 38.87 1.19
C PHE E 240 -33.10 39.61 0.98
N THR E 241 -34.16 39.19 1.69
CA THR E 241 -35.48 39.80 1.55
C THR E 241 -36.00 40.27 2.95
N PRO E 242 -35.28 41.21 3.64
CA PRO E 242 -35.70 41.64 4.99
C PRO E 242 -37.03 42.39 5.08
N ALA E 243 -37.45 43.08 4.00
CA ALA E 243 -38.69 43.90 3.96
C ALA E 243 -39.93 43.03 3.69
N THR E 244 -40.21 42.12 4.63
CA THR E 244 -41.32 41.18 4.57
C THR E 244 -41.94 41.04 5.98
N GLY E 245 -43.24 40.78 6.02
CA GLY E 245 -44.02 40.67 7.25
C GLY E 245 -43.68 39.55 8.19
N THR E 246 -43.32 38.38 7.66
CA THR E 246 -43.04 37.18 8.49
C THR E 246 -41.67 36.56 8.15
N PRO E 247 -40.55 37.29 8.45
CA PRO E 247 -39.24 36.72 8.14
C PRO E 247 -38.90 35.59 9.08
N VAL E 248 -38.29 34.54 8.54
CA VAL E 248 -37.87 33.37 9.32
C VAL E 248 -36.39 33.11 9.01
N VAL E 249 -35.55 33.02 10.05
CA VAL E 249 -34.10 32.79 9.93
C VAL E 249 -33.79 31.44 9.29
N GLY E 250 -32.63 31.35 8.64
CA GLY E 250 -32.15 30.13 7.99
C GLY E 250 -32.88 29.76 6.71
N GLY E 251 -33.11 30.76 5.86
CA GLY E 251 -33.83 30.60 4.60
C GLY E 251 -33.04 30.26 3.38
N LEU E 252 -33.71 30.18 2.26
CA LEU E 252 -33.09 29.93 0.97
C LEU E 252 -32.17 31.05 0.64
N THR E 253 -31.00 30.75 0.06
CA THR E 253 -30.07 31.82 -0.30
C THR E 253 -30.59 32.50 -1.58
N TYR E 254 -29.98 33.63 -1.92
CA TYR E 254 -30.23 34.41 -3.13
C TYR E 254 -29.99 33.51 -4.34
N ARG E 255 -28.86 32.77 -4.33
CA ARG E 255 -28.47 31.84 -5.34
C ARG E 255 -29.49 30.71 -5.50
N GLU E 256 -30.03 30.16 -4.37
CA GLU E 256 -31.04 29.09 -4.45
C GLU E 256 -32.34 29.60 -5.08
N GLY E 257 -32.70 30.85 -4.76
CA GLY E 257 -33.84 31.56 -5.31
C GLY E 257 -33.76 31.59 -6.82
N LEU E 258 -32.59 32.02 -7.35
CA LEU E 258 -32.33 32.12 -8.78
C LEU E 258 -32.29 30.76 -9.42
N TYR E 259 -31.71 29.77 -8.73
CA TYR E 259 -31.63 28.42 -9.26
C TYR E 259 -33.01 27.79 -9.49
N ILE E 260 -33.94 27.93 -8.51
CA ILE E 260 -35.31 27.42 -8.55
C ILE E 260 -35.99 27.98 -9.82
N THR E 261 -35.92 29.29 -9.98
CA THR E 261 -36.59 30.03 -11.04
C THR E 261 -35.96 29.81 -12.40
N GLU E 262 -34.62 29.69 -12.51
CA GLU E 262 -33.93 29.37 -13.77
C GLU E 262 -34.36 27.96 -14.27
N GLU E 263 -34.48 26.98 -13.34
CA GLU E 263 -34.94 25.62 -13.69
C GLU E 263 -36.38 25.59 -14.12
N ILE E 264 -37.23 26.38 -13.47
CA ILE E 264 -38.65 26.51 -13.82
C ILE E 264 -38.78 27.11 -15.22
N TYR E 265 -37.97 28.13 -15.54
CA TYR E 265 -38.00 28.74 -16.86
C TYR E 265 -37.71 27.71 -17.96
N LYS E 266 -36.65 26.89 -17.77
CA LYS E 266 -36.10 25.90 -18.72
C LYS E 266 -37.08 24.80 -19.11
N THR E 267 -38.10 24.55 -18.26
CA THR E 267 -39.17 23.57 -18.56
C THR E 267 -40.00 24.12 -19.73
N GLY E 268 -40.05 25.45 -19.86
CA GLY E 268 -40.85 26.16 -20.84
C GLY E 268 -42.34 26.03 -20.56
N LEU E 269 -42.70 25.61 -19.32
CA LEU E 269 -44.08 25.35 -18.91
C LEU E 269 -44.65 26.30 -17.88
N LEU E 270 -43.90 27.36 -17.51
CA LEU E 270 -44.44 28.32 -16.57
C LEU E 270 -45.66 28.98 -17.21
N SER E 271 -46.77 29.04 -16.46
CA SER E 271 -48.02 29.61 -16.98
C SER E 271 -48.63 30.61 -16.02
N GLY E 272 -48.18 30.60 -14.77
CA GLY E 272 -48.68 31.50 -13.74
C GLY E 272 -47.60 31.77 -12.73
N LEU E 273 -47.51 33.01 -12.26
CA LEU E 273 -46.50 33.44 -11.29
C LEU E 273 -47.08 34.47 -10.35
N ASP E 274 -46.72 34.35 -9.06
CA ASP E 274 -47.07 35.26 -7.98
C ASP E 274 -45.78 35.66 -7.30
N ILE E 275 -45.54 36.97 -7.13
CA ILE E 275 -44.40 37.54 -6.42
C ILE E 275 -45.10 38.26 -5.26
N MET E 276 -45.14 37.61 -4.08
CA MET E 276 -45.90 38.05 -2.90
C MET E 276 -45.10 38.46 -1.69
N GLU E 277 -45.78 39.16 -0.77
CA GLU E 277 -45.33 39.61 0.54
C GLU E 277 -44.19 40.64 0.55
N VAL E 278 -43.95 41.36 -0.56
CA VAL E 278 -42.96 42.43 -0.56
C VAL E 278 -43.60 43.60 0.22
N ASN E 279 -43.05 43.92 1.40
CA ASN E 279 -43.54 45.03 2.20
C ASN E 279 -42.50 46.14 2.32
N PRO E 280 -42.54 47.15 1.40
CA PRO E 280 -41.57 48.25 1.43
C PRO E 280 -41.60 49.14 2.69
N SER E 281 -42.59 48.98 3.55
CA SER E 281 -42.65 49.76 4.79
C SER E 281 -41.94 49.04 5.98
N LEU E 282 -41.40 47.80 5.74
CA LEU E 282 -40.80 46.98 6.82
C LEU E 282 -39.27 46.88 6.81
N GLY E 283 -38.62 47.50 5.84
CA GLY E 283 -37.17 47.55 5.82
C GLY E 283 -36.68 48.44 6.94
N LYS E 284 -35.69 47.96 7.73
CA LYS E 284 -35.12 48.69 8.87
C LYS E 284 -34.34 49.95 8.42
N THR E 285 -33.95 49.98 7.14
CA THR E 285 -33.22 51.06 6.51
C THR E 285 -33.74 51.18 5.07
N PRO E 286 -33.48 52.31 4.35
CA PRO E 286 -33.87 52.36 2.95
C PRO E 286 -33.20 51.26 2.12
N GLU E 287 -31.94 50.88 2.46
CA GLU E 287 -31.18 49.82 1.78
C GLU E 287 -31.82 48.42 1.93
N GLU E 288 -32.43 48.14 3.11
CA GLU E 288 -33.12 46.88 3.38
C GLU E 288 -34.31 46.69 2.41
N VAL E 289 -35.03 47.81 2.08
CA VAL E 289 -36.15 47.84 1.14
C VAL E 289 -35.64 47.57 -0.28
N THR E 290 -34.65 48.37 -0.74
CA THR E 290 -34.06 48.21 -2.06
C THR E 290 -33.50 46.78 -2.25
N ARG E 291 -32.90 46.18 -1.21
CA ARG E 291 -32.36 44.82 -1.30
C ARG E 291 -33.51 43.80 -1.52
N THR E 292 -34.63 43.94 -0.77
CA THR E 292 -35.80 43.06 -0.88
C THR E 292 -36.39 43.20 -2.29
N VAL E 293 -36.50 44.46 -2.77
CA VAL E 293 -37.07 44.81 -4.06
C VAL E 293 -36.21 44.28 -5.19
N ASN E 294 -34.88 44.56 -5.17
CA ASN E 294 -33.93 44.09 -6.17
C ASN E 294 -33.90 42.57 -6.25
N THR E 295 -34.01 41.88 -5.10
CA THR E 295 -34.03 40.42 -5.07
C THR E 295 -35.30 39.91 -5.75
N ALA E 296 -36.46 40.48 -5.36
CA ALA E 296 -37.77 40.15 -5.94
C ALA E 296 -37.75 40.37 -7.47
N VAL E 297 -37.15 41.48 -7.94
CA VAL E 297 -37.03 41.75 -9.37
C VAL E 297 -36.13 40.68 -10.04
N ALA E 298 -35.00 40.34 -9.42
CA ALA E 298 -34.06 39.37 -9.96
C ALA E 298 -34.72 38.01 -10.08
N ILE E 299 -35.52 37.64 -9.03
CA ILE E 299 -36.31 36.38 -9.02
C ILE E 299 -37.24 36.33 -10.23
N THR E 300 -37.99 37.41 -10.48
CA THR E 300 -38.93 37.50 -11.58
C THR E 300 -38.26 37.37 -12.98
N LEU E 301 -37.14 38.06 -13.21
CA LEU E 301 -36.43 38.00 -14.49
C LEU E 301 -35.95 36.60 -14.84
N ALA E 302 -35.51 35.82 -13.82
CA ALA E 302 -35.06 34.44 -14.01
C ALA E 302 -36.25 33.55 -14.45
N CYS E 303 -37.49 33.83 -13.99
CA CYS E 303 -38.69 33.07 -14.43
C CYS E 303 -38.95 33.23 -15.92
N PHE E 304 -38.51 34.37 -16.49
CA PHE E 304 -38.72 34.70 -17.90
C PHE E 304 -37.43 34.64 -18.77
N GLY E 305 -36.44 33.90 -18.28
CA GLY E 305 -35.24 33.61 -19.05
C GLY E 305 -33.93 34.28 -18.76
N LEU E 306 -33.88 35.22 -17.80
CA LEU E 306 -32.59 35.83 -17.50
C LEU E 306 -31.71 34.77 -16.79
N ALA E 307 -30.57 34.42 -17.43
CA ALA E 307 -29.68 33.37 -16.92
C ALA E 307 -28.31 33.89 -16.51
N ARG E 308 -27.77 33.32 -15.43
CA ARG E 308 -26.48 33.70 -14.89
C ARG E 308 -25.30 33.32 -15.78
N GLU E 309 -25.45 32.31 -16.69
CA GLU E 309 -24.36 31.98 -17.65
C GLU E 309 -24.32 33.01 -18.79
N GLY E 310 -25.41 33.77 -18.90
CA GLY E 310 -25.60 34.81 -19.88
C GLY E 310 -26.72 34.51 -20.84
N ASN E 311 -27.02 35.45 -21.71
CA ASN E 311 -28.04 35.38 -22.76
C ASN E 311 -27.51 36.15 -23.95
N HIS E 312 -27.95 35.76 -25.15
CA HIS E 312 -27.62 36.44 -26.40
C HIS E 312 -28.78 36.29 -27.37
N LYS E 313 -28.86 37.18 -28.39
CA LYS E 313 -29.91 37.15 -29.40
C LYS E 313 -29.52 36.24 -30.57
N PRO E 314 -30.47 35.62 -31.31
CA PRO E 314 -30.10 34.74 -32.44
C PRO E 314 -29.53 35.46 -33.68
N ILE E 315 -28.35 36.08 -33.50
CA ILE E 315 -27.54 36.82 -34.48
C ILE E 315 -26.07 36.40 -34.29
N ASP E 316 -25.22 36.58 -35.32
CA ASP E 316 -23.81 36.23 -35.20
C ASP E 316 -23.07 37.45 -34.66
N TYR E 317 -22.67 37.37 -33.38
CA TYR E 317 -21.98 38.45 -32.67
C TYR E 317 -20.54 38.67 -33.15
N LEU E 318 -19.92 37.63 -33.74
CA LEU E 318 -18.57 37.71 -34.30
C LEU E 318 -18.58 38.30 -35.73
N ASN E 319 -19.75 38.28 -36.40
CA ASN E 319 -19.96 38.78 -37.76
C ASN E 319 -20.31 40.27 -37.76
N ALA F 3 39.89 -56.80 -17.62
CA ALA F 3 39.72 -55.63 -18.49
C ALA F 3 40.65 -54.51 -18.06
N LYS F 4 41.22 -53.78 -19.05
CA LYS F 4 42.18 -52.67 -18.87
C LYS F 4 41.85 -51.75 -17.71
N SER F 5 40.73 -51.02 -17.81
CA SER F 5 40.22 -50.07 -16.80
C SER F 5 39.85 -50.71 -15.44
N ARG F 6 39.94 -52.06 -15.33
CA ARG F 6 39.62 -52.77 -14.08
C ARG F 6 40.78 -53.68 -13.60
N THR F 7 41.95 -53.61 -14.27
CA THR F 7 43.17 -54.36 -13.92
C THR F 7 43.98 -53.41 -13.05
N ILE F 8 44.26 -53.84 -11.78
CA ILE F 8 44.85 -52.96 -10.77
C ILE F 8 46.06 -53.55 -10.04
N GLY F 9 47.01 -52.69 -9.74
CA GLY F 9 48.20 -52.96 -8.95
C GLY F 9 48.18 -52.05 -7.74
N ILE F 10 47.83 -52.58 -6.56
CA ILE F 10 47.72 -51.78 -5.33
C ILE F 10 49.08 -51.63 -4.63
N ILE F 11 49.42 -50.39 -4.24
CA ILE F 11 50.63 -50.02 -3.51
C ILE F 11 50.23 -49.28 -2.24
N GLY F 12 50.66 -49.81 -1.10
CA GLY F 12 50.49 -49.15 0.19
C GLY F 12 51.69 -48.24 0.40
N ALA F 13 51.45 -46.98 0.76
CA ALA F 13 52.51 -46.00 1.02
C ALA F 13 52.32 -45.39 2.44
N PRO F 14 52.63 -46.16 3.51
CA PRO F 14 52.42 -45.65 4.88
C PRO F 14 53.46 -44.59 5.28
N PHE F 15 53.24 -43.35 4.82
CA PHE F 15 54.18 -42.24 5.04
C PHE F 15 53.51 -40.98 5.58
N SER F 16 54.10 -40.34 6.60
CA SER F 16 53.51 -39.13 7.18
C SER F 16 54.40 -37.88 7.19
N LYS F 17 55.73 -38.06 7.08
CA LYS F 17 56.75 -37.01 7.22
C LYS F 17 56.73 -35.89 6.14
N GLY F 18 55.70 -35.87 5.28
CA GLY F 18 55.46 -34.82 4.31
C GLY F 18 54.57 -33.73 4.93
N GLN F 19 54.00 -34.02 6.12
CA GLN F 19 53.13 -33.08 6.85
C GLN F 19 53.34 -33.27 8.37
N PRO F 20 52.90 -32.35 9.27
CA PRO F 20 53.23 -32.54 10.70
C PRO F 20 52.26 -33.38 11.54
N ARG F 21 51.06 -33.64 11.03
CA ARG F 21 50.02 -34.36 11.77
C ARG F 21 50.24 -35.88 11.69
N GLY F 22 50.56 -36.48 12.83
CA GLY F 22 50.79 -37.92 12.91
C GLY F 22 49.53 -38.73 12.70
N GLY F 23 49.66 -39.87 12.01
CA GLY F 23 48.55 -40.80 11.79
C GLY F 23 48.19 -41.11 10.35
N VAL F 24 48.60 -40.24 9.39
CA VAL F 24 48.30 -40.42 7.95
C VAL F 24 49.01 -41.67 7.36
N GLU F 25 50.05 -42.19 8.08
CA GLU F 25 50.79 -43.40 7.70
C GLU F 25 49.89 -44.64 7.86
N GLU F 26 48.84 -44.51 8.68
CA GLU F 26 47.87 -45.55 8.93
C GLU F 26 46.77 -45.56 7.88
N GLY F 27 46.84 -44.65 6.91
CA GLY F 27 45.94 -44.57 5.77
C GLY F 27 45.77 -45.90 5.01
N PRO F 28 46.85 -46.57 4.53
CA PRO F 28 46.66 -47.88 3.85
C PRO F 28 46.03 -48.97 4.71
N THR F 29 46.37 -49.04 5.99
CA THR F 29 45.88 -50.06 6.94
C THR F 29 44.34 -50.03 7.10
N VAL F 30 43.77 -48.83 7.30
CA VAL F 30 42.33 -48.68 7.50
C VAL F 30 41.56 -48.86 6.17
N LEU F 31 42.17 -48.54 5.01
CA LEU F 31 41.51 -48.72 3.70
C LEU F 31 41.44 -50.22 3.38
N ARG F 32 42.54 -50.95 3.62
CA ARG F 32 42.65 -52.41 3.48
C ARG F 32 41.63 -53.08 4.42
N LYS F 33 41.54 -52.60 5.68
CA LYS F 33 40.65 -53.13 6.73
C LYS F 33 39.17 -52.96 6.40
N ALA F 34 38.84 -51.94 5.56
CA ALA F 34 37.49 -51.60 5.12
C ALA F 34 36.95 -52.53 4.03
N GLY F 35 37.83 -53.38 3.49
CA GLY F 35 37.49 -54.34 2.44
C GLY F 35 37.67 -53.83 1.03
N LEU F 36 38.49 -52.77 0.82
CA LEU F 36 38.74 -52.20 -0.51
C LEU F 36 39.09 -53.26 -1.57
N LEU F 37 40.08 -54.12 -1.26
CA LEU F 37 40.55 -55.19 -2.13
C LEU F 37 39.45 -56.18 -2.47
N GLU F 38 38.66 -56.59 -1.46
CA GLU F 38 37.54 -57.53 -1.62
C GLU F 38 36.42 -56.89 -2.46
N LYS F 39 36.11 -55.60 -2.22
CA LYS F 39 35.09 -54.82 -2.95
C LYS F 39 35.43 -54.64 -4.42
N LEU F 40 36.72 -54.45 -4.72
CA LEU F 40 37.16 -54.32 -6.11
C LEU F 40 37.01 -55.66 -6.83
N LYS F 41 37.38 -56.77 -6.17
CA LYS F 41 37.23 -58.12 -6.74
C LYS F 41 35.77 -58.44 -7.06
N GLU F 42 34.83 -58.01 -6.19
CA GLU F 42 33.38 -58.17 -6.35
C GLU F 42 32.84 -57.44 -7.60
N GLN F 43 33.54 -56.38 -8.02
CA GLN F 43 33.29 -55.46 -9.12
C GLN F 43 33.88 -55.92 -10.46
N GLU F 44 34.37 -57.17 -10.53
CA GLU F 44 34.99 -57.81 -11.70
C GLU F 44 36.37 -57.20 -12.01
N CYS F 45 37.10 -56.85 -10.94
CA CYS F 45 38.43 -56.29 -11.05
C CYS F 45 39.49 -57.38 -10.84
N ASP F 46 40.58 -57.32 -11.64
CA ASP F 46 41.75 -58.19 -11.51
C ASP F 46 42.70 -57.39 -10.62
N VAL F 47 42.73 -57.74 -9.33
CA VAL F 47 43.54 -57.02 -8.35
C VAL F 47 44.78 -57.81 -7.90
N LYS F 48 45.96 -57.18 -8.08
CA LYS F 48 47.23 -57.66 -7.55
C LYS F 48 47.68 -56.66 -6.50
N ASP F 49 47.89 -57.15 -5.29
CA ASP F 49 48.40 -56.31 -4.22
C ASP F 49 49.93 -56.44 -4.17
N TYR F 50 50.61 -55.28 -4.21
CA TYR F 50 52.07 -55.21 -4.18
C TYR F 50 52.57 -54.92 -2.76
N GLY F 51 51.66 -54.96 -1.80
CA GLY F 51 51.91 -54.75 -0.38
C GLY F 51 52.16 -53.30 -0.02
N ASP F 52 52.74 -53.09 1.18
CA ASP F 52 53.09 -51.80 1.78
C ASP F 52 54.59 -51.53 1.62
N LEU F 53 54.94 -50.31 1.18
CA LEU F 53 56.35 -49.95 1.00
C LEU F 53 57.06 -49.72 2.33
N PRO F 54 58.24 -50.34 2.53
CA PRO F 54 58.97 -50.11 3.79
C PRO F 54 59.74 -48.78 3.74
N PHE F 55 59.36 -47.84 4.60
CA PHE F 55 60.03 -46.54 4.65
C PHE F 55 60.98 -46.47 5.84
N ALA F 56 62.27 -46.69 5.54
CA ALA F 56 63.37 -46.71 6.50
C ALA F 56 63.53 -45.33 7.14
N ASP F 57 63.40 -45.26 8.47
CA ASP F 57 63.54 -44.03 9.24
C ASP F 57 64.91 -43.37 8.99
N ILE F 58 64.91 -42.04 8.84
CA ILE F 58 66.14 -41.28 8.59
C ILE F 58 66.44 -40.36 9.78
N PRO F 59 67.39 -40.73 10.67
CA PRO F 59 67.74 -39.82 11.77
C PRO F 59 68.66 -38.72 11.22
N ASN F 60 68.73 -37.56 11.91
CA ASN F 60 69.52 -36.38 11.51
C ASN F 60 69.01 -35.71 10.21
N ASP F 61 67.72 -35.94 9.85
CA ASP F 61 67.10 -35.34 8.67
C ASP F 61 66.72 -33.89 8.98
N SER F 62 67.76 -33.04 9.09
CA SER F 62 67.69 -31.62 9.40
C SER F 62 66.90 -30.85 8.32
N PRO F 63 66.16 -29.78 8.68
CA PRO F 63 65.40 -29.04 7.66
C PRO F 63 66.23 -28.25 6.66
N PHE F 64 65.80 -28.23 5.38
CA PHE F 64 66.43 -27.41 4.34
C PHE F 64 65.64 -26.11 4.43
N GLN F 65 66.26 -25.05 4.98
CA GLN F 65 65.60 -23.76 5.24
C GLN F 65 64.43 -24.02 6.23
N ILE F 66 63.17 -23.72 5.84
CA ILE F 66 61.99 -23.97 6.70
C ILE F 66 61.30 -25.30 6.33
N VAL F 67 61.73 -25.91 5.21
CA VAL F 67 61.20 -27.19 4.71
C VAL F 67 61.61 -28.36 5.62
N LYS F 68 60.62 -29.02 6.26
CA LYS F 68 60.87 -30.13 7.19
C LYS F 68 60.98 -31.50 6.52
N ASN F 69 61.87 -32.35 7.09
CA ASN F 69 62.16 -33.74 6.69
C ASN F 69 62.39 -33.93 5.18
N PRO F 70 63.29 -33.18 4.49
CA PRO F 70 63.41 -33.35 3.03
C PRO F 70 63.92 -34.71 2.59
N ARG F 71 64.90 -35.28 3.33
CA ARG F 71 65.49 -36.60 3.01
C ARG F 71 64.45 -37.71 3.10
N SER F 72 63.64 -37.72 4.21
CA SER F 72 62.55 -38.68 4.44
C SER F 72 61.51 -38.66 3.31
N VAL F 73 61.12 -37.46 2.86
CA VAL F 73 60.15 -37.26 1.78
C VAL F 73 60.74 -37.69 0.43
N GLY F 74 61.90 -37.14 0.09
CA GLY F 74 62.63 -37.42 -1.15
C GLY F 74 62.84 -38.90 -1.40
N LYS F 75 63.20 -39.66 -0.33
CA LYS F 75 63.40 -41.11 -0.39
C LYS F 75 62.08 -41.88 -0.61
N ALA F 76 61.05 -41.59 0.22
CA ALA F 76 59.72 -42.21 0.13
C ALA F 76 59.14 -42.13 -1.28
N SER F 77 59.31 -40.95 -1.94
CA SER F 77 58.88 -40.73 -3.32
C SER F 77 59.75 -41.45 -4.32
N GLU F 78 61.09 -41.54 -4.08
CA GLU F 78 61.99 -42.28 -4.98
C GLU F 78 61.62 -43.77 -5.02
N GLN F 79 61.31 -44.35 -3.85
CA GLN F 79 60.88 -45.74 -3.68
C GLN F 79 59.53 -45.92 -4.39
N LEU F 80 58.58 -44.99 -4.13
CA LEU F 80 57.27 -45.03 -4.75
C LEU F 80 57.35 -44.95 -6.28
N ALA F 81 58.23 -44.10 -6.82
CA ALA F 81 58.42 -43.95 -8.26
C ALA F 81 58.83 -45.27 -8.92
N GLY F 82 59.79 -45.97 -8.30
CA GLY F 82 60.26 -47.27 -8.77
C GLY F 82 59.17 -48.32 -8.74
N LYS F 83 58.43 -48.40 -7.61
CA LYS F 83 57.33 -49.33 -7.42
C LYS F 83 56.19 -49.11 -8.42
N VAL F 84 55.79 -47.83 -8.66
CA VAL F 84 54.71 -47.47 -9.59
C VAL F 84 55.11 -47.82 -11.03
N ALA F 85 56.38 -47.55 -11.42
CA ALA F 85 56.88 -47.86 -12.77
C ALA F 85 56.85 -49.36 -13.04
N GLU F 86 57.08 -50.17 -12.00
CA GLU F 86 57.03 -51.64 -12.06
C GLU F 86 55.57 -52.08 -12.27
N VAL F 87 54.61 -51.43 -11.56
CA VAL F 87 53.18 -51.71 -11.71
C VAL F 87 52.74 -51.42 -13.15
N LYS F 88 53.08 -50.23 -13.67
CA LYS F 88 52.77 -49.79 -15.02
C LYS F 88 53.35 -50.70 -16.13
N LYS F 89 54.57 -51.24 -15.94
CA LYS F 89 55.23 -52.17 -16.87
C LYS F 89 54.46 -53.49 -16.94
N ASN F 90 53.87 -53.90 -15.80
CA ASN F 90 53.04 -55.08 -15.63
C ASN F 90 51.59 -54.87 -16.15
N GLY F 91 51.38 -53.82 -16.93
CA GLY F 91 50.10 -53.47 -17.57
C GLY F 91 48.92 -53.34 -16.63
N ARG F 92 49.16 -52.73 -15.45
CA ARG F 92 48.15 -52.54 -14.40
C ARG F 92 48.03 -51.07 -13.98
N ILE F 93 46.82 -50.66 -13.56
CA ILE F 93 46.58 -49.30 -13.08
C ILE F 93 47.14 -49.23 -11.69
N SER F 94 48.08 -48.31 -11.47
CA SER F 94 48.66 -48.18 -10.15
C SER F 94 47.70 -47.45 -9.24
N LEU F 95 47.40 -48.06 -8.11
CA LEU F 95 46.54 -47.47 -7.09
C LEU F 95 47.41 -47.32 -5.85
N VAL F 96 47.75 -46.06 -5.52
CA VAL F 96 48.57 -45.69 -4.38
C VAL F 96 47.68 -45.33 -3.20
N LEU F 97 47.86 -46.04 -2.08
CA LEU F 97 47.14 -45.75 -0.84
C LEU F 97 48.06 -45.00 0.09
N GLY F 98 47.77 -43.72 0.28
CA GLY F 98 48.54 -42.87 1.17
C GLY F 98 47.99 -42.88 2.59
N GLY F 99 48.68 -42.23 3.52
CA GLY F 99 49.89 -41.45 3.29
C GLY F 99 49.57 -40.04 2.83
N ASP F 100 50.49 -39.11 3.07
CA ASP F 100 50.35 -37.72 2.69
C ASP F 100 50.58 -37.52 1.17
N HIS F 101 50.21 -36.35 0.64
CA HIS F 101 50.29 -36.03 -0.78
C HIS F 101 51.71 -35.80 -1.38
N SER F 102 52.76 -35.62 -0.53
CA SER F 102 54.15 -35.43 -1.05
C SER F 102 54.53 -36.64 -1.91
N LEU F 103 53.89 -37.79 -1.61
CA LEU F 103 54.06 -39.04 -2.36
C LEU F 103 53.68 -38.91 -3.86
N ALA F 104 52.89 -37.88 -4.26
CA ALA F 104 52.50 -37.64 -5.65
C ALA F 104 53.72 -37.39 -6.53
N ILE F 105 54.84 -36.84 -5.94
CA ILE F 105 56.10 -36.66 -6.69
C ILE F 105 56.50 -38.04 -7.20
N GLY F 106 56.54 -39.02 -6.30
CA GLY F 106 56.91 -40.40 -6.62
C GLY F 106 55.93 -41.07 -7.53
N SER F 107 54.63 -41.00 -7.17
CA SER F 107 53.57 -41.59 -7.97
C SER F 107 53.55 -41.10 -9.41
N ILE F 108 53.55 -39.77 -9.65
CA ILE F 108 53.50 -39.21 -11.02
C ILE F 108 54.83 -39.46 -11.75
N SER F 109 55.99 -39.22 -11.09
CA SER F 109 57.31 -39.51 -11.71
C SER F 109 57.43 -40.96 -12.18
N GLY F 110 57.07 -41.91 -11.32
CA GLY F 110 57.08 -43.34 -11.63
C GLY F 110 56.19 -43.70 -12.80
N HIS F 111 54.94 -43.18 -12.79
CA HIS F 111 53.90 -43.36 -13.81
C HIS F 111 54.38 -42.85 -15.17
N ALA F 112 54.95 -41.62 -15.18
CA ALA F 112 55.48 -40.91 -16.34
C ALA F 112 56.66 -41.61 -17.02
N ARG F 113 57.48 -42.36 -16.24
CA ARG F 113 58.60 -43.14 -16.78
C ARG F 113 58.05 -44.11 -17.84
N VAL F 114 56.87 -44.72 -17.57
CA VAL F 114 56.24 -45.67 -18.50
C VAL F 114 55.29 -44.96 -19.49
N HIS F 115 54.57 -43.91 -19.05
CA HIS F 115 53.70 -43.12 -19.92
C HIS F 115 54.07 -41.62 -19.88
N PRO F 116 55.02 -41.16 -20.74
CA PRO F 116 55.42 -39.73 -20.71
C PRO F 116 54.33 -38.74 -21.15
N ASP F 117 53.35 -39.22 -21.92
CA ASP F 117 52.24 -38.43 -22.48
C ASP F 117 51.03 -38.27 -21.52
N LEU F 118 51.17 -38.66 -20.25
CA LEU F 118 50.03 -38.59 -19.33
C LEU F 118 49.53 -37.18 -19.01
N GLY F 119 48.28 -37.14 -18.56
CA GLY F 119 47.55 -35.96 -18.11
C GLY F 119 47.19 -36.18 -16.65
N VAL F 120 47.15 -35.09 -15.86
CA VAL F 120 46.85 -35.18 -14.45
C VAL F 120 45.55 -34.45 -14.07
N ILE F 121 44.70 -35.12 -13.26
CA ILE F 121 43.53 -34.47 -12.67
C ILE F 121 43.84 -34.51 -11.19
N TRP F 122 43.94 -33.32 -10.58
CA TRP F 122 44.33 -33.13 -9.20
C TRP F 122 43.13 -32.60 -8.40
N VAL F 123 42.52 -33.51 -7.61
CA VAL F 123 41.32 -33.19 -6.83
C VAL F 123 41.78 -32.92 -5.44
N ASP F 124 41.62 -31.66 -5.01
CA ASP F 124 42.12 -31.18 -3.75
C ASP F 124 41.53 -29.82 -3.43
N ALA F 125 41.52 -29.45 -2.14
CA ALA F 125 41.12 -28.12 -1.68
C ALA F 125 42.34 -27.17 -1.90
N HIS F 126 43.52 -27.77 -2.08
CA HIS F 126 44.81 -27.09 -2.21
C HIS F 126 45.50 -27.36 -3.55
N THR F 127 46.31 -26.38 -4.05
CA THR F 127 47.07 -26.54 -5.29
C THR F 127 48.32 -27.39 -5.05
N ASP F 128 48.86 -27.40 -3.81
CA ASP F 128 50.08 -28.13 -3.45
C ASP F 128 51.25 -27.78 -4.45
N ILE F 129 51.26 -26.52 -4.93
CA ILE F 129 52.18 -26.04 -5.96
C ILE F 129 53.21 -25.06 -5.36
N ASN F 130 53.37 -25.07 -4.02
CA ASN F 130 54.39 -24.24 -3.36
C ASN F 130 55.77 -24.83 -3.71
N THR F 131 56.75 -23.97 -4.03
CA THR F 131 58.12 -24.43 -4.28
C THR F 131 58.79 -24.53 -2.90
N PRO F 132 59.99 -25.14 -2.75
CA PRO F 132 60.64 -25.13 -1.42
C PRO F 132 60.97 -23.73 -0.93
N LEU F 133 60.94 -22.72 -1.82
CA LEU F 133 61.20 -21.31 -1.50
C LEU F 133 59.91 -20.56 -1.13
N THR F 134 58.81 -20.75 -1.91
CA THR F 134 57.53 -20.09 -1.67
C THR F 134 56.74 -20.61 -0.46
N THR F 135 57.02 -21.86 -0.01
CA THR F 135 56.32 -22.45 1.12
C THR F 135 56.36 -21.54 2.38
N THR F 136 55.20 -21.45 3.06
CA THR F 136 55.02 -20.68 4.30
C THR F 136 54.88 -21.63 5.47
N SER F 137 54.31 -22.84 5.24
CA SER F 137 54.15 -23.88 6.28
C SER F 137 55.44 -24.71 6.42
N GLY F 138 56.18 -24.88 5.32
CA GLY F 138 57.38 -25.70 5.24
C GLY F 138 57.09 -27.18 5.06
N ASN F 139 55.81 -27.53 4.80
CA ASN F 139 55.39 -28.92 4.67
C ASN F 139 55.39 -29.39 3.24
N LEU F 140 56.21 -30.42 2.95
CA LEU F 140 56.37 -30.94 1.59
C LEU F 140 55.09 -31.52 0.93
N HIS F 141 54.01 -31.81 1.71
CA HIS F 141 52.74 -32.28 1.15
C HIS F 141 52.00 -31.17 0.37
N GLY F 142 52.48 -29.93 0.54
CA GLY F 142 51.96 -28.74 -0.14
C GLY F 142 52.90 -28.23 -1.21
N GLN F 143 53.84 -29.10 -1.65
CA GLN F 143 54.86 -28.81 -2.63
C GLN F 143 54.97 -29.79 -3.81
N PRO F 144 54.28 -30.98 -3.86
CA PRO F 144 54.55 -31.94 -4.94
C PRO F 144 54.45 -31.42 -6.38
N VAL F 145 53.43 -30.62 -6.70
CA VAL F 145 53.27 -30.10 -8.06
C VAL F 145 54.50 -29.26 -8.53
N SER F 146 55.15 -28.47 -7.63
CA SER F 146 56.33 -27.67 -8.00
C SER F 146 57.51 -28.51 -8.50
N PHE F 147 57.75 -29.71 -7.92
CA PHE F 147 58.81 -30.61 -8.33
C PHE F 147 58.48 -31.32 -9.64
N LEU F 148 57.20 -31.42 -9.98
CA LEU F 148 56.76 -32.16 -11.16
C LEU F 148 56.73 -31.35 -12.44
N LEU F 149 56.52 -30.02 -12.32
CA LEU F 149 56.37 -29.12 -13.48
C LEU F 149 57.67 -28.72 -14.18
N LYS F 150 57.69 -28.87 -15.52
CA LYS F 150 58.80 -28.52 -16.39
C LYS F 150 59.05 -27.00 -16.47
N GLU F 151 57.99 -26.18 -16.27
CA GLU F 151 58.11 -24.71 -16.33
C GLU F 151 58.71 -24.11 -15.07
N LEU F 152 58.77 -24.87 -13.97
CA LEU F 152 59.32 -24.39 -12.70
C LEU F 152 60.76 -24.86 -12.50
N LYS F 153 61.35 -25.43 -13.57
CA LYS F 153 62.73 -25.89 -13.60
C LYS F 153 63.59 -24.63 -13.51
N GLY F 154 64.45 -24.61 -12.49
CA GLY F 154 65.30 -23.45 -12.22
C GLY F 154 64.72 -22.56 -11.14
N LYS F 155 63.58 -22.98 -10.54
CA LYS F 155 62.89 -22.28 -9.45
C LYS F 155 62.87 -23.19 -8.23
N ILE F 156 63.27 -24.45 -8.42
CA ILE F 156 63.35 -25.48 -7.38
C ILE F 156 64.84 -25.63 -7.03
N PRO F 157 65.26 -25.38 -5.77
CA PRO F 157 66.69 -25.52 -5.44
C PRO F 157 67.12 -26.96 -5.21
N ASP F 158 68.43 -27.17 -4.98
CA ASP F 158 69.02 -28.48 -4.73
C ASP F 158 68.66 -28.86 -3.28
N VAL F 159 67.47 -29.49 -3.11
CA VAL F 159 66.94 -29.90 -1.82
C VAL F 159 67.46 -31.32 -1.47
N PRO F 160 68.05 -31.55 -0.26
CA PRO F 160 68.56 -32.89 0.09
C PRO F 160 67.53 -34.03 0.04
N GLY F 161 67.75 -34.97 -0.87
CA GLY F 161 66.89 -36.14 -1.07
C GLY F 161 66.12 -36.13 -2.38
N PHE F 162 66.20 -35.02 -3.14
CA PHE F 162 65.45 -34.85 -4.39
C PHE F 162 66.32 -34.75 -5.69
N SER F 163 67.63 -35.02 -5.63
CA SER F 163 68.49 -34.96 -6.83
C SER F 163 68.06 -35.98 -7.94
N TRP F 164 67.31 -37.02 -7.54
CA TRP F 164 66.77 -38.04 -8.43
C TRP F 164 65.63 -37.50 -9.30
N VAL F 165 64.98 -36.36 -8.88
CA VAL F 165 63.80 -35.75 -9.52
C VAL F 165 64.12 -35.02 -10.83
N THR F 166 63.35 -35.32 -11.87
CA THR F 166 63.37 -34.72 -13.19
C THR F 166 61.89 -34.32 -13.45
N PRO F 167 61.59 -33.02 -13.71
CA PRO F 167 60.18 -32.64 -13.97
C PRO F 167 59.63 -33.37 -15.19
N CYS F 168 58.51 -34.06 -15.03
CA CYS F 168 57.92 -34.88 -16.08
C CYS F 168 56.63 -34.33 -16.74
N ILE F 169 56.06 -33.22 -16.24
CA ILE F 169 54.82 -32.65 -16.80
C ILE F 169 54.89 -31.13 -17.06
N SER F 170 54.19 -30.66 -18.11
CA SER F 170 54.07 -29.24 -18.47
C SER F 170 52.78 -28.68 -17.82
N ALA F 171 52.69 -27.34 -17.69
CA ALA F 171 51.55 -26.63 -17.07
C ALA F 171 50.21 -26.93 -17.72
N LYS F 172 50.23 -27.25 -19.02
CA LYS F 172 49.06 -27.56 -19.84
C LYS F 172 48.54 -28.98 -19.66
N ASP F 173 49.23 -29.79 -18.84
CA ASP F 173 48.90 -31.21 -18.63
C ASP F 173 48.30 -31.53 -17.26
N ILE F 174 47.97 -30.49 -16.49
CA ILE F 174 47.35 -30.70 -15.17
C ILE F 174 46.04 -29.88 -15.05
N VAL F 175 44.99 -30.50 -14.51
CA VAL F 175 43.72 -29.80 -14.27
C VAL F 175 43.35 -29.95 -12.80
N TYR F 176 43.23 -28.82 -12.08
CA TYR F 176 42.82 -28.80 -10.69
C TYR F 176 41.31 -28.75 -10.58
N ILE F 177 40.75 -29.42 -9.54
CA ILE F 177 39.32 -29.42 -9.24
C ILE F 177 39.16 -29.36 -7.73
N GLY F 178 38.46 -28.36 -7.23
CA GLY F 178 38.13 -28.22 -5.81
C GLY F 178 38.83 -27.17 -4.99
N LEU F 179 39.72 -26.39 -5.60
CA LEU F 179 40.54 -25.36 -4.93
C LEU F 179 39.72 -24.37 -4.14
N ARG F 180 40.13 -24.15 -2.87
CA ARG F 180 39.46 -23.20 -1.96
C ARG F 180 40.42 -22.63 -0.90
N ASP F 181 41.69 -23.15 -0.83
CA ASP F 181 42.70 -22.65 0.10
C ASP F 181 44.09 -22.62 -0.58
N VAL F 182 44.28 -21.62 -1.42
CA VAL F 182 45.47 -21.41 -2.26
C VAL F 182 46.29 -20.22 -1.69
N ASP F 183 47.60 -20.45 -1.38
CA ASP F 183 48.51 -19.44 -0.83
C ASP F 183 48.78 -18.32 -1.83
N PRO F 184 49.14 -17.06 -1.41
CA PRO F 184 49.44 -16.01 -2.40
C PRO F 184 50.47 -16.45 -3.45
N GLY F 185 51.57 -17.05 -2.98
CA GLY F 185 52.64 -17.58 -3.82
C GLY F 185 52.15 -18.63 -4.79
N GLU F 186 51.24 -19.50 -4.32
CA GLU F 186 50.62 -20.56 -5.11
C GLU F 186 49.73 -19.99 -6.20
N HIS F 187 48.88 -19.01 -5.85
CA HIS F 187 47.96 -18.35 -6.77
C HIS F 187 48.74 -17.66 -7.88
N TYR F 188 49.87 -16.99 -7.52
CA TYR F 188 50.76 -16.36 -8.48
C TYR F 188 51.27 -17.39 -9.49
N ILE F 189 51.74 -18.57 -9.01
CA ILE F 189 52.24 -19.65 -9.87
C ILE F 189 51.15 -20.15 -10.80
N LEU F 190 49.95 -20.44 -10.24
CA LEU F 190 48.79 -20.91 -11.00
C LEU F 190 48.40 -19.93 -12.14
N LYS F 191 48.53 -18.61 -11.90
CA LYS F 191 48.15 -17.61 -12.88
C LYS F 191 49.25 -17.32 -13.90
N THR F 192 50.52 -17.25 -13.47
CA THR F 192 51.61 -16.96 -14.43
C THR F 192 51.93 -18.14 -15.35
N LEU F 193 51.64 -19.38 -14.91
CA LEU F 193 51.91 -20.58 -15.71
C LEU F 193 50.68 -20.93 -16.56
N GLY F 194 49.56 -20.27 -16.29
CA GLY F 194 48.30 -20.42 -17.00
C GLY F 194 47.65 -21.78 -16.88
N ILE F 195 47.83 -22.45 -15.72
CA ILE F 195 47.26 -23.79 -15.46
C ILE F 195 45.72 -23.73 -15.47
N LYS F 196 45.09 -24.77 -16.05
CA LYS F 196 43.64 -24.92 -16.07
C LYS F 196 43.19 -25.34 -14.66
N TYR F 197 42.16 -24.67 -14.13
CA TYR F 197 41.66 -24.98 -12.80
C TYR F 197 40.18 -24.69 -12.65
N PHE F 198 39.53 -25.49 -11.81
CA PHE F 198 38.16 -25.29 -11.41
C PHE F 198 38.18 -25.20 -9.90
N SER F 199 38.31 -23.96 -9.40
CA SER F 199 38.20 -23.74 -7.96
C SER F 199 36.71 -24.00 -7.62
N MET F 200 36.35 -23.98 -6.34
CA MET F 200 34.97 -24.16 -5.88
C MET F 200 34.08 -23.13 -6.55
N THR F 201 34.63 -21.93 -6.84
CA THR F 201 33.93 -20.86 -7.55
C THR F 201 33.46 -21.34 -8.93
N GLU F 202 34.36 -22.00 -9.69
CA GLU F 202 34.01 -22.53 -11.01
C GLU F 202 33.04 -23.73 -10.87
N VAL F 203 33.18 -24.55 -9.80
CA VAL F 203 32.27 -25.68 -9.59
C VAL F 203 30.85 -25.13 -9.40
N ASP F 204 30.71 -24.06 -8.56
CA ASP F 204 29.41 -23.42 -8.32
C ASP F 204 28.82 -22.78 -9.56
N ARG F 205 29.67 -22.10 -10.39
CA ARG F 205 29.24 -21.40 -11.60
C ARG F 205 28.72 -22.37 -12.69
N LEU F 206 29.50 -23.42 -12.97
CA LEU F 206 29.26 -24.38 -14.04
C LEU F 206 28.48 -25.61 -13.67
N GLY F 207 28.66 -26.10 -12.44
CA GLY F 207 28.09 -27.38 -12.00
C GLY F 207 29.12 -28.44 -12.32
N ILE F 208 29.15 -29.53 -11.55
CA ILE F 208 30.15 -30.58 -11.76
C ILE F 208 30.01 -31.27 -13.16
N GLY F 209 28.81 -31.20 -13.76
CA GLY F 209 28.54 -31.73 -15.08
C GLY F 209 29.45 -31.09 -16.13
N LYS F 210 29.37 -29.77 -16.23
CA LYS F 210 30.15 -28.96 -17.17
C LYS F 210 31.64 -28.99 -16.81
N VAL F 211 31.96 -28.98 -15.50
CA VAL F 211 33.34 -29.04 -14.98
C VAL F 211 34.04 -30.29 -15.58
N MET F 212 33.38 -31.47 -15.49
CA MET F 212 33.95 -32.70 -16.04
C MET F 212 34.06 -32.68 -17.56
N GLU F 213 33.04 -32.11 -18.23
CA GLU F 213 32.97 -31.94 -19.69
C GLU F 213 34.18 -31.12 -20.15
N GLU F 214 34.46 -30.01 -19.46
CA GLU F 214 35.57 -29.10 -19.73
C GLU F 214 36.92 -29.74 -19.42
N THR F 215 37.04 -30.43 -18.27
CA THR F 215 38.28 -31.10 -17.85
C THR F 215 38.77 -32.16 -18.85
N LEU F 216 37.90 -33.11 -19.19
CA LEU F 216 38.21 -34.20 -20.10
C LEU F 216 38.43 -33.72 -21.52
N SER F 217 37.67 -32.72 -21.99
CA SER F 217 37.88 -32.19 -23.34
C SER F 217 39.20 -31.44 -23.40
N TYR F 218 39.59 -30.74 -22.32
CA TYR F 218 40.86 -30.00 -22.24
C TYR F 218 42.08 -30.94 -22.25
N LEU F 219 41.98 -32.08 -21.56
CA LEU F 219 43.09 -33.06 -21.47
C LEU F 219 43.06 -34.06 -22.62
N LEU F 220 41.86 -34.48 -23.04
CA LEU F 220 41.63 -35.48 -24.10
C LEU F 220 40.83 -34.89 -25.28
N GLY F 221 41.33 -33.77 -25.80
CA GLY F 221 40.72 -33.09 -26.95
C GLY F 221 41.48 -33.42 -28.21
N ARG F 222 42.83 -33.35 -28.12
CA ARG F 222 43.77 -33.64 -29.20
C ARG F 222 43.78 -35.14 -29.51
N LYS F 223 44.13 -35.99 -28.49
CA LYS F 223 44.23 -37.45 -28.64
C LYS F 223 44.00 -38.22 -27.34
N LYS F 224 43.77 -39.55 -27.47
CA LYS F 224 43.60 -40.45 -26.32
C LYS F 224 44.97 -40.55 -25.61
N ARG F 225 45.01 -40.12 -24.36
CA ARG F 225 46.23 -40.16 -23.55
C ARG F 225 45.93 -40.71 -22.15
N PRO F 226 46.89 -41.40 -21.48
CA PRO F 226 46.60 -41.94 -20.15
C PRO F 226 46.32 -40.85 -19.13
N ILE F 227 45.40 -41.11 -18.19
CA ILE F 227 45.03 -40.17 -17.13
C ILE F 227 45.63 -40.63 -15.80
N HIS F 228 46.09 -39.66 -15.00
CA HIS F 228 46.57 -39.88 -13.64
C HIS F 228 45.68 -39.01 -12.77
N LEU F 229 44.86 -39.64 -11.93
CA LEU F 229 44.02 -38.92 -10.98
C LEU F 229 44.71 -38.94 -9.62
N SER F 230 45.03 -37.76 -9.09
CA SER F 230 45.64 -37.61 -7.77
C SER F 230 44.57 -37.02 -6.86
N PHE F 231 43.99 -37.87 -5.99
CA PHE F 231 42.88 -37.48 -5.11
C PHE F 231 43.25 -37.30 -3.66
N ASP F 232 43.19 -36.05 -3.20
CA ASP F 232 43.40 -35.69 -1.82
C ASP F 232 41.99 -35.67 -1.26
N VAL F 233 41.74 -36.44 -0.17
CA VAL F 233 40.41 -36.54 0.46
C VAL F 233 39.91 -35.20 1.05
N ASP F 234 40.81 -34.23 1.26
CA ASP F 234 40.38 -32.91 1.70
C ASP F 234 39.74 -32.09 0.54
N GLY F 235 39.77 -32.62 -0.70
CA GLY F 235 39.09 -31.99 -1.83
C GLY F 235 37.60 -31.97 -1.56
N LEU F 236 37.08 -33.04 -0.90
CA LEU F 236 35.67 -33.13 -0.49
C LEU F 236 35.47 -32.38 0.80
N ASP F 237 34.23 -31.94 1.01
CA ASP F 237 33.84 -31.21 2.22
C ASP F 237 34.08 -31.99 3.50
N PRO F 238 34.55 -31.31 4.58
CA PRO F 238 34.76 -32.00 5.87
C PRO F 238 33.55 -32.70 6.48
N SER F 239 32.34 -32.44 5.96
CA SER F 239 31.15 -33.14 6.40
C SER F 239 31.18 -34.62 5.89
N PHE F 240 32.02 -34.91 4.87
CA PHE F 240 32.19 -36.25 4.26
C PHE F 240 33.53 -36.89 4.61
N THR F 241 34.60 -36.11 4.61
CA THR F 241 35.95 -36.60 4.91
C THR F 241 36.56 -35.83 6.11
N PRO F 242 35.93 -35.89 7.32
CA PRO F 242 36.49 -35.15 8.47
C PRO F 242 37.90 -35.57 8.89
N ALA F 243 38.20 -36.88 8.92
CA ALA F 243 39.51 -37.40 9.34
C ALA F 243 40.64 -37.20 8.29
N THR F 244 41.09 -35.93 8.18
CA THR F 244 42.14 -35.43 7.28
C THR F 244 42.87 -34.27 7.97
N GLY F 245 44.15 -34.10 7.62
CA GLY F 245 45.03 -33.10 8.22
C GLY F 245 44.67 -31.66 7.99
N THR F 246 44.34 -31.29 6.74
CA THR F 246 44.03 -29.90 6.39
C THR F 246 42.59 -29.76 5.82
N PRO F 247 41.53 -29.95 6.66
CA PRO F 247 40.15 -29.80 6.15
C PRO F 247 39.80 -28.34 5.86
N VAL F 248 39.09 -28.09 4.75
CA VAL F 248 38.71 -26.73 4.36
C VAL F 248 37.21 -26.71 4.06
N VAL F 249 36.49 -25.81 4.74
CA VAL F 249 35.03 -25.64 4.61
C VAL F 249 34.60 -25.39 3.17
N GLY F 250 33.37 -25.78 2.84
CA GLY F 250 32.76 -25.54 1.53
C GLY F 250 33.32 -26.32 0.36
N GLY F 251 33.58 -27.60 0.59
CA GLY F 251 34.15 -28.48 -0.40
C GLY F 251 33.20 -29.19 -1.32
N LEU F 252 33.76 -30.08 -2.12
CA LEU F 252 33.00 -30.89 -3.06
C LEU F 252 32.10 -31.81 -2.29
N THR F 253 30.90 -32.03 -2.79
CA THR F 253 29.99 -32.96 -2.12
C THR F 253 30.39 -34.40 -2.42
N TYR F 254 29.76 -35.33 -1.70
CA TYR F 254 29.90 -36.78 -1.87
C TYR F 254 29.48 -37.13 -3.32
N ARG F 255 28.32 -36.58 -3.78
CA ARG F 255 27.80 -36.81 -5.14
C ARG F 255 28.76 -36.30 -6.20
N GLU F 256 29.37 -35.11 -5.99
CA GLU F 256 30.34 -34.54 -6.96
C GLU F 256 31.59 -35.42 -7.05
N GLY F 257 32.09 -35.85 -5.89
CA GLY F 257 33.27 -36.71 -5.84
C GLY F 257 33.04 -37.98 -6.63
N LEU F 258 31.86 -38.60 -6.41
CA LEU F 258 31.47 -39.79 -7.15
C LEU F 258 31.25 -39.50 -8.63
N TYR F 259 30.69 -38.32 -8.98
CA TYR F 259 30.48 -37.97 -10.38
C TYR F 259 31.83 -37.80 -11.11
N ILE F 260 32.81 -37.10 -10.47
CA ILE F 260 34.16 -36.88 -11.03
C ILE F 260 34.75 -38.26 -11.43
N THR F 261 34.80 -39.19 -10.45
CA THR F 261 35.37 -40.53 -10.59
C THR F 261 34.61 -41.40 -11.59
N GLU F 262 33.26 -41.35 -11.59
CA GLU F 262 32.43 -42.08 -12.55
C GLU F 262 32.80 -41.66 -13.98
N GLU F 263 32.92 -40.35 -14.20
CA GLU F 263 33.29 -39.78 -15.50
C GLU F 263 34.66 -40.21 -15.95
N ILE F 264 35.68 -40.14 -15.05
CA ILE F 264 37.05 -40.58 -15.35
C ILE F 264 37.05 -42.07 -15.73
N TYR F 265 36.31 -42.91 -14.99
CA TYR F 265 36.23 -44.33 -15.35
C TYR F 265 35.72 -44.51 -16.80
N LYS F 266 34.61 -43.83 -17.16
CA LYS F 266 33.94 -43.90 -18.46
C LYS F 266 34.82 -43.52 -19.66
N THR F 267 35.99 -42.88 -19.41
CA THR F 267 36.94 -42.52 -20.48
C THR F 267 37.69 -43.79 -20.93
N GLY F 268 37.85 -44.74 -19.99
CA GLY F 268 38.60 -45.97 -20.15
C GLY F 268 40.10 -45.69 -20.15
N LEU F 269 40.51 -44.48 -19.72
CA LEU F 269 41.89 -44.00 -19.78
C LEU F 269 42.60 -43.84 -18.44
N LEU F 270 41.94 -44.11 -17.30
CA LEU F 270 42.63 -44.06 -16.00
C LEU F 270 43.83 -45.06 -16.06
N SER F 271 45.03 -44.59 -15.68
CA SER F 271 46.26 -45.40 -15.68
C SER F 271 46.96 -45.35 -14.32
N GLY F 272 46.68 -44.31 -13.56
CA GLY F 272 47.26 -44.09 -12.24
C GLY F 272 46.28 -43.41 -11.34
N LEU F 273 46.28 -43.83 -10.06
CA LEU F 273 45.38 -43.29 -9.05
C LEU F 273 46.05 -43.20 -7.67
N ASP F 274 45.83 -42.08 -6.98
CA ASP F 274 46.36 -41.81 -5.64
C ASP F 274 45.17 -41.52 -4.78
N ILE F 275 45.07 -42.16 -3.61
CA ILE F 275 44.03 -41.91 -2.59
C ILE F 275 44.85 -41.47 -1.40
N MET F 276 44.93 -40.14 -1.18
CA MET F 276 45.79 -39.54 -0.17
C MET F 276 45.09 -38.73 0.88
N GLU F 277 45.81 -38.57 2.02
CA GLU F 277 45.52 -37.73 3.17
C GLU F 277 44.43 -38.27 4.12
N VAL F 278 44.12 -39.57 4.05
CA VAL F 278 43.21 -40.16 5.03
C VAL F 278 44.05 -40.37 6.30
N ASN F 279 43.65 -39.69 7.37
CA ASN F 279 44.34 -39.79 8.65
C ASN F 279 43.33 -40.30 9.69
N PRO F 280 43.31 -41.63 9.95
CA PRO F 280 42.34 -42.20 10.90
C PRO F 280 42.46 -41.73 12.36
N SER F 281 43.52 -41.00 12.70
CA SER F 281 43.64 -40.48 14.07
C SER F 281 43.04 -39.06 14.19
N LEU F 282 42.61 -38.48 13.05
CA LEU F 282 42.07 -37.14 13.10
C LEU F 282 40.54 -37.07 13.09
N GLY F 283 39.91 -38.19 13.42
CA GLY F 283 38.47 -38.21 13.59
C GLY F 283 38.15 -37.79 15.02
N LYS F 284 37.27 -36.79 15.20
CA LYS F 284 36.84 -36.30 16.52
C LYS F 284 36.04 -37.37 17.28
N THR F 285 35.37 -38.26 16.52
CA THR F 285 34.61 -39.41 17.00
C THR F 285 34.98 -40.62 16.14
N PRO F 286 34.76 -41.87 16.62
CA PRO F 286 35.03 -43.03 15.78
C PRO F 286 34.26 -43.04 14.44
N GLU F 287 33.00 -42.56 14.45
CA GLU F 287 32.11 -42.47 13.28
C GLU F 287 32.71 -41.57 12.19
N GLU F 288 33.40 -40.49 12.59
CA GLU F 288 34.04 -39.56 11.65
C GLU F 288 35.13 -40.27 10.83
N VAL F 289 35.80 -41.28 11.44
CA VAL F 289 36.83 -42.08 10.79
C VAL F 289 36.17 -43.00 9.77
N THR F 290 35.14 -43.82 10.18
CA THR F 290 34.43 -44.72 9.26
C THR F 290 33.86 -43.93 8.09
N ARG F 291 33.27 -42.75 8.36
CA ARG F 291 32.71 -41.82 7.37
C ARG F 291 33.75 -41.51 6.29
N THR F 292 34.96 -41.05 6.73
CA THR F 292 36.11 -40.67 5.90
C THR F 292 36.57 -41.86 5.07
N VAL F 293 36.77 -43.02 5.72
CA VAL F 293 37.25 -44.24 5.06
C VAL F 293 36.24 -44.76 4.04
N ASN F 294 34.95 -44.90 4.40
CA ASN F 294 33.90 -45.35 3.48
C ASN F 294 33.74 -44.44 2.27
N THR F 295 33.97 -43.12 2.43
CA THR F 295 33.91 -42.18 1.30
C THR F 295 35.10 -42.43 0.39
N ALA F 296 36.31 -42.51 0.96
CA ALA F 296 37.53 -42.80 0.21
C ALA F 296 37.38 -44.16 -0.54
N VAL F 297 36.73 -45.15 0.12
CA VAL F 297 36.48 -46.47 -0.50
C VAL F 297 35.51 -46.33 -1.67
N ALA F 298 34.39 -45.57 -1.50
CA ALA F 298 33.41 -45.39 -2.56
C ALA F 298 33.96 -44.61 -3.76
N ILE F 299 34.82 -43.57 -3.51
CA ILE F 299 35.50 -42.81 -4.57
C ILE F 299 36.37 -43.78 -5.41
N THR F 300 37.14 -44.65 -4.71
CA THR F 300 38.03 -45.62 -5.37
C THR F 300 37.23 -46.60 -6.19
N LEU F 301 36.10 -47.11 -5.65
CA LEU F 301 35.27 -48.08 -6.37
C LEU F 301 34.70 -47.51 -7.67
N ALA F 302 34.24 -46.23 -7.67
CA ALA F 302 33.72 -45.54 -8.85
C ALA F 302 34.81 -45.37 -9.91
N CYS F 303 36.09 -45.25 -9.49
CA CYS F 303 37.24 -45.11 -10.43
C CYS F 303 37.38 -46.38 -11.28
N PHE F 304 37.01 -47.55 -10.72
CA PHE F 304 37.10 -48.85 -11.38
C PHE F 304 35.71 -49.45 -11.76
N GLY F 305 34.75 -48.62 -12.10
CA GLY F 305 33.49 -49.09 -12.67
C GLY F 305 32.20 -49.08 -11.88
N LEU F 306 32.23 -49.01 -10.55
CA LEU F 306 30.99 -48.99 -9.78
C LEU F 306 30.16 -47.74 -10.15
N ALA F 307 28.94 -47.94 -10.68
CA ALA F 307 28.08 -46.82 -11.10
C ALA F 307 26.78 -46.73 -10.27
N ARG F 308 26.34 -45.49 -9.98
CA ARG F 308 25.12 -45.29 -9.19
C ARG F 308 23.85 -45.73 -9.93
N GLU F 309 23.87 -45.78 -11.27
CA GLU F 309 22.72 -46.27 -12.03
C GLU F 309 22.59 -47.81 -11.96
N GLY F 310 23.66 -48.48 -11.51
CA GLY F 310 23.73 -49.93 -11.36
C GLY F 310 24.79 -50.59 -12.23
N ASN F 311 25.04 -51.88 -12.01
CA ASN F 311 26.00 -52.66 -12.79
C ASN F 311 25.50 -54.06 -12.97
N HIS F 312 25.76 -54.65 -14.14
CA HIS F 312 25.40 -56.05 -14.38
C HIS F 312 26.48 -56.75 -15.22
N LYS F 313 26.68 -58.06 -14.99
CA LYS F 313 27.61 -58.92 -15.74
C LYS F 313 27.00 -59.23 -17.14
N PRO F 314 27.83 -59.49 -18.20
CA PRO F 314 27.25 -59.74 -19.53
C PRO F 314 26.55 -61.11 -19.72
N ILE F 315 25.39 -61.27 -19.02
CA ILE F 315 24.52 -62.45 -19.01
C ILE F 315 23.03 -62.02 -19.05
N ASP F 316 22.12 -62.99 -19.32
CA ASP F 316 20.68 -62.70 -19.34
C ASP F 316 20.12 -63.00 -17.96
N TYR F 317 19.82 -61.93 -17.18
CA TYR F 317 19.25 -62.08 -15.83
C TYR F 317 17.77 -62.48 -15.86
N LEU F 318 17.06 -62.27 -17.00
CA LEU F 318 15.65 -62.62 -17.15
C LEU F 318 15.44 -64.10 -17.59
N ASN F 319 16.55 -64.79 -17.96
CA ASN F 319 16.56 -66.20 -18.35
C ASN F 319 17.10 -67.05 -17.19
#